data_2W77
#
_entry.id   2W77
#
_cell.length_a   194.768
_cell.length_b   130.020
_cell.length_c   141.329
_cell.angle_alpha   90.00
_cell.angle_beta   130.92
_cell.angle_gamma   90.00
#
_symmetry.space_group_name_H-M   'C 1 2 1'
#
loop_
_entity.id
_entity.type
_entity.pdbx_description
1 polymer 'FERRIPYOVERDINE RECEPTOR'
2 polymer 'PYOVERDIN 18-1'
3 non-polymer 3,6,9,12,15-PENTAOXATRICOSAN-1-OL
4 non-polymer 'PHOSPHATE ION'
5 non-polymer (1S)-1-CARBOXY-5-[(3-CARBOXYPROPANOYL)AMINO]-8,9-DIHYDROXY-1,2,3,4-TETRAHYDROPYRIMIDO[1,2-A]QUINOLIN-11-IUM
6 non-polymer 'FE (III) ION'
#
loop_
_entity_poly.entity_id
_entity_poly.type
_entity_poly.pdbx_seq_one_letter_code
_entity_poly.pdbx_strand_id
1 'polypeptide(L)'
;QEVEFDIPPQALGSALQEFGRQADIQVLYRPEEVRNKRSSAIKGKLEPNQAITELLRGTGASVDFQGNAITISVAEAADS
SVDLGATMITSNQLGTITEDSGSYTPGTIATATRLVLTPRETPQSITVVTRQNMDDFGLNNIDDVMRHTPGITVSAYDTD
RNNYYARGFSINNFQYDGIPSTARNVGYSAGNTLSDMAIYDRVEVLKGATGLLTGAGSLGATINLIRKKPTHEFKGHVEL
GAGSWDNYRSELDVSGPLTESGNVRGRAVAAYQDKHSFMDHYERKTSVYYGILEFDLNPDTMLTVGADYQDNDPKGSGWS
GSFPLFDSQGNRNDVSRSFNNGAKWSSWEQYTRTVFANLEHNFANGWVGKVQLDHKINGYHAPLGAIMGDWPAPDNSAKI
VAQKYTGETKSNSLDIYLTGPFQFLGREHELVVGTSASFSHWEGKSYWNLRNYDNTTDDFINWDGDIGKPDWGTPSQYID
DKTRQLGSYMTARFNVTDDLNLFLGGRVVDYRVTGLNPTIRESGRFIPYVGAVYDLNDTYSVYASYTDIFMPQDSWYRDS
SNKLLEPDEGQNYEIGIKGEYLDGRLNTSLAYFEIHEENRAEEDALYNSKPTNPAITYAYKGIKAKTKGYEAEISGELAP
GWQVQAGYTHKIIRDDSGKKVSTWEPQDQLSLYTSYKFKGALDKLTVGGGARWQGKSWQMVYNNPRSRWEKFSQEDYWLV
DLMARYQITDKLSASVNVNNVFDKTYYTNIGFYTSASYGDPRNLMFSTRWDF
;
A,B
2 'polypeptide(L)' (DSN)KG(FHO)S(DSN)GK(FH7)S C
#
# COMPACT_ATOMS: atom_id res chain seq x y z
N GLN A 1 -24.25 -11.19 5.86
CA GLN A 1 -24.88 -9.83 6.04
C GLN A 1 -26.11 -9.67 5.09
N GLU A 2 -26.97 -8.70 5.43
CA GLU A 2 -28.33 -8.52 4.84
C GLU A 2 -28.54 -8.57 3.31
N VAL A 3 -29.49 -9.39 2.86
CA VAL A 3 -29.74 -9.74 1.45
C VAL A 3 -31.22 -9.58 1.05
N GLU A 4 -31.48 -9.38 -0.23
CA GLU A 4 -32.83 -9.16 -0.78
C GLU A 4 -33.49 -10.48 -1.18
N PHE A 5 -34.56 -10.88 -0.54
CA PHE A 5 -35.17 -12.20 -0.81
C PHE A 5 -36.63 -12.21 -1.33
N ASP A 6 -36.95 -13.20 -2.16
CA ASP A 6 -38.30 -13.44 -2.67
C ASP A 6 -38.49 -14.91 -3.06
N ILE A 7 -38.71 -15.78 -2.10
CA ILE A 7 -39.01 -17.17 -2.44
C ILE A 7 -40.36 -17.54 -1.81
N PRO A 8 -41.36 -17.72 -2.69
CA PRO A 8 -42.70 -18.17 -2.36
C PRO A 8 -42.73 -19.67 -2.26
N PRO A 9 -43.69 -20.21 -1.44
CA PRO A 9 -43.91 -21.63 -1.14
C PRO A 9 -43.92 -22.52 -2.39
N GLN A 10 -43.15 -23.60 -2.33
CA GLN A 10 -42.98 -24.56 -3.42
C GLN A 10 -42.45 -25.91 -2.87
N ALA A 11 -42.09 -26.82 -3.77
CA ALA A 11 -41.35 -28.01 -3.38
C ALA A 11 -40.07 -27.59 -2.62
N LEU A 12 -39.78 -28.24 -1.48
CA LEU A 12 -38.56 -27.94 -0.73
C LEU A 12 -37.35 -27.84 -1.66
N GLY A 13 -37.24 -28.77 -2.61
CA GLY A 13 -36.21 -28.74 -3.65
C GLY A 13 -36.05 -27.42 -4.40
N SER A 14 -37.09 -26.97 -5.11
CA SER A 14 -37.03 -25.66 -5.80
C SER A 14 -36.64 -24.55 -4.86
N ALA A 15 -37.25 -24.57 -3.68
CA ALA A 15 -37.04 -23.51 -2.68
C ALA A 15 -35.56 -23.45 -2.39
N LEU A 16 -34.95 -24.63 -2.26
CA LEU A 16 -33.55 -24.70 -1.89
C LEU A 16 -32.65 -24.25 -3.03
N GLN A 17 -32.97 -24.74 -4.22
CA GLN A 17 -32.28 -24.31 -5.40
C GLN A 17 -32.41 -22.81 -5.54
N GLU A 18 -33.61 -22.26 -5.38
CA GLU A 18 -33.89 -20.84 -5.57
C GLU A 18 -33.14 -20.07 -4.50
N PHE A 19 -33.05 -20.66 -3.32
CA PHE A 19 -32.35 -20.02 -2.20
C PHE A 19 -30.84 -19.85 -2.43
N GLY A 20 -30.19 -20.93 -2.87
CA GLY A 20 -28.75 -20.88 -3.13
C GLY A 20 -28.42 -19.78 -4.13
N ARG A 21 -29.31 -19.71 -5.13
CA ARG A 21 -29.19 -18.70 -6.15
C ARG A 21 -29.31 -17.32 -5.55
N GLN A 22 -30.37 -17.09 -4.82
CA GLN A 22 -30.65 -15.75 -4.36
C GLN A 22 -29.65 -15.24 -3.34
N ALA A 23 -28.96 -16.19 -2.69
CA ALA A 23 -28.15 -15.85 -1.54
C ALA A 23 -26.67 -15.94 -1.86
N ASP A 24 -26.35 -16.35 -3.07
CA ASP A 24 -24.97 -16.56 -3.49
C ASP A 24 -24.24 -17.62 -2.61
N ILE A 25 -24.94 -18.67 -2.20
CA ILE A 25 -24.41 -19.68 -1.29
C ILE A 25 -24.73 -21.07 -1.87
N GLN A 26 -23.82 -22.01 -1.75
CA GLN A 26 -24.17 -23.32 -2.21
C GLN A 26 -24.96 -24.09 -1.17
N VAL A 27 -26.06 -24.69 -1.64
CA VAL A 27 -26.94 -25.41 -0.77
C VAL A 27 -26.88 -26.87 -1.13
N LEU A 28 -26.51 -27.73 -0.17
CA LEU A 28 -26.49 -29.19 -0.33
C LEU A 28 -27.63 -29.81 0.48
N TYR A 29 -28.22 -30.87 -0.06
CA TYR A 29 -29.44 -31.41 0.52
C TYR A 29 -29.77 -32.75 -0.14
N ARG A 30 -30.45 -33.63 0.60
CA ARG A 30 -30.70 -35.03 0.19
C ARG A 30 -32.06 -35.12 -0.46
N PRO A 31 -32.05 -35.50 -1.76
CA PRO A 31 -33.31 -35.58 -2.51
C PRO A 31 -34.42 -36.28 -1.74
N GLU A 32 -34.18 -37.50 -1.22
CA GLU A 32 -35.25 -38.29 -0.62
C GLU A 32 -35.70 -37.65 0.69
N GLU A 33 -34.89 -36.75 1.23
CA GLU A 33 -35.22 -36.15 2.51
C GLU A 33 -36.20 -34.99 2.37
N VAL A 34 -36.01 -34.15 1.35
CA VAL A 34 -36.89 -33.02 1.00
C VAL A 34 -38.12 -33.34 0.13
N ARG A 35 -38.21 -34.54 -0.44
CA ARG A 35 -39.36 -34.95 -1.26
C ARG A 35 -40.62 -34.74 -0.48
N ASN A 36 -41.60 -34.12 -1.14
CA ASN A 36 -42.90 -33.97 -0.53
C ASN A 36 -42.90 -33.10 0.69
N LYS A 37 -41.94 -32.20 0.75
CA LYS A 37 -41.96 -31.20 1.79
C LYS A 37 -42.17 -29.86 1.12
N ARG A 38 -42.48 -28.85 1.94
CA ARG A 38 -42.98 -27.54 1.50
C ARG A 38 -42.20 -26.45 2.19
N SER A 39 -41.91 -25.35 1.50
CA SER A 39 -41.17 -24.22 2.11
C SER A 39 -42.15 -23.18 2.58
N SER A 40 -41.81 -22.41 3.61
CA SER A 40 -42.63 -21.24 3.94
C SER A 40 -42.17 -20.01 3.17
N ALA A 41 -43.14 -19.11 2.89
CA ALA A 41 -42.87 -17.89 2.14
C ALA A 41 -41.78 -17.08 2.85
N ILE A 42 -40.86 -16.51 2.07
CA ILE A 42 -39.95 -15.47 2.60
C ILE A 42 -39.93 -14.26 1.68
N LYS A 43 -39.95 -13.06 2.25
CA LYS A 43 -40.08 -11.84 1.48
C LYS A 43 -39.27 -10.71 2.07
N GLY A 44 -38.20 -10.30 1.38
CA GLY A 44 -37.51 -9.03 1.64
C GLY A 44 -36.06 -9.03 2.15
N LYS A 45 -35.58 -7.84 2.50
CA LYS A 45 -34.22 -7.64 3.01
C LYS A 45 -34.09 -8.40 4.32
N LEU A 46 -33.26 -9.45 4.32
CA LEU A 46 -32.97 -10.26 5.52
C LEU A 46 -31.56 -10.84 5.48
N GLU A 47 -30.99 -11.11 6.63
CA GLU A 47 -29.74 -11.84 6.72
C GLU A 47 -29.91 -13.31 6.34
N PRO A 48 -28.88 -13.92 5.70
CA PRO A 48 -29.15 -15.18 5.00
C PRO A 48 -29.48 -16.32 5.96
N ASN A 49 -29.13 -16.17 7.24
CA ASN A 49 -29.45 -17.21 8.21
C ASN A 49 -30.78 -17.05 8.93
N GLN A 50 -31.28 -15.82 9.06
CA GLN A 50 -32.69 -15.69 9.44
C GLN A 50 -33.52 -16.23 8.28
N ALA A 51 -33.25 -15.77 7.06
CA ALA A 51 -33.96 -16.24 5.86
C ALA A 51 -34.16 -17.76 5.72
N ILE A 52 -33.10 -18.53 5.99
CA ILE A 52 -33.16 -19.95 5.74
C ILE A 52 -33.95 -20.62 6.84
N THR A 53 -33.80 -20.20 8.10
CA THR A 53 -34.64 -20.84 9.13
C THR A 53 -36.13 -20.53 8.97
N GLU A 54 -36.47 -19.37 8.42
CA GLU A 54 -37.85 -19.01 8.06
C GLU A 54 -38.40 -19.94 6.95
N LEU A 55 -37.62 -20.00 5.85
CA LEU A 55 -37.84 -20.90 4.73
C LEU A 55 -38.15 -22.32 5.15
N LEU A 56 -37.46 -22.82 6.15
CA LEU A 56 -37.59 -24.25 6.53
C LEU A 56 -38.56 -24.58 7.64
N ARG A 57 -39.21 -23.55 8.19
CA ARG A 57 -40.26 -23.70 9.18
C ARG A 57 -41.26 -24.65 8.56
N GLY A 58 -41.72 -25.64 9.30
CA GLY A 58 -42.64 -26.64 8.78
C GLY A 58 -41.99 -27.94 8.33
N THR A 59 -40.76 -27.83 7.82
CA THR A 59 -40.16 -28.94 7.06
C THR A 59 -39.50 -29.99 7.93
N GLY A 60 -39.34 -29.68 9.21
CA GLY A 60 -38.51 -30.50 10.11
C GLY A 60 -37.01 -30.57 9.79
N ALA A 61 -36.44 -29.54 9.20
CA ALA A 61 -35.07 -29.64 8.75
C ALA A 61 -34.14 -28.78 9.58
N SER A 62 -32.85 -29.08 9.51
CA SER A 62 -31.82 -28.34 10.25
C SER A 62 -30.80 -27.84 9.27
N VAL A 63 -30.08 -26.80 9.64
CA VAL A 63 -29.11 -26.18 8.72
C VAL A 63 -27.77 -26.33 9.37
N ASP A 64 -26.77 -26.76 8.59
CA ASP A 64 -25.36 -26.73 9.02
C ASP A 64 -24.64 -25.60 8.26
N PHE A 65 -24.33 -24.48 8.91
CA PHE A 65 -23.54 -23.40 8.26
C PHE A 65 -22.09 -23.79 8.10
N GLN A 66 -21.65 -23.79 6.84
CA GLN A 66 -20.30 -24.15 6.55
C GLN A 66 -19.69 -23.21 5.49
N GLY A 67 -19.50 -21.96 5.89
CA GLY A 67 -18.74 -21.01 5.09
C GLY A 67 -19.60 -20.55 3.96
N ASN A 68 -19.18 -20.89 2.75
CA ASN A 68 -19.96 -20.53 1.60
C ASN A 68 -21.00 -21.60 1.19
N ALA A 69 -21.24 -22.56 2.09
CA ALA A 69 -22.16 -23.65 1.82
C ALA A 69 -23.01 -23.83 3.02
N ILE A 70 -24.27 -24.19 2.80
CA ILE A 70 -25.07 -24.75 3.89
C ILE A 70 -25.49 -26.20 3.55
N THR A 71 -25.21 -27.17 4.42
CA THR A 71 -25.94 -28.40 4.14
C THR A 71 -27.21 -28.53 4.95
N ILE A 72 -28.26 -29.05 4.33
CA ILE A 72 -29.58 -29.17 4.94
C ILE A 72 -29.80 -30.65 5.29
N SER A 73 -30.25 -30.95 6.50
CA SER A 73 -30.59 -32.35 6.85
C SER A 73 -31.91 -32.42 7.57
N VAL A 74 -32.50 -33.62 7.59
CA VAL A 74 -33.75 -33.92 8.30
C VAL A 74 -33.54 -35.16 9.19
N ALA A 75 -33.15 -34.88 10.42
CA ALA A 75 -33.04 -35.88 11.46
C ALA A 75 -34.40 -36.58 11.76
N GLU A 76 -34.29 -37.88 12.10
CA GLU A 76 -35.35 -38.77 12.58
C GLU A 76 -35.00 -39.17 14.03
N ALA A 77 -35.99 -39.67 14.77
CA ALA A 77 -35.78 -40.31 16.06
C ALA A 77 -35.16 -41.67 15.84
N ALA A 78 -35.46 -42.29 14.70
CA ALA A 78 -34.83 -43.58 14.29
C ALA A 78 -33.28 -43.57 14.08
N ASP A 79 -32.80 -43.38 12.83
CA ASP A 79 -31.35 -43.40 12.44
C ASP A 79 -30.53 -44.62 12.94
N SER A 80 -30.26 -45.59 12.05
CA SER A 80 -29.65 -46.92 12.41
C SER A 80 -28.09 -46.96 12.26
N SER A 81 -27.53 -45.76 12.06
CA SER A 81 -26.15 -45.44 11.68
C SER A 81 -26.24 -44.42 10.52
N VAL A 82 -25.10 -43.82 10.16
CA VAL A 82 -25.11 -42.62 9.38
C VAL A 82 -24.43 -42.81 8.03
N ASP A 83 -25.04 -42.25 7.00
CA ASP A 83 -24.62 -42.38 5.63
C ASP A 83 -23.84 -41.12 5.35
N LEU A 84 -22.54 -41.12 5.62
CA LEU A 84 -21.77 -39.89 5.44
C LEU A 84 -21.66 -39.48 4.00
N GLY A 85 -21.52 -40.46 3.12
CA GLY A 85 -21.49 -40.17 1.72
C GLY A 85 -22.85 -40.20 1.03
N ALA A 86 -23.92 -39.81 1.71
CA ALA A 86 -25.25 -39.77 1.09
C ALA A 86 -25.28 -38.88 -0.13
N THR A 87 -25.96 -39.39 -1.17
CA THR A 87 -26.28 -38.67 -2.43
C THR A 87 -26.88 -37.35 -2.08
N MET A 88 -26.20 -36.29 -2.52
CA MET A 88 -26.59 -34.90 -2.17
C MET A 88 -26.79 -34.17 -3.45
N ILE A 89 -27.84 -33.37 -3.57
CA ILE A 89 -28.00 -32.54 -4.74
C ILE A 89 -27.65 -31.14 -4.34
N THR A 90 -27.06 -30.41 -5.27
CA THR A 90 -26.37 -29.20 -4.99
C THR A 90 -27.02 -28.07 -5.78
N SER A 91 -26.86 -26.83 -5.36
CA SER A 91 -27.43 -25.72 -6.14
C SER A 91 -26.44 -25.02 -7.07
N ASN A 92 -25.13 -25.21 -6.84
CA ASN A 92 -24.10 -24.72 -7.74
C ASN A 92 -23.24 -25.84 -8.44
N GLN A 93 -23.48 -26.03 -9.75
CA GLN A 93 -22.88 -27.14 -10.48
C GLN A 93 -21.35 -27.09 -10.48
N LEU A 94 -20.74 -25.94 -10.25
CA LEU A 94 -19.30 -25.99 -10.28
C LEU A 94 -18.67 -26.24 -8.89
N GLY A 95 -19.53 -26.31 -7.87
CA GLY A 95 -19.10 -26.45 -6.48
C GLY A 95 -19.11 -25.14 -5.69
N THR A 96 -18.66 -25.25 -4.43
CA THR A 96 -18.60 -24.14 -3.47
C THR A 96 -17.57 -23.09 -3.83
N ILE A 97 -18.01 -21.83 -3.98
CA ILE A 97 -17.09 -20.72 -4.27
C ILE A 97 -16.09 -20.53 -3.12
N THR A 98 -14.81 -20.23 -3.42
CA THR A 98 -13.85 -20.07 -2.36
C THR A 98 -13.68 -18.61 -1.94
N GLU A 99 -13.94 -17.68 -2.84
CA GLU A 99 -13.84 -16.23 -2.51
C GLU A 99 -14.59 -15.86 -1.22
N ASP A 100 -13.96 -15.06 -0.35
CA ASP A 100 -14.51 -14.77 1.01
C ASP A 100 -14.62 -15.94 1.98
N SER A 101 -14.21 -17.13 1.58
CA SER A 101 -14.28 -18.26 2.50
C SER A 101 -13.30 -18.15 3.68
N GLY A 102 -12.26 -17.33 3.59
CA GLY A 102 -11.23 -17.34 4.66
C GLY A 102 -10.30 -18.56 4.67
N SER A 103 -10.59 -19.57 3.83
CA SER A 103 -9.93 -20.85 3.87
C SER A 103 -8.92 -21.15 2.73
N TYR A 104 -8.05 -22.16 2.93
CA TYR A 104 -7.12 -22.60 1.88
C TYR A 104 -7.46 -24.01 1.41
N THR A 105 -8.64 -24.45 1.79
CA THR A 105 -9.17 -25.76 1.42
C THR A 105 -10.57 -25.59 0.74
N PRO A 106 -10.90 -26.44 -0.22
CA PRO A 106 -12.05 -26.08 -0.99
C PRO A 106 -13.30 -26.61 -0.32
N GLY A 107 -14.44 -26.58 -1.02
CA GLY A 107 -15.69 -26.94 -0.40
C GLY A 107 -16.16 -28.17 -1.12
N THR A 108 -16.89 -28.01 -2.21
CA THR A 108 -17.27 -29.14 -3.01
C THR A 108 -16.69 -28.78 -4.35
N ILE A 109 -16.65 -29.73 -5.24
CA ILE A 109 -15.84 -29.72 -6.39
C ILE A 109 -16.46 -30.73 -7.38
N ALA A 110 -16.50 -30.40 -8.68
CA ALA A 110 -17.01 -31.35 -9.66
C ALA A 110 -15.96 -31.70 -10.70
N THR A 111 -14.71 -31.57 -10.33
CA THR A 111 -13.66 -31.72 -11.28
C THR A 111 -13.57 -33.16 -11.78
N ALA A 112 -13.84 -34.15 -10.94
CA ALA A 112 -13.62 -35.49 -11.41
C ALA A 112 -14.78 -35.98 -12.27
N THR A 113 -16.03 -35.79 -11.90
CA THR A 113 -17.00 -36.59 -12.64
C THR A 113 -18.16 -35.78 -13.11
N ARG A 114 -18.10 -34.47 -12.89
CA ARG A 114 -19.22 -33.56 -13.12
C ARG A 114 -20.23 -33.62 -11.96
N LEU A 115 -20.26 -34.70 -11.16
CA LEU A 115 -21.02 -34.69 -9.87
C LEU A 115 -20.38 -33.78 -8.80
N VAL A 116 -21.20 -32.91 -8.20
CA VAL A 116 -20.72 -32.08 -7.08
C VAL A 116 -20.41 -32.92 -5.80
N LEU A 117 -19.13 -32.99 -5.45
CA LEU A 117 -18.66 -33.81 -4.31
C LEU A 117 -17.54 -33.13 -3.51
N THR A 118 -17.34 -33.62 -2.29
CA THR A 118 -16.34 -33.05 -1.37
C THR A 118 -15.03 -33.79 -1.63
N PRO A 119 -13.87 -33.18 -1.29
CA PRO A 119 -12.59 -33.91 -1.45
C PRO A 119 -12.65 -35.28 -0.76
N ARG A 120 -13.31 -35.35 0.40
CA ARG A 120 -13.48 -36.71 0.94
C ARG A 120 -14.25 -37.67 0.01
N GLU A 121 -15.34 -37.19 -0.57
CA GLU A 121 -16.13 -38.02 -1.50
C GLU A 121 -15.49 -38.39 -2.88
N THR A 122 -14.36 -37.78 -3.26
CA THR A 122 -13.78 -37.87 -4.62
C THR A 122 -12.59 -38.88 -4.70
N PRO A 123 -12.81 -40.01 -5.36
CA PRO A 123 -11.83 -41.09 -5.38
C PRO A 123 -10.67 -40.85 -6.31
N GLN A 124 -10.08 -39.67 -6.21
CA GLN A 124 -8.92 -39.27 -7.02
C GLN A 124 -8.15 -38.17 -6.28
N SER A 125 -6.92 -37.91 -6.69
CA SER A 125 -6.14 -36.92 -5.99
C SER A 125 -6.58 -35.59 -6.49
N ILE A 126 -7.18 -34.76 -5.64
CA ILE A 126 -7.66 -33.48 -6.11
C ILE A 126 -7.07 -32.42 -5.17
N THR A 127 -6.16 -31.58 -5.70
CA THR A 127 -5.60 -30.39 -5.00
C THR A 127 -6.20 -29.05 -5.54
N VAL A 128 -6.64 -28.17 -4.64
CA VAL A 128 -7.16 -26.89 -5.05
C VAL A 128 -6.35 -25.72 -4.43
N VAL A 129 -6.06 -24.70 -5.26
CA VAL A 129 -5.53 -23.45 -4.76
C VAL A 129 -6.66 -22.44 -4.69
N THR A 130 -7.03 -22.06 -3.46
CA THR A 130 -8.23 -21.29 -3.22
C THR A 130 -8.01 -19.79 -3.37
N ARG A 131 -9.12 -19.06 -3.57
CA ARG A 131 -9.05 -17.63 -3.86
C ARG A 131 -8.24 -16.87 -2.81
N GLN A 132 -8.36 -17.26 -1.53
CA GLN A 132 -7.67 -16.52 -0.50
C GLN A 132 -6.16 -16.73 -0.53
N ASN A 133 -5.74 -18.00 -0.78
CA ASN A 133 -4.33 -18.40 -0.95
C ASN A 133 -3.70 -17.47 -1.95
N MET A 134 -4.46 -17.20 -3.00
CA MET A 134 -3.93 -16.45 -4.12
C MET A 134 -3.70 -15.02 -3.66
N ASP A 135 -4.67 -14.49 -2.89
CA ASP A 135 -4.57 -13.15 -2.31
C ASP A 135 -3.43 -13.01 -1.30
N ASP A 136 -3.22 -13.97 -0.41
CA ASP A 136 -2.26 -13.77 0.66
C ASP A 136 -0.86 -13.87 0.08
N PHE A 137 -0.68 -14.82 -0.83
CA PHE A 137 0.64 -14.99 -1.40
C PHE A 137 0.91 -14.23 -2.68
N GLY A 138 -0.03 -13.39 -3.11
CA GLY A 138 0.24 -12.62 -4.33
C GLY A 138 0.36 -13.38 -5.65
N LEU A 139 -0.23 -14.57 -5.68
CA LEU A 139 -0.19 -15.39 -6.85
C LEU A 139 -1.05 -14.74 -7.95
N ASN A 140 -0.43 -13.93 -8.81
CA ASN A 140 -1.23 -13.22 -9.80
C ASN A 140 -1.40 -13.89 -11.17
N ASN A 141 -0.68 -14.96 -11.44
CA ASN A 141 -0.96 -15.73 -12.64
C ASN A 141 -0.77 -17.24 -12.47
N ILE A 142 -1.10 -17.98 -13.50
CA ILE A 142 -1.15 -19.42 -13.39
C ILE A 142 0.28 -19.95 -13.11
N ASP A 143 1.30 -19.26 -13.63
CA ASP A 143 2.65 -19.62 -13.28
C ASP A 143 2.89 -19.54 -11.79
N ASP A 144 2.57 -18.39 -11.16
CA ASP A 144 2.59 -18.30 -9.67
C ASP A 144 1.82 -19.42 -8.95
N VAL A 145 0.56 -19.69 -9.34
CA VAL A 145 -0.28 -20.71 -8.70
C VAL A 145 0.32 -22.12 -8.79
N MET A 146 0.83 -22.49 -9.97
CA MET A 146 1.46 -23.83 -10.12
C MET A 146 2.67 -23.96 -9.22
N ARG A 147 3.50 -22.91 -9.16
CA ARG A 147 4.67 -22.92 -8.24
C ARG A 147 4.26 -23.21 -6.81
N HIS A 148 3.06 -22.78 -6.39
CA HIS A 148 2.48 -23.06 -5.03
C HIS A 148 1.59 -24.27 -4.95
N THR A 149 1.50 -25.05 -6.01
CA THR A 149 0.61 -26.23 -5.99
C THR A 149 1.30 -27.52 -5.52
N PRO A 150 0.77 -28.07 -4.44
CA PRO A 150 1.39 -29.31 -3.98
C PRO A 150 1.47 -30.38 -5.09
N GLY A 151 2.67 -30.86 -5.38
CA GLY A 151 2.82 -32.02 -6.28
C GLY A 151 3.14 -31.63 -7.70
N ILE A 152 3.38 -30.33 -7.87
CA ILE A 152 3.62 -29.73 -9.15
C ILE A 152 5.01 -29.19 -9.15
N THR A 153 5.70 -29.44 -10.24
CA THR A 153 7.02 -28.90 -10.44
C THR A 153 6.96 -28.03 -11.69
N VAL A 154 7.40 -26.77 -11.57
CA VAL A 154 7.37 -25.82 -12.67
C VAL A 154 8.78 -25.61 -13.19
N SER A 155 9.02 -25.89 -14.47
CA SER A 155 10.35 -25.68 -15.10
C SER A 155 10.22 -24.79 -16.31
N ALA A 156 11.34 -24.15 -16.73
CA ALA A 156 11.29 -23.12 -17.79
C ALA A 156 11.58 -23.77 -19.12
N TYR A 157 10.79 -23.43 -20.17
CA TYR A 157 11.27 -23.53 -21.58
C TYR A 157 12.00 -22.24 -21.97
N ASP A 158 11.32 -21.09 -21.89
CA ASP A 158 11.91 -19.80 -22.18
C ASP A 158 11.17 -18.69 -21.40
N THR A 159 11.61 -17.45 -21.50
CA THR A 159 10.97 -16.40 -20.71
C THR A 159 9.43 -16.36 -20.76
N ASP A 160 8.79 -16.95 -21.79
CA ASP A 160 7.37 -16.78 -21.96
C ASP A 160 6.62 -18.11 -22.05
N ARG A 161 7.28 -19.18 -21.61
CA ARG A 161 6.58 -20.46 -21.52
C ARG A 161 7.21 -21.36 -20.49
N ASN A 162 6.42 -21.80 -19.52
CA ASN A 162 6.89 -22.82 -18.59
C ASN A 162 6.24 -24.18 -18.85
N ASN A 163 6.67 -25.17 -18.08
CA ASN A 163 6.24 -26.57 -18.19
C ASN A 163 5.80 -26.98 -16.81
N TYR A 164 4.73 -27.77 -16.74
CA TYR A 164 4.19 -28.16 -15.43
C TYR A 164 4.17 -29.70 -15.30
N TYR A 165 4.83 -30.26 -14.28
CA TYR A 165 4.89 -31.71 -14.15
C TYR A 165 4.03 -32.23 -13.00
N ALA A 166 3.30 -33.31 -13.22
CA ALA A 166 2.80 -34.09 -12.08
C ALA A 166 3.10 -35.55 -12.42
N ARG A 167 3.54 -36.34 -11.44
CA ARG A 167 3.57 -37.80 -11.55
C ARG A 167 4.29 -38.37 -12.77
N GLY A 168 5.32 -37.64 -13.24
CA GLY A 168 6.16 -38.11 -14.35
C GLY A 168 5.95 -37.40 -15.68
N PHE A 169 4.86 -36.62 -15.75
CA PHE A 169 4.33 -36.14 -17.01
C PHE A 169 4.21 -34.65 -17.14
N SER A 170 4.40 -34.11 -18.35
CA SER A 170 4.03 -32.72 -18.63
C SER A 170 2.55 -32.59 -18.75
N ILE A 171 1.97 -31.73 -17.92
CA ILE A 171 0.57 -31.41 -18.02
C ILE A 171 0.29 -30.59 -19.27
N ASN A 172 -0.78 -30.96 -19.95
CA ASN A 172 -1.22 -30.39 -21.20
C ASN A 172 -2.74 -30.37 -21.31
N ASN A 173 -3.43 -30.57 -20.21
CA ASN A 173 -4.85 -30.43 -20.15
C ASN A 173 -5.17 -29.16 -19.39
N PHE A 174 -5.91 -28.23 -20.01
CA PHE A 174 -6.43 -27.07 -19.31
C PHE A 174 -7.91 -26.99 -19.54
N GLN A 175 -8.71 -26.70 -18.50
CA GLN A 175 -10.17 -26.34 -18.67
C GLN A 175 -10.47 -24.99 -18.05
N TYR A 176 -11.65 -24.49 -18.46
CA TYR A 176 -12.16 -23.23 -17.95
C TYR A 176 -13.61 -23.50 -17.64
N ASP A 177 -14.02 -23.22 -16.39
CA ASP A 177 -15.37 -23.58 -15.92
C ASP A 177 -15.73 -25.02 -16.34
N GLY A 178 -14.71 -25.87 -16.46
CA GLY A 178 -14.94 -27.27 -16.74
C GLY A 178 -15.07 -27.59 -18.19
N ILE A 179 -14.66 -26.69 -19.08
CA ILE A 179 -14.70 -27.00 -20.51
C ILE A 179 -13.25 -27.19 -21.00
N PRO A 180 -12.89 -28.41 -21.51
CA PRO A 180 -11.49 -28.67 -21.93
C PRO A 180 -11.12 -27.78 -23.09
N SER A 181 -9.93 -27.22 -23.11
CA SER A 181 -9.53 -26.51 -24.28
C SER A 181 -8.73 -27.47 -25.20
N THR A 182 -8.40 -27.07 -26.43
CA THR A 182 -7.57 -27.98 -27.22
C THR A 182 -6.09 -27.65 -26.99
N ALA A 183 -5.28 -28.59 -26.50
CA ALA A 183 -3.85 -28.26 -26.29
C ALA A 183 -2.77 -29.14 -26.97
N ARG A 184 -3.14 -29.88 -28.02
CA ARG A 184 -2.20 -30.68 -28.84
C ARG A 184 -0.73 -30.23 -28.87
N ASN A 185 -0.49 -28.95 -29.10
CA ASN A 185 0.83 -28.37 -29.17
C ASN A 185 0.73 -26.86 -28.92
N VAL A 186 1.87 -26.17 -28.99
CA VAL A 186 1.88 -24.76 -28.61
C VAL A 186 1.21 -23.76 -29.61
N GLY A 187 0.85 -24.24 -30.79
CA GLY A 187 0.07 -23.41 -31.72
C GLY A 187 -1.32 -23.17 -31.16
N TYR A 188 -2.02 -24.28 -30.95
CA TYR A 188 -3.31 -24.34 -30.27
C TYR A 188 -3.38 -23.66 -28.87
N SER A 189 -2.26 -23.64 -28.14
CA SER A 189 -2.34 -23.27 -26.71
C SER A 189 -1.61 -21.99 -26.22
N ALA A 190 -1.38 -21.06 -27.15
CA ALA A 190 -0.85 -19.71 -26.84
C ALA A 190 -1.51 -19.12 -25.62
N GLY A 191 -0.67 -18.62 -24.69
CA GLY A 191 -1.12 -18.02 -23.42
C GLY A 191 -1.70 -18.89 -22.29
N ASN A 192 -1.82 -20.20 -22.48
CA ASN A 192 -2.18 -21.10 -21.38
C ASN A 192 -1.25 -21.13 -20.14
N THR A 193 0.04 -21.01 -20.36
CA THR A 193 1.04 -20.87 -19.33
C THR A 193 0.97 -19.47 -18.66
N LEU A 194 0.13 -18.55 -19.17
CA LEU A 194 0.19 -17.12 -18.68
C LEU A 194 -1.07 -16.48 -18.12
N SER A 195 -2.17 -17.24 -17.98
CA SER A 195 -3.49 -16.67 -17.57
C SER A 195 -3.42 -15.88 -16.27
N ASP A 196 -3.81 -14.61 -16.31
CA ASP A 196 -3.94 -13.80 -15.09
C ASP A 196 -5.06 -14.25 -14.09
N MET A 197 -4.80 -14.16 -12.79
CA MET A 197 -5.68 -14.74 -11.81
C MET A 197 -6.84 -13.83 -11.49
N ALA A 198 -6.80 -12.59 -11.99
CA ALA A 198 -7.81 -11.62 -11.60
C ALA A 198 -9.25 -12.09 -11.81
N ILE A 199 -9.46 -13.01 -12.75
CA ILE A 199 -10.83 -13.25 -13.22
C ILE A 199 -11.31 -14.54 -12.63
N TYR A 200 -10.48 -15.16 -11.77
CA TYR A 200 -10.81 -16.51 -11.28
C TYR A 200 -11.07 -16.60 -9.78
N ASP A 201 -12.01 -17.46 -9.40
CA ASP A 201 -12.20 -17.81 -8.03
C ASP A 201 -11.18 -18.83 -7.50
N ARG A 202 -10.64 -19.70 -8.33
CA ARG A 202 -9.81 -20.77 -7.77
C ARG A 202 -9.19 -21.60 -8.89
N VAL A 203 -8.12 -22.35 -8.61
CA VAL A 203 -7.65 -23.27 -9.62
C VAL A 203 -7.65 -24.68 -9.06
N GLU A 204 -8.20 -25.60 -9.84
CA GLU A 204 -8.40 -26.91 -9.24
C GLU A 204 -7.73 -27.96 -10.11
N VAL A 205 -6.87 -28.78 -9.49
CA VAL A 205 -6.01 -29.66 -10.26
C VAL A 205 -6.20 -31.14 -9.93
N LEU A 206 -6.64 -31.91 -10.92
CA LEU A 206 -6.93 -33.31 -10.73
C LEU A 206 -5.69 -34.09 -11.19
N LYS A 207 -5.14 -34.91 -10.31
CA LYS A 207 -3.89 -35.60 -10.59
C LYS A 207 -4.17 -37.05 -10.85
N GLY A 208 -3.52 -37.61 -11.86
CA GLY A 208 -3.74 -39.00 -12.24
C GLY A 208 -3.93 -39.10 -13.73
N ALA A 209 -5.04 -39.72 -14.12
CA ALA A 209 -5.40 -39.86 -15.53
C ALA A 209 -6.82 -39.40 -15.72
N THR A 210 -7.01 -38.32 -16.46
CA THR A 210 -8.27 -37.65 -16.35
C THR A 210 -9.11 -37.68 -17.60
N GLY A 211 -9.15 -38.83 -18.23
CA GLY A 211 -9.88 -38.92 -19.49
C GLY A 211 -11.38 -38.74 -19.36
N LEU A 212 -11.93 -39.09 -18.19
CA LEU A 212 -13.37 -39.02 -18.06
C LEU A 212 -14.02 -37.70 -18.50
N LEU A 213 -13.44 -36.56 -18.17
CA LEU A 213 -14.01 -35.30 -18.68
C LEU A 213 -13.05 -34.44 -19.46
N THR A 214 -11.77 -34.76 -19.47
CA THR A 214 -10.89 -34.07 -20.40
C THR A 214 -11.11 -34.63 -21.79
N GLY A 215 -11.45 -35.91 -21.87
CA GLY A 215 -11.37 -36.61 -23.16
C GLY A 215 -9.90 -36.84 -23.48
N ALA A 216 -9.54 -36.74 -24.75
CA ALA A 216 -8.12 -36.94 -25.18
C ALA A 216 -7.25 -35.88 -24.55
N GLY A 217 -6.08 -36.28 -24.03
CA GLY A 217 -5.20 -35.36 -23.31
C GLY A 217 -3.99 -36.10 -22.75
N SER A 218 -3.20 -35.45 -21.90
CA SER A 218 -1.98 -36.09 -21.36
C SER A 218 -2.20 -36.82 -20.02
N LEU A 219 -1.27 -37.71 -19.67
CA LEU A 219 -1.21 -38.19 -18.28
C LEU A 219 -0.81 -37.05 -17.31
N GLY A 220 -0.85 -37.32 -16.02
CA GLY A 220 -0.38 -36.34 -15.05
C GLY A 220 -1.53 -35.66 -14.34
N ALA A 221 -2.19 -34.76 -15.03
CA ALA A 221 -3.14 -33.90 -14.35
C ALA A 221 -4.05 -33.13 -15.33
N THR A 222 -5.15 -32.57 -14.81
CA THR A 222 -5.92 -31.52 -15.51
C THR A 222 -5.86 -30.25 -14.68
N ILE A 223 -5.82 -29.11 -15.32
CA ILE A 223 -5.86 -27.86 -14.59
C ILE A 223 -7.18 -27.13 -14.91
N ASN A 224 -8.04 -26.95 -13.92
CA ASN A 224 -9.38 -26.49 -14.17
C ASN A 224 -9.53 -25.18 -13.47
N LEU A 225 -9.81 -24.15 -14.23
CA LEU A 225 -9.84 -22.79 -13.75
C LEU A 225 -11.32 -22.34 -13.71
N ILE A 226 -11.77 -21.82 -12.58
CA ILE A 226 -13.17 -21.51 -12.42
C ILE A 226 -13.25 -20.03 -12.52
N ARG A 227 -14.13 -19.49 -13.35
CA ARG A 227 -14.26 -18.04 -13.51
C ARG A 227 -15.00 -17.39 -12.31
N LYS A 228 -14.61 -16.17 -11.92
CA LYS A 228 -15.41 -15.43 -10.95
C LYS A 228 -16.82 -15.13 -11.52
N LYS A 229 -17.85 -15.33 -10.68
CA LYS A 229 -19.26 -15.11 -11.02
C LYS A 229 -19.87 -13.86 -10.41
N PRO A 230 -20.96 -13.34 -11.01
CA PRO A 230 -21.52 -12.12 -10.46
C PRO A 230 -22.35 -12.49 -9.23
N THR A 231 -22.87 -11.47 -8.53
CA THR A 231 -23.46 -11.60 -7.21
C THR A 231 -24.68 -10.71 -7.06
N HIS A 232 -25.53 -11.05 -6.08
CA HIS A 232 -26.78 -10.37 -5.77
C HIS A 232 -26.72 -9.10 -4.96
N GLU A 233 -25.57 -8.85 -4.36
CA GLU A 233 -25.33 -7.64 -3.58
C GLU A 233 -24.22 -6.97 -4.31
N PHE A 234 -24.24 -5.64 -4.33
CA PHE A 234 -23.14 -4.88 -4.92
C PHE A 234 -21.86 -5.07 -4.13
N LYS A 235 -20.74 -5.25 -4.82
CA LYS A 235 -19.43 -5.21 -4.16
C LYS A 235 -18.27 -5.16 -5.14
N GLY A 236 -17.15 -4.58 -4.70
CA GLY A 236 -15.90 -4.75 -5.45
C GLY A 236 -14.67 -4.07 -4.88
N HIS A 237 -13.56 -4.14 -5.61
CA HIS A 237 -12.32 -3.57 -5.06
C HIS A 237 -11.33 -3.08 -6.10
N VAL A 238 -10.34 -2.34 -5.63
CA VAL A 238 -9.32 -1.77 -6.45
C VAL A 238 -8.07 -2.13 -5.72
N GLU A 239 -7.05 -2.55 -6.46
CA GLU A 239 -5.83 -3.05 -5.89
C GLU A 239 -4.70 -2.42 -6.64
N LEU A 240 -3.66 -1.93 -6.00
CA LEU A 240 -2.52 -1.36 -6.73
C LEU A 240 -1.33 -2.01 -6.09
N GLY A 241 -0.30 -2.30 -6.86
CA GLY A 241 0.83 -3.07 -6.34
C GLY A 241 2.09 -2.61 -7.00
N ALA A 242 3.22 -2.76 -6.33
CA ALA A 242 4.55 -2.31 -6.79
C ALA A 242 5.69 -3.23 -6.26
N GLY A 243 6.47 -3.82 -7.18
CA GLY A 243 7.51 -4.79 -6.80
C GLY A 243 8.85 -4.67 -7.49
N SER A 244 9.82 -5.45 -7.01
CA SER A 244 11.16 -5.47 -7.57
C SER A 244 11.13 -5.32 -9.06
N TRP A 245 12.14 -4.64 -9.58
CA TRP A 245 12.34 -4.55 -11.04
C TRP A 245 11.11 -3.95 -11.74
N ASP A 246 10.66 -2.81 -11.21
CA ASP A 246 9.66 -2.02 -11.89
C ASP A 246 8.42 -2.80 -12.35
N ASN A 247 7.89 -3.58 -11.41
CA ASN A 247 6.74 -4.42 -11.57
C ASN A 247 5.57 -3.67 -10.94
N TYR A 248 4.66 -3.17 -11.75
CA TYR A 248 3.47 -2.43 -11.24
C TYR A 248 2.24 -3.13 -11.75
N ARG A 249 1.28 -3.34 -10.86
CA ARG A 249 0.07 -4.08 -11.25
C ARG A 249 -1.11 -3.23 -10.77
N SER A 250 -2.22 -3.20 -11.46
CA SER A 250 -3.46 -2.67 -10.86
C SER A 250 -4.58 -3.56 -11.27
N GLU A 251 -5.73 -3.42 -10.60
CA GLU A 251 -6.87 -4.33 -10.76
C GLU A 251 -8.18 -3.77 -10.21
N LEU A 252 -9.27 -3.86 -11.01
CA LEU A 252 -10.63 -3.42 -10.66
C LEU A 252 -11.53 -4.61 -10.86
N ASP A 253 -12.42 -4.88 -9.89
CA ASP A 253 -13.36 -6.03 -9.90
C ASP A 253 -14.72 -5.50 -9.34
N VAL A 254 -15.78 -5.48 -10.14
CA VAL A 254 -17.11 -4.93 -9.77
C VAL A 254 -18.22 -5.93 -10.07
N SER A 255 -19.11 -6.07 -9.11
CA SER A 255 -20.10 -7.12 -9.12
C SER A 255 -21.43 -6.70 -8.51
N GLY A 256 -22.54 -7.18 -9.07
CA GLY A 256 -23.82 -6.86 -8.47
C GLY A 256 -25.02 -6.86 -9.37
N PRO A 257 -26.21 -6.54 -8.81
CA PRO A 257 -27.46 -6.49 -9.55
C PRO A 257 -27.50 -5.23 -10.38
N LEU A 258 -28.02 -5.36 -11.61
CA LEU A 258 -28.13 -4.29 -12.60
C LEU A 258 -29.60 -3.86 -12.81
N THR A 259 -30.51 -4.55 -12.14
CA THR A 259 -31.92 -4.22 -12.13
C THR A 259 -32.45 -4.30 -10.72
N GLU A 260 -33.22 -3.28 -10.37
CA GLU A 260 -34.02 -3.26 -9.13
C GLU A 260 -34.49 -4.67 -8.59
N SER A 261 -35.00 -5.56 -9.45
CA SER A 261 -35.45 -6.89 -9.00
C SER A 261 -34.31 -7.81 -8.66
N GLY A 262 -33.13 -7.57 -9.25
CA GLY A 262 -32.03 -8.52 -9.16
C GLY A 262 -31.92 -9.54 -10.29
N ASN A 263 -32.92 -9.62 -11.18
CA ASN A 263 -32.98 -10.67 -12.20
C ASN A 263 -31.93 -10.57 -13.33
N VAL A 264 -31.24 -9.44 -13.39
CA VAL A 264 -30.04 -9.39 -14.18
C VAL A 264 -28.92 -8.80 -13.30
N ARG A 265 -27.77 -9.48 -13.35
CA ARG A 265 -26.63 -9.28 -12.49
C ARG A 265 -25.38 -9.35 -13.35
N GLY A 266 -24.31 -8.68 -12.92
CA GLY A 266 -23.09 -8.58 -13.71
C GLY A 266 -21.78 -8.62 -12.91
N ARG A 267 -20.69 -8.88 -13.59
CA ARG A 267 -19.44 -8.72 -12.96
C ARG A 267 -18.41 -8.32 -13.98
N ALA A 268 -17.53 -7.40 -13.61
CA ALA A 268 -16.58 -6.84 -14.54
C ALA A 268 -15.22 -6.70 -13.88
N VAL A 269 -14.18 -7.19 -14.56
CA VAL A 269 -12.84 -7.00 -14.08
C VAL A 269 -11.86 -6.67 -15.18
N ALA A 270 -10.91 -5.82 -14.82
CA ALA A 270 -9.88 -5.31 -15.72
C ALA A 270 -8.65 -5.35 -14.84
N ALA A 271 -7.49 -5.60 -15.43
CA ALA A 271 -6.24 -5.70 -14.68
C ALA A 271 -5.14 -5.45 -15.68
N TYR A 272 -4.16 -4.67 -15.26
CA TYR A 272 -3.08 -4.20 -16.13
C TYR A 272 -1.79 -4.37 -15.32
N GLN A 273 -0.76 -4.93 -15.95
CA GLN A 273 0.51 -5.17 -15.28
C GLN A 273 1.65 -4.91 -16.23
N ASP A 274 2.58 -4.08 -15.84
CA ASP A 274 3.73 -3.74 -16.67
C ASP A 274 4.92 -4.00 -15.77
N LYS A 275 5.83 -4.87 -16.20
CA LYS A 275 6.95 -5.23 -15.35
C LYS A 275 8.26 -5.35 -16.10
N HIS A 276 9.37 -4.96 -15.48
CA HIS A 276 10.66 -5.36 -16.02
C HIS A 276 10.99 -6.64 -15.31
N SER A 277 12.25 -6.89 -14.93
CA SER A 277 12.63 -8.23 -14.46
C SER A 277 14.09 -8.28 -14.11
N PHE A 278 14.49 -9.22 -13.26
CA PHE A 278 15.89 -9.28 -12.89
C PHE A 278 16.69 -9.55 -14.10
N MET A 279 16.08 -10.24 -15.07
CA MET A 279 16.74 -10.58 -16.33
C MET A 279 16.89 -9.36 -17.13
N ASP A 280 18.05 -9.23 -17.75
CA ASP A 280 18.32 -8.07 -18.56
C ASP A 280 17.40 -7.86 -19.75
N HIS A 281 17.03 -6.60 -19.95
CA HIS A 281 16.24 -6.13 -21.10
C HIS A 281 15.04 -7.00 -21.44
N TYR A 282 14.40 -7.56 -20.41
CA TYR A 282 13.12 -8.25 -20.62
C TYR A 282 12.01 -7.42 -19.97
N GLU A 283 11.01 -6.97 -20.72
CA GLU A 283 9.84 -6.45 -20.06
C GLU A 283 8.59 -7.17 -20.55
N ARG A 284 7.47 -7.07 -19.80
CA ARG A 284 6.19 -7.66 -20.22
C ARG A 284 4.94 -6.92 -19.77
N LYS A 285 4.13 -6.39 -20.71
CA LYS A 285 2.83 -5.75 -20.37
C LYS A 285 1.70 -6.76 -20.48
N THR A 286 0.96 -7.04 -19.41
CA THR A 286 -0.21 -7.86 -19.67
C THR A 286 -1.53 -7.09 -19.43
N SER A 287 -2.59 -7.36 -20.21
CA SER A 287 -3.92 -6.73 -19.97
C SER A 287 -5.01 -7.75 -19.96
N VAL A 288 -5.97 -7.60 -19.07
CA VAL A 288 -7.09 -8.51 -19.08
C VAL A 288 -8.39 -7.78 -18.88
N TYR A 289 -9.46 -8.21 -19.55
CA TYR A 289 -10.82 -7.72 -19.29
C TYR A 289 -11.69 -8.91 -19.29
N TYR A 290 -12.74 -8.81 -18.47
CA TYR A 290 -13.73 -9.87 -18.26
C TYR A 290 -15.11 -9.29 -17.95
N GLY A 291 -16.12 -9.81 -18.64
CA GLY A 291 -17.47 -9.36 -18.37
C GLY A 291 -18.34 -10.58 -18.49
N ILE A 292 -19.25 -10.73 -17.52
CA ILE A 292 -20.25 -11.82 -17.48
C ILE A 292 -21.52 -11.15 -17.00
N LEU A 293 -22.66 -11.59 -17.50
CA LEU A 293 -23.98 -11.04 -17.17
C LEU A 293 -24.84 -12.28 -17.03
N GLU A 294 -25.69 -12.30 -15.99
CA GLU A 294 -26.60 -13.41 -15.75
C GLU A 294 -28.03 -12.93 -15.87
N PHE A 295 -28.86 -13.69 -16.59
CA PHE A 295 -30.30 -13.36 -16.80
C PHE A 295 -31.11 -14.54 -16.25
N ASP A 296 -32.06 -14.26 -15.36
CA ASP A 296 -33.02 -15.26 -14.91
C ASP A 296 -34.24 -15.23 -15.81
N LEU A 297 -34.35 -16.16 -16.73
CA LEU A 297 -35.53 -16.17 -17.57
C LEU A 297 -36.78 -16.38 -16.74
N ASN A 298 -36.67 -17.21 -15.71
CA ASN A 298 -37.66 -17.42 -14.64
C ASN A 298 -36.94 -18.14 -13.49
N PRO A 299 -37.57 -18.25 -12.29
CA PRO A 299 -36.82 -18.76 -11.13
C PRO A 299 -36.00 -20.05 -11.38
N ASP A 300 -36.38 -20.91 -12.31
CA ASP A 300 -35.56 -22.10 -12.51
C ASP A 300 -34.86 -22.28 -13.88
N THR A 301 -34.57 -21.18 -14.55
CA THR A 301 -33.88 -21.24 -15.83
C THR A 301 -33.00 -20.01 -15.94
N MET A 302 -31.68 -20.23 -15.96
CA MET A 302 -30.74 -19.09 -16.03
C MET A 302 -29.93 -19.03 -17.33
N LEU A 303 -29.86 -17.84 -17.93
CA LEU A 303 -29.00 -17.57 -19.10
C LEU A 303 -27.82 -16.71 -18.72
N THR A 304 -26.63 -17.12 -19.16
CA THR A 304 -25.38 -16.48 -18.78
C THR A 304 -24.61 -16.20 -20.05
N VAL A 305 -24.10 -14.99 -20.23
CA VAL A 305 -23.26 -14.75 -21.40
C VAL A 305 -22.03 -14.02 -20.92
N GLY A 306 -20.87 -14.31 -21.46
CA GLY A 306 -19.68 -13.68 -20.95
C GLY A 306 -18.57 -13.61 -21.96
N ALA A 307 -17.62 -12.71 -21.73
CA ALA A 307 -16.42 -12.59 -22.57
C ALA A 307 -15.17 -12.26 -21.71
N ASP A 308 -14.02 -12.77 -22.16
CA ASP A 308 -12.81 -12.48 -21.45
C ASP A 308 -11.70 -12.30 -22.46
N TYR A 309 -10.55 -11.78 -22.03
CA TYR A 309 -9.53 -11.31 -22.97
C TYR A 309 -8.18 -11.11 -22.26
N GLN A 310 -7.08 -11.60 -22.81
CA GLN A 310 -5.80 -11.35 -22.15
C GLN A 310 -4.69 -11.19 -23.16
N ASP A 311 -3.92 -10.13 -23.02
CA ASP A 311 -2.82 -9.91 -23.95
C ASP A 311 -1.49 -9.89 -23.20
N ASN A 312 -0.62 -10.83 -23.58
CA ASN A 312 0.67 -10.98 -22.96
C ASN A 312 1.62 -10.52 -24.03
N ASP A 313 2.45 -9.52 -23.73
CA ASP A 313 3.21 -8.74 -24.72
C ASP A 313 4.65 -8.38 -24.26
N PRO A 314 5.62 -9.27 -24.51
CA PRO A 314 6.95 -9.02 -23.97
C PRO A 314 7.90 -8.41 -25.00
N LYS A 315 9.10 -8.04 -24.53
CA LYS A 315 10.18 -7.51 -25.31
C LYS A 315 11.44 -8.16 -24.72
N GLY A 316 12.36 -8.66 -25.52
CA GLY A 316 13.49 -9.39 -24.94
C GLY A 316 13.22 -10.87 -24.65
N SER A 317 12.17 -11.42 -25.28
CA SER A 317 11.88 -12.83 -25.21
C SER A 317 13.04 -13.65 -25.71
N GLY A 318 13.18 -14.87 -25.21
CA GLY A 318 14.10 -15.81 -25.80
C GLY A 318 13.40 -17.03 -26.37
N TRP A 319 14.14 -17.82 -27.14
CA TRP A 319 13.61 -18.97 -27.85
C TRP A 319 13.63 -20.11 -26.82
N SER A 320 14.82 -20.37 -26.29
CA SER A 320 15.09 -21.58 -25.50
C SER A 320 16.04 -21.28 -24.35
N GLY A 321 15.55 -21.02 -23.15
CA GLY A 321 16.43 -20.77 -22.01
C GLY A 321 17.17 -19.45 -22.08
N SER A 322 17.82 -19.07 -20.99
CA SER A 322 18.44 -17.74 -20.90
C SER A 322 19.89 -17.61 -21.44
N PHE A 323 20.57 -18.74 -21.60
CA PHE A 323 21.94 -18.71 -22.10
C PHE A 323 22.37 -20.11 -22.42
N PRO A 324 23.43 -20.25 -23.25
CA PRO A 324 23.89 -21.59 -23.67
C PRO A 324 24.80 -22.22 -22.64
N LEU A 325 24.65 -23.54 -22.45
CA LEU A 325 25.42 -24.25 -21.46
C LEU A 325 26.90 -24.23 -21.76
N PHE A 326 27.31 -24.64 -22.96
CA PHE A 326 28.75 -24.64 -23.26
C PHE A 326 29.14 -23.50 -24.19
N ASP A 327 30.40 -23.08 -24.09
CA ASP A 327 30.98 -22.17 -25.08
C ASP A 327 31.43 -22.93 -26.37
N SER A 328 32.14 -22.24 -27.27
CA SER A 328 32.61 -22.85 -28.52
C SER A 328 33.52 -24.05 -28.27
N GLN A 329 34.31 -24.00 -27.22
CA GLN A 329 35.27 -25.08 -26.94
C GLN A 329 34.81 -26.16 -25.94
N GLY A 330 33.58 -26.04 -25.46
CA GLY A 330 32.99 -27.15 -24.72
C GLY A 330 33.04 -27.05 -23.22
N ASN A 331 33.66 -25.98 -22.68
CA ASN A 331 33.65 -25.62 -21.25
C ASN A 331 32.29 -25.15 -20.80
N ARG A 332 31.83 -25.57 -19.63
CA ARG A 332 30.60 -25.02 -19.07
C ARG A 332 30.73 -23.52 -18.99
N ASN A 333 29.66 -22.83 -19.39
CA ASN A 333 29.50 -21.37 -19.36
C ASN A 333 29.05 -20.82 -18.01
N ASP A 334 29.64 -19.73 -17.56
CA ASP A 334 29.26 -19.18 -16.28
C ASP A 334 28.87 -17.69 -16.34
N VAL A 335 27.58 -17.41 -16.16
CA VAL A 335 27.10 -16.02 -16.29
C VAL A 335 26.27 -15.57 -15.14
N SER A 336 26.24 -14.26 -14.95
CA SER A 336 25.25 -13.58 -14.11
C SER A 336 23.82 -14.08 -14.29
N ARG A 337 22.98 -13.91 -13.26
CA ARG A 337 21.56 -14.26 -13.34
C ARG A 337 20.78 -13.25 -14.19
N SER A 338 21.37 -12.10 -14.46
CA SER A 338 20.70 -11.13 -15.30
C SER A 338 20.87 -11.45 -16.75
N PHE A 339 21.83 -12.30 -17.06
CA PHE A 339 22.06 -12.62 -18.45
C PHE A 339 20.78 -13.04 -19.23
N ASN A 340 20.56 -12.45 -20.40
CA ASN A 340 19.40 -12.80 -21.22
C ASN A 340 19.75 -12.87 -22.70
N ASN A 341 19.70 -14.08 -23.23
CA ASN A 341 20.14 -14.30 -24.60
C ASN A 341 19.20 -13.71 -25.65
N GLY A 342 17.93 -13.45 -25.30
CA GLY A 342 17.03 -12.78 -26.25
C GLY A 342 17.52 -11.39 -26.71
N ALA A 343 17.16 -11.03 -27.96
CA ALA A 343 17.39 -9.68 -28.49
C ALA A 343 16.39 -8.64 -27.93
N LYS A 344 16.80 -7.37 -27.91
CA LYS A 344 15.90 -6.28 -27.50
C LYS A 344 14.53 -6.35 -28.16
N TRP A 345 14.46 -6.44 -29.49
CA TRP A 345 13.20 -6.50 -30.25
C TRP A 345 12.47 -7.83 -30.17
N SER A 346 13.07 -8.82 -29.51
CA SER A 346 12.54 -10.15 -29.59
C SER A 346 11.30 -10.29 -28.73
N SER A 347 10.26 -10.95 -29.27
CA SER A 347 9.01 -11.00 -28.56
C SER A 347 8.21 -12.26 -28.81
N TRP A 348 7.72 -12.91 -27.77
CA TRP A 348 6.77 -13.99 -28.00
C TRP A 348 5.39 -13.56 -27.47
N GLU A 349 4.78 -12.57 -28.12
CA GLU A 349 3.49 -12.11 -27.61
C GLU A 349 2.36 -13.14 -27.83
N GLN A 350 1.49 -13.31 -26.83
CA GLN A 350 0.51 -14.39 -26.82
C GLN A 350 -0.77 -13.81 -26.36
N TYR A 351 -1.85 -14.06 -27.11
CA TYR A 351 -3.16 -13.51 -26.70
C TYR A 351 -4.25 -14.57 -26.57
N THR A 352 -5.36 -14.26 -25.88
CA THR A 352 -6.45 -15.25 -25.66
C THR A 352 -7.73 -14.46 -25.49
N ARG A 353 -8.83 -14.95 -26.04
CA ARG A 353 -10.17 -14.40 -25.74
C ARG A 353 -11.25 -15.43 -25.87
N THR A 354 -12.30 -15.30 -25.07
CA THR A 354 -13.39 -16.26 -25.08
C THR A 354 -14.71 -15.51 -25.18
N VAL A 355 -15.66 -16.08 -25.91
CA VAL A 355 -16.99 -15.61 -25.78
C VAL A 355 -17.79 -16.82 -25.46
N PHE A 356 -18.66 -16.74 -24.45
CA PHE A 356 -19.39 -17.94 -24.07
C PHE A 356 -20.78 -17.66 -23.64
N ALA A 357 -21.66 -18.63 -23.87
CA ALA A 357 -23.01 -18.57 -23.35
C ALA A 357 -23.37 -19.91 -22.72
N ASN A 358 -24.09 -19.89 -21.60
CA ASN A 358 -24.62 -21.15 -21.06
C ASN A 358 -26.06 -20.96 -20.72
N LEU A 359 -26.81 -22.06 -20.69
CA LEU A 359 -28.23 -22.02 -20.29
C LEU A 359 -28.37 -23.15 -19.31
N GLU A 360 -29.04 -22.90 -18.20
CA GLU A 360 -29.17 -23.92 -17.18
C GLU A 360 -30.56 -23.94 -16.60
N HIS A 361 -31.10 -25.15 -16.51
CA HIS A 361 -32.48 -25.39 -16.16
C HIS A 361 -32.59 -26.42 -15.03
N ASN A 362 -33.47 -26.13 -14.06
CA ASN A 362 -33.83 -27.11 -13.01
C ASN A 362 -35.10 -27.78 -13.38
N PHE A 363 -35.03 -29.09 -13.60
CA PHE A 363 -36.23 -29.84 -13.87
C PHE A 363 -36.88 -30.06 -12.55
N ALA A 364 -38.21 -29.88 -12.53
CA ALA A 364 -39.06 -30.21 -11.40
C ALA A 364 -38.77 -31.65 -10.91
N ASN A 365 -37.82 -32.30 -11.54
CA ASN A 365 -37.29 -33.58 -11.10
C ASN A 365 -36.51 -33.49 -9.81
N GLY A 366 -35.78 -32.39 -9.64
CA GLY A 366 -34.52 -32.42 -8.88
C GLY A 366 -33.31 -32.58 -9.81
N TRP A 367 -33.59 -33.02 -11.03
CA TRP A 367 -32.62 -33.06 -12.09
C TRP A 367 -32.31 -31.65 -12.56
N VAL A 368 -31.14 -31.45 -13.16
CA VAL A 368 -30.76 -30.14 -13.71
C VAL A 368 -30.06 -30.35 -15.01
N GLY A 369 -30.36 -29.49 -15.99
CA GLY A 369 -29.69 -29.52 -17.30
C GLY A 369 -28.86 -28.29 -17.66
N LYS A 370 -27.84 -28.48 -18.48
CA LYS A 370 -26.95 -27.38 -18.80
C LYS A 370 -26.28 -27.47 -20.18
N VAL A 371 -26.42 -26.40 -20.95
CA VAL A 371 -25.83 -26.27 -22.30
C VAL A 371 -24.76 -25.20 -22.23
N GLN A 372 -23.56 -25.54 -22.71
CA GLN A 372 -22.37 -24.64 -22.70
C GLN A 372 -21.79 -24.44 -24.09
N LEU A 373 -21.76 -23.17 -24.50
CA LEU A 373 -21.35 -22.73 -25.83
C LEU A 373 -20.14 -21.83 -25.79
N ASP A 374 -19.08 -22.21 -26.53
CA ASP A 374 -17.82 -21.48 -26.49
C ASP A 374 -17.16 -21.09 -27.78
N HIS A 375 -16.67 -19.87 -27.82
CA HIS A 375 -15.87 -19.47 -28.94
C HIS A 375 -14.58 -19.03 -28.33
N LYS A 376 -13.52 -19.78 -28.56
CA LYS A 376 -12.22 -19.36 -28.02
C LYS A 376 -11.23 -18.98 -29.10
N ILE A 377 -10.47 -17.91 -28.85
CA ILE A 377 -9.29 -17.65 -29.64
C ILE A 377 -7.99 -17.70 -28.85
N ASN A 378 -7.01 -18.49 -29.32
CA ASN A 378 -5.66 -18.52 -28.80
C ASN A 378 -4.73 -18.01 -29.89
N GLY A 379 -4.11 -16.84 -29.72
CA GLY A 379 -3.30 -16.31 -30.80
C GLY A 379 -1.91 -15.96 -30.32
N TYR A 380 -0.96 -15.87 -31.26
CA TYR A 380 0.41 -15.49 -30.98
C TYR A 380 1.04 -14.73 -32.14
N HIS A 381 2.06 -13.91 -31.82
CA HIS A 381 2.83 -13.07 -32.76
C HIS A 381 4.29 -13.12 -32.27
N ALA A 382 5.13 -13.90 -32.94
CA ALA A 382 6.41 -14.27 -32.33
C ALA A 382 7.67 -14.02 -33.19
N PRO A 383 8.10 -12.76 -33.30
CA PRO A 383 9.40 -12.49 -33.85
C PRO A 383 10.53 -12.80 -32.86
N LEU A 384 10.98 -14.01 -32.82
CA LEU A 384 11.96 -14.34 -31.81
C LEU A 384 13.35 -14.12 -32.37
N GLY A 385 14.26 -13.62 -31.54
CA GLY A 385 15.68 -13.63 -31.89
C GLY A 385 16.54 -13.74 -30.65
N ALA A 386 17.46 -14.69 -30.62
CA ALA A 386 18.21 -14.94 -29.42
C ALA A 386 19.48 -15.68 -29.75
N ILE A 387 20.57 -15.35 -29.04
CA ILE A 387 21.84 -16.11 -29.07
C ILE A 387 21.60 -17.58 -28.82
N MET A 388 22.16 -18.43 -29.68
CA MET A 388 21.86 -19.87 -29.69
C MET A 388 23.07 -20.61 -30.25
N GLY A 389 23.37 -21.79 -29.72
CA GLY A 389 24.55 -22.47 -30.16
C GLY A 389 25.64 -22.49 -29.13
N ASP A 390 26.79 -23.03 -29.53
CA ASP A 390 27.96 -23.15 -28.65
C ASP A 390 28.76 -21.85 -28.75
N TRP A 391 28.33 -20.86 -27.97
CA TRP A 391 28.99 -19.56 -27.91
C TRP A 391 29.24 -19.25 -26.46
N PRO A 392 30.09 -18.25 -26.15
CA PRO A 392 30.98 -17.43 -26.98
C PRO A 392 32.08 -18.23 -27.65
N ALA A 393 32.81 -17.59 -28.52
CA ALA A 393 33.97 -18.21 -29.14
C ALA A 393 35.19 -17.50 -28.55
N PRO A 394 36.39 -18.07 -28.76
CA PRO A 394 37.56 -17.53 -28.08
C PRO A 394 37.64 -16.01 -28.13
N ASP A 395 37.15 -15.41 -29.20
CA ASP A 395 37.24 -13.95 -29.28
C ASP A 395 36.02 -13.19 -28.74
N ASN A 396 35.13 -13.88 -28.04
CA ASN A 396 33.96 -13.24 -27.43
C ASN A 396 32.78 -12.88 -28.40
N SER A 397 32.78 -13.47 -29.59
CA SER A 397 31.69 -13.25 -30.51
C SER A 397 30.67 -14.38 -30.37
N ALA A 398 29.46 -14.15 -30.87
CA ALA A 398 28.39 -15.12 -30.74
C ALA A 398 27.45 -15.03 -31.97
N LYS A 399 26.64 -16.06 -32.17
CA LYS A 399 25.68 -16.00 -33.26
C LYS A 399 24.22 -16.11 -32.82
N ILE A 400 23.40 -15.25 -33.41
CA ILE A 400 21.92 -15.24 -33.22
C ILE A 400 21.18 -16.17 -34.20
N VAL A 401 20.22 -16.89 -33.64
CA VAL A 401 19.15 -17.46 -34.44
C VAL A 401 17.90 -16.65 -34.22
N ALA A 402 17.30 -16.28 -35.35
CA ALA A 402 16.14 -15.41 -35.45
C ALA A 402 15.10 -16.01 -36.44
N GLN A 403 13.92 -16.40 -35.94
CA GLN A 403 12.76 -16.90 -36.78
C GLN A 403 11.50 -16.19 -36.32
N LYS A 404 10.43 -16.22 -37.13
CA LYS A 404 9.21 -15.48 -36.82
C LYS A 404 8.01 -16.35 -37.02
N TYR A 405 7.17 -16.51 -36.00
CA TYR A 405 5.93 -17.30 -36.17
C TYR A 405 4.80 -16.39 -35.84
N THR A 406 3.82 -16.24 -36.73
CA THR A 406 2.58 -15.57 -36.32
C THR A 406 1.43 -16.55 -36.54
N GLY A 407 0.35 -16.48 -35.77
CA GLY A 407 -0.75 -17.36 -36.06
C GLY A 407 -1.90 -17.25 -35.10
N GLU A 408 -2.99 -17.95 -35.43
CA GLU A 408 -4.19 -17.89 -34.62
C GLU A 408 -4.91 -19.25 -34.57
N THR A 409 -5.55 -19.54 -33.46
CA THR A 409 -6.42 -20.71 -33.39
C THR A 409 -7.79 -20.27 -32.93
N LYS A 410 -8.82 -20.69 -33.66
CA LYS A 410 -10.23 -20.44 -33.32
C LYS A 410 -10.89 -21.76 -32.99
N SER A 411 -11.60 -21.80 -31.86
CA SER A 411 -12.21 -23.05 -31.36
C SER A 411 -13.66 -22.80 -31.11
N ASN A 412 -14.50 -23.79 -31.40
CA ASN A 412 -15.91 -23.76 -30.96
C ASN A 412 -16.32 -25.00 -30.17
N SER A 413 -16.97 -24.81 -29.04
CA SER A 413 -17.47 -25.97 -28.28
C SER A 413 -18.95 -25.93 -28.01
N LEU A 414 -19.55 -27.13 -28.04
CA LEU A 414 -20.86 -27.38 -27.47
C LEU A 414 -20.62 -28.41 -26.38
N ASP A 415 -21.21 -28.17 -25.21
CA ASP A 415 -21.22 -29.21 -24.17
C ASP A 415 -22.60 -29.32 -23.59
N ILE A 416 -23.19 -30.50 -23.60
CA ILE A 416 -24.48 -30.62 -22.92
C ILE A 416 -24.61 -31.84 -21.97
N TYR A 417 -25.11 -31.62 -20.74
CA TYR A 417 -25.25 -32.69 -19.73
C TYR A 417 -26.49 -32.60 -18.85
N LEU A 418 -26.94 -33.76 -18.40
CA LEU A 418 -28.06 -33.89 -17.52
C LEU A 418 -27.57 -34.50 -16.24
N THR A 419 -27.95 -33.90 -15.12
CA THR A 419 -27.62 -34.47 -13.81
C THR A 419 -28.81 -34.56 -12.83
N GLY A 420 -28.89 -35.74 -12.18
CA GLY A 420 -29.97 -36.04 -11.25
C GLY A 420 -29.78 -37.27 -10.40
N PRO A 421 -30.56 -37.37 -9.32
CA PRO A 421 -30.66 -38.51 -8.42
C PRO A 421 -31.72 -39.50 -8.87
N PHE A 422 -31.62 -40.74 -8.38
CA PHE A 422 -32.57 -41.77 -8.70
C PHE A 422 -32.50 -42.94 -7.71
N GLN A 423 -33.68 -43.50 -7.42
CA GLN A 423 -33.85 -44.65 -6.56
C GLN A 423 -33.58 -45.95 -7.30
N PHE A 424 -32.78 -46.85 -6.73
CA PHE A 424 -32.72 -48.19 -7.31
C PHE A 424 -33.21 -49.26 -6.32
N LEU A 425 -32.35 -49.79 -5.46
CA LEU A 425 -32.81 -50.90 -4.62
C LEU A 425 -33.15 -50.39 -3.23
N GLY A 426 -34.16 -49.50 -3.16
CA GLY A 426 -34.44 -48.75 -1.93
C GLY A 426 -33.46 -47.64 -1.55
N ARG A 427 -32.42 -47.37 -2.33
CA ARG A 427 -31.49 -46.33 -1.93
C ARG A 427 -31.31 -45.25 -3.01
N GLU A 428 -30.71 -44.11 -2.63
CA GLU A 428 -30.54 -42.98 -3.53
C GLU A 428 -29.17 -42.89 -4.17
N HIS A 429 -29.19 -42.85 -5.51
CA HIS A 429 -27.97 -42.70 -6.28
C HIS A 429 -28.10 -41.46 -7.19
N GLU A 430 -27.02 -41.10 -7.88
CA GLU A 430 -27.04 -40.02 -8.87
C GLU A 430 -26.31 -40.42 -10.18
N LEU A 431 -26.51 -39.65 -11.26
CA LEU A 431 -26.03 -39.96 -12.61
C LEU A 431 -25.76 -38.66 -13.31
N VAL A 432 -24.71 -38.63 -14.14
CA VAL A 432 -24.48 -37.56 -15.10
C VAL A 432 -24.41 -38.20 -16.47
N VAL A 433 -25.13 -37.65 -17.42
CA VAL A 433 -24.98 -38.10 -18.79
C VAL A 433 -24.79 -36.84 -19.60
N GLY A 434 -23.82 -36.88 -20.49
CA GLY A 434 -23.51 -35.68 -21.25
C GLY A 434 -22.81 -36.03 -22.51
N THR A 435 -22.85 -35.11 -23.46
CA THR A 435 -22.24 -35.31 -24.74
C THR A 435 -21.51 -34.04 -25.05
N SER A 436 -20.45 -34.12 -25.85
CA SER A 436 -19.66 -32.91 -26.17
C SER A 436 -19.08 -32.92 -27.59
N ALA A 437 -18.84 -31.73 -28.12
CA ALA A 437 -18.35 -31.52 -29.49
C ALA A 437 -17.42 -30.33 -29.54
N SER A 438 -16.20 -30.50 -30.07
CA SER A 438 -15.30 -29.37 -30.27
C SER A 438 -14.58 -29.40 -31.63
N PHE A 439 -14.38 -28.20 -32.18
CA PHE A 439 -13.87 -28.02 -33.51
C PHE A 439 -12.94 -26.87 -33.32
N SER A 440 -11.66 -27.06 -33.62
CA SER A 440 -10.70 -25.96 -33.53
C SER A 440 -9.75 -26.03 -34.70
N HIS A 441 -9.29 -24.85 -35.11
CA HIS A 441 -8.68 -24.66 -36.41
C HIS A 441 -7.49 -23.74 -36.23
N TRP A 442 -6.29 -24.30 -36.28
CA TRP A 442 -5.04 -23.52 -36.16
C TRP A 442 -4.63 -23.06 -37.53
N GLU A 443 -4.36 -21.77 -37.68
CA GLU A 443 -3.81 -21.21 -38.93
C GLU A 443 -2.62 -20.33 -38.65
N GLY A 444 -1.57 -20.42 -39.46
CA GLY A 444 -0.42 -19.57 -39.20
C GLY A 444 0.55 -19.45 -40.33
N LYS A 445 1.58 -18.66 -40.10
CA LYS A 445 2.60 -18.34 -41.09
C LYS A 445 3.93 -18.45 -40.38
N SER A 446 4.90 -19.06 -41.04
CA SER A 446 6.25 -19.09 -40.48
C SER A 446 7.26 -18.35 -41.39
N TYR A 447 8.24 -17.68 -40.81
CA TYR A 447 9.24 -16.98 -41.58
C TYR A 447 10.56 -17.47 -41.10
N TRP A 448 11.31 -18.18 -41.94
CA TRP A 448 12.68 -18.51 -41.62
C TRP A 448 13.68 -18.18 -42.70
N ASN A 449 13.23 -17.72 -43.86
CA ASN A 449 14.19 -17.30 -44.94
C ASN A 449 14.63 -15.84 -44.85
N LEU A 450 15.48 -15.56 -43.87
CA LEU A 450 15.96 -14.22 -43.66
C LEU A 450 16.77 -13.78 -44.87
N ARG A 451 16.61 -12.52 -45.25
CA ARG A 451 17.24 -11.97 -46.41
C ARG A 451 18.27 -10.97 -45.91
N ASN A 452 19.53 -11.26 -46.20
CA ASN A 452 20.69 -10.37 -46.01
C ASN A 452 20.98 -9.91 -44.59
N TYR A 453 20.76 -10.82 -43.65
CA TYR A 453 21.05 -10.59 -42.24
C TYR A 453 22.48 -11.02 -41.83
N ASP A 454 23.10 -10.18 -41.00
CA ASP A 454 24.37 -10.53 -40.40
C ASP A 454 24.18 -10.84 -38.93
N ASN A 455 24.01 -12.14 -38.66
CA ASN A 455 23.63 -12.62 -37.33
C ASN A 455 24.74 -12.77 -36.26
N THR A 456 25.96 -12.30 -36.54
CA THR A 456 26.97 -12.30 -35.51
C THR A 456 26.89 -11.08 -34.58
N THR A 457 27.27 -11.25 -33.33
CA THR A 457 27.43 -10.16 -32.39
C THR A 457 28.83 -10.26 -31.80
N ASP A 458 29.50 -9.12 -31.72
CA ASP A 458 30.96 -9.02 -31.43
C ASP A 458 31.32 -9.21 -29.93
N ASP A 459 30.33 -9.14 -29.04
CA ASP A 459 30.54 -9.15 -27.58
C ASP A 459 29.50 -9.96 -26.75
N PHE A 460 29.85 -11.18 -26.36
CA PHE A 460 29.00 -12.05 -25.54
C PHE A 460 28.91 -11.71 -24.03
N ILE A 461 30.06 -11.68 -23.37
CA ILE A 461 30.15 -11.39 -21.93
C ILE A 461 29.27 -10.17 -21.61
N ASN A 462 29.21 -9.20 -22.51
CA ASN A 462 28.42 -8.00 -22.25
C ASN A 462 27.16 -7.86 -23.07
N TRP A 463 26.70 -8.96 -23.66
CA TRP A 463 25.45 -8.96 -24.39
C TRP A 463 24.41 -8.16 -23.66
N ASP A 464 23.64 -7.44 -24.45
CA ASP A 464 22.78 -6.40 -24.00
C ASP A 464 21.41 -6.59 -24.72
N GLY A 465 21.36 -7.54 -25.67
CA GLY A 465 20.27 -7.71 -26.64
C GLY A 465 20.32 -6.74 -27.84
N ASP A 466 21.42 -6.01 -27.95
CA ASP A 466 21.47 -4.87 -28.83
C ASP A 466 22.04 -5.28 -30.15
N ILE A 467 21.21 -5.98 -30.92
CA ILE A 467 21.51 -6.43 -32.26
C ILE A 467 20.42 -5.91 -33.20
N GLY A 468 20.73 -5.77 -34.49
CA GLY A 468 19.70 -5.37 -35.47
C GLY A 468 18.57 -6.40 -35.67
N LYS A 469 17.53 -6.01 -36.41
CA LYS A 469 16.34 -6.85 -36.67
C LYS A 469 16.28 -7.33 -38.14
N PRO A 470 16.06 -8.62 -38.39
CA PRO A 470 16.34 -9.00 -39.75
C PRO A 470 15.17 -8.69 -40.75
N ASP A 471 15.43 -8.87 -42.04
CA ASP A 471 14.34 -8.90 -43.00
C ASP A 471 13.82 -10.36 -43.02
N TRP A 472 12.54 -10.53 -42.63
CA TRP A 472 11.97 -11.87 -42.49
C TRP A 472 11.76 -12.52 -43.84
N GLY A 473 11.76 -11.68 -44.88
CA GLY A 473 11.55 -12.15 -46.24
C GLY A 473 10.13 -12.63 -46.32
N THR A 474 9.84 -13.63 -47.14
CA THR A 474 8.44 -14.03 -47.35
C THR A 474 8.00 -15.29 -46.60
N PRO A 475 6.70 -15.49 -46.44
CA PRO A 475 6.42 -16.65 -45.57
C PRO A 475 7.07 -17.94 -46.06
N SER A 476 7.80 -18.60 -45.17
CA SER A 476 8.34 -19.93 -45.44
C SER A 476 7.36 -21.12 -45.42
N GLN A 477 6.22 -20.96 -44.74
CA GLN A 477 5.30 -22.07 -44.51
C GLN A 477 3.91 -21.56 -44.20
N TYR A 478 2.89 -22.32 -44.57
CA TYR A 478 1.51 -22.00 -44.16
C TYR A 478 0.96 -23.16 -43.39
N ILE A 479 0.61 -22.93 -42.12
CA ILE A 479 0.01 -23.92 -41.22
C ILE A 479 -1.48 -23.95 -41.49
N ASP A 480 -2.06 -25.14 -41.38
CA ASP A 480 -3.53 -25.32 -41.39
C ASP A 480 -3.83 -26.70 -40.77
N ASP A 481 -4.42 -26.65 -39.58
CA ASP A 481 -4.61 -27.85 -38.79
C ASP A 481 -6.00 -27.72 -38.21
N LYS A 482 -6.81 -28.76 -38.38
CA LYS A 482 -8.13 -28.80 -37.80
C LYS A 482 -8.24 -30.03 -36.89
N THR A 483 -8.64 -29.84 -35.64
CA THR A 483 -8.95 -30.95 -34.73
C THR A 483 -10.47 -31.04 -34.47
N ARG A 484 -11.03 -32.24 -34.36
CA ARG A 484 -12.45 -32.33 -34.09
C ARG A 484 -12.65 -33.39 -33.00
N GLN A 485 -13.14 -33.00 -31.82
CA GLN A 485 -13.39 -33.98 -30.77
C GLN A 485 -14.87 -34.14 -30.57
N LEU A 486 -15.34 -35.38 -30.53
CA LEU A 486 -16.73 -35.67 -30.16
C LEU A 486 -16.65 -36.61 -29.00
N GLY A 487 -17.38 -36.31 -27.92
CA GLY A 487 -17.34 -37.12 -26.72
C GLY A 487 -18.71 -37.41 -26.19
N SER A 488 -18.84 -38.52 -25.48
CA SER A 488 -20.07 -38.95 -24.77
C SER A 488 -19.70 -39.67 -23.48
N TYR A 489 -20.28 -39.27 -22.37
CA TYR A 489 -19.84 -39.76 -21.07
C TYR A 489 -21.00 -39.96 -20.15
N MET A 490 -20.81 -40.85 -19.18
CA MET A 490 -21.84 -41.26 -18.24
C MET A 490 -21.13 -41.78 -16.98
N THR A 491 -21.32 -41.10 -15.87
CA THR A 491 -20.80 -41.59 -14.62
C THR A 491 -21.99 -41.78 -13.72
N ALA A 492 -22.01 -42.90 -12.96
CA ALA A 492 -23.08 -43.18 -11.99
C ALA A 492 -22.48 -43.38 -10.60
N ARG A 493 -23.10 -42.78 -9.59
CA ARG A 493 -22.59 -42.92 -8.25
C ARG A 493 -23.60 -43.67 -7.38
N PHE A 494 -23.28 -44.90 -6.96
CA PHE A 494 -24.23 -45.75 -6.27
C PHE A 494 -23.93 -45.73 -4.79
N ASN A 495 -24.96 -45.47 -4.00
CA ASN A 495 -24.82 -45.55 -2.59
C ASN A 495 -25.14 -47.01 -2.13
N VAL A 496 -24.14 -47.87 -2.11
CA VAL A 496 -24.42 -49.29 -1.95
C VAL A 496 -24.79 -49.65 -0.49
N THR A 497 -24.00 -49.19 0.47
CA THR A 497 -24.38 -49.28 1.88
C THR A 497 -24.23 -47.88 2.46
N ASP A 498 -24.35 -47.76 3.77
CA ASP A 498 -24.15 -46.50 4.47
C ASP A 498 -22.68 -46.16 4.55
N ASP A 499 -21.77 -47.08 4.20
CA ASP A 499 -20.36 -46.67 4.15
C ASP A 499 -19.69 -46.85 2.81
N LEU A 500 -20.41 -47.30 1.79
CA LEU A 500 -19.72 -47.66 0.55
C LEU A 500 -20.35 -47.05 -0.68
N ASN A 501 -19.61 -46.18 -1.39
CA ASN A 501 -20.08 -45.60 -2.65
C ASN A 501 -19.26 -46.04 -3.83
N LEU A 502 -19.96 -46.60 -4.81
CA LEU A 502 -19.34 -47.17 -5.99
C LEU A 502 -19.52 -46.24 -7.18
N PHE A 503 -18.44 -45.99 -7.92
CA PHE A 503 -18.45 -45.15 -9.12
C PHE A 503 -18.28 -46.01 -10.36
N LEU A 504 -19.19 -45.88 -11.30
CA LEU A 504 -19.08 -46.61 -12.57
C LEU A 504 -19.46 -45.68 -13.68
N GLY A 505 -18.52 -45.45 -14.59
CA GLY A 505 -18.84 -44.83 -15.87
C GLY A 505 -17.75 -44.85 -16.91
N GLY A 506 -17.89 -44.00 -17.92
CA GLY A 506 -16.85 -43.77 -18.90
C GLY A 506 -17.25 -42.80 -20.01
N ARG A 507 -16.30 -42.52 -20.91
CA ARG A 507 -16.45 -41.63 -22.03
C ARG A 507 -16.26 -42.46 -23.29
N VAL A 508 -17.08 -42.25 -24.32
CA VAL A 508 -16.77 -42.76 -25.68
C VAL A 508 -16.37 -41.55 -26.56
N VAL A 509 -15.33 -41.71 -27.38
CA VAL A 509 -14.55 -40.57 -27.93
C VAL A 509 -14.16 -40.77 -29.39
N ASP A 510 -14.33 -39.72 -30.18
CA ASP A 510 -14.01 -39.74 -31.60
C ASP A 510 -13.14 -38.50 -31.89
N TYR A 511 -11.97 -38.72 -32.47
CA TYR A 511 -10.95 -37.68 -32.57
C TYR A 511 -10.34 -37.71 -33.96
N ARG A 512 -10.50 -36.61 -34.70
CA ARG A 512 -10.07 -36.53 -36.10
C ARG A 512 -9.17 -35.30 -36.20
N VAL A 513 -7.95 -35.51 -36.70
CA VAL A 513 -7.04 -34.38 -36.95
C VAL A 513 -6.58 -34.33 -38.38
N THR A 514 -6.94 -33.19 -38.97
CA THR A 514 -7.12 -32.95 -40.39
C THR A 514 -6.41 -31.66 -40.79
N GLY A 515 -5.89 -31.62 -42.00
CA GLY A 515 -5.11 -30.47 -42.43
C GLY A 515 -3.96 -30.84 -43.33
N LEU A 516 -2.78 -30.27 -43.11
CA LEU A 516 -1.67 -30.51 -44.05
C LEU A 516 -0.90 -31.81 -43.76
N ASN A 517 -1.22 -32.48 -42.66
CA ASN A 517 -0.66 -33.80 -42.48
C ASN A 517 -1.66 -34.86 -42.92
N PRO A 518 -1.24 -36.15 -42.93
CA PRO A 518 -2.25 -37.17 -43.26
C PRO A 518 -3.18 -37.32 -42.07
N THR A 519 -4.48 -37.25 -42.35
CA THR A 519 -5.57 -37.47 -41.41
C THR A 519 -5.20 -38.42 -40.26
N ILE A 520 -5.52 -38.01 -39.04
CA ILE A 520 -5.38 -38.87 -37.89
C ILE A 520 -6.76 -39.13 -37.30
N ARG A 521 -7.27 -40.35 -37.40
CA ARG A 521 -8.62 -40.71 -36.89
C ARG A 521 -8.46 -41.69 -35.74
N GLU A 522 -9.44 -41.66 -34.83
CA GLU A 522 -9.66 -42.69 -33.82
C GLU A 522 -11.18 -42.73 -33.55
N SER A 523 -11.92 -43.69 -34.07
CA SER A 523 -13.36 -43.79 -33.83
C SER A 523 -13.61 -44.57 -32.57
N GLY A 524 -14.73 -44.29 -31.90
CA GLY A 524 -15.25 -45.16 -30.81
C GLY A 524 -14.34 -45.66 -29.69
N ARG A 525 -13.34 -44.88 -29.28
CA ARG A 525 -12.51 -45.24 -28.12
C ARG A 525 -13.20 -45.08 -26.75
N PHE A 526 -13.20 -46.16 -25.96
CA PHE A 526 -13.83 -46.14 -24.66
C PHE A 526 -12.83 -45.84 -23.56
N ILE A 527 -13.14 -44.85 -22.74
CA ILE A 527 -12.34 -44.58 -21.56
C ILE A 527 -13.09 -44.96 -20.28
N PRO A 528 -12.65 -46.03 -19.59
CA PRO A 528 -13.38 -46.49 -18.38
C PRO A 528 -13.15 -45.65 -17.13
N TYR A 529 -14.04 -45.81 -16.16
CA TYR A 529 -13.93 -45.11 -14.88
C TYR A 529 -14.49 -46.00 -13.79
N VAL A 530 -13.59 -46.44 -12.91
CA VAL A 530 -13.97 -47.28 -11.78
C VAL A 530 -13.41 -46.69 -10.47
N GLY A 531 -14.31 -46.50 -9.52
CA GLY A 531 -13.91 -45.88 -8.27
C GLY A 531 -14.80 -46.42 -7.18
N ALA A 532 -14.27 -46.43 -5.95
CA ALA A 532 -15.03 -46.72 -4.75
C ALA A 532 -14.46 -45.96 -3.55
N VAL A 533 -15.36 -45.58 -2.62
CA VAL A 533 -15.01 -44.87 -1.37
C VAL A 533 -15.68 -45.59 -0.19
N TYR A 534 -14.84 -46.10 0.70
CA TYR A 534 -15.28 -46.79 1.91
C TYR A 534 -15.05 -45.99 3.21
N ASP A 535 -16.11 -45.66 3.94
CA ASP A 535 -15.98 -44.87 5.21
C ASP A 535 -15.57 -45.74 6.42
N LEU A 536 -14.62 -45.25 7.21
CA LEU A 536 -14.09 -46.01 8.32
C LEU A 536 -14.66 -45.51 9.60
N ASN A 537 -14.46 -44.25 9.95
CA ASN A 537 -15.20 -43.69 11.07
C ASN A 537 -15.78 -42.38 10.58
N ASP A 538 -16.26 -41.56 11.52
CA ASP A 538 -16.71 -40.23 11.19
C ASP A 538 -15.55 -39.45 10.61
N THR A 539 -14.30 -39.87 10.83
CA THR A 539 -13.16 -39.08 10.28
C THR A 539 -12.56 -39.52 8.94
N TYR A 540 -12.29 -40.82 8.79
CA TYR A 540 -11.48 -41.31 7.69
C TYR A 540 -12.30 -42.14 6.72
N SER A 541 -11.94 -42.09 5.44
CA SER A 541 -12.43 -43.03 4.45
C SER A 541 -11.24 -43.54 3.66
N VAL A 542 -11.32 -44.78 3.18
CA VAL A 542 -10.42 -45.22 2.13
C VAL A 542 -11.15 -45.30 0.81
N TYR A 543 -10.35 -45.31 -0.28
CA TYR A 543 -10.82 -45.21 -1.65
C TYR A 543 -9.80 -45.79 -2.64
N ALA A 544 -10.32 -46.14 -3.80
CA ALA A 544 -9.57 -46.80 -4.85
C ALA A 544 -10.21 -46.37 -6.13
N SER A 545 -9.38 -46.14 -7.14
CA SER A 545 -9.92 -45.86 -8.47
C SER A 545 -8.98 -46.37 -9.53
N TYR A 546 -9.55 -46.72 -10.69
CA TYR A 546 -8.87 -47.10 -11.93
C TYR A 546 -9.39 -46.11 -12.99
N THR A 547 -8.46 -45.35 -13.55
CA THR A 547 -8.74 -44.22 -14.46
C THR A 547 -7.88 -44.26 -15.71
N ASP A 548 -8.40 -43.69 -16.80
CA ASP A 548 -7.73 -43.76 -18.11
C ASP A 548 -7.63 -42.44 -18.90
N ILE A 549 -6.75 -42.45 -19.90
CA ILE A 549 -6.63 -41.36 -20.86
C ILE A 549 -5.71 -41.77 -22.00
N PHE A 550 -5.89 -41.12 -23.14
CA PHE A 550 -5.03 -41.25 -24.31
C PHE A 550 -4.96 -39.96 -25.12
N MET A 551 -3.96 -39.89 -25.98
CA MET A 551 -3.74 -38.75 -26.81
C MET A 551 -3.20 -39.35 -28.09
N PRO A 552 -3.91 -39.17 -29.23
CA PRO A 552 -3.40 -39.55 -30.50
C PRO A 552 -2.23 -38.69 -30.76
N GLN A 553 -1.23 -39.30 -31.37
CA GLN A 553 0.10 -38.73 -31.43
C GLN A 553 0.29 -37.58 -32.43
N ASP A 554 1.32 -36.76 -32.28
CA ASP A 554 1.65 -35.78 -33.29
C ASP A 554 2.05 -36.44 -34.58
N SER A 555 1.76 -35.78 -35.69
CA SER A 555 1.84 -36.42 -36.95
C SER A 555 3.26 -36.88 -37.29
N TRP A 556 4.24 -36.50 -36.49
CA TRP A 556 5.58 -36.81 -36.91
C TRP A 556 6.19 -37.90 -36.06
N TYR A 557 5.37 -38.39 -35.15
CA TYR A 557 5.69 -39.58 -34.39
C TYR A 557 5.35 -40.83 -35.19
N ARG A 558 6.10 -41.05 -36.27
CA ARG A 558 5.93 -42.25 -37.12
C ARG A 558 7.04 -43.32 -36.91
N ASP A 559 6.86 -44.51 -37.48
CA ASP A 559 7.80 -45.58 -37.26
C ASP A 559 8.61 -45.95 -38.48
N SER A 560 9.56 -46.88 -38.29
CA SER A 560 10.23 -47.66 -39.31
C SER A 560 9.48 -47.64 -40.63
N SER A 561 8.18 -47.92 -40.57
CA SER A 561 7.38 -48.16 -41.77
C SER A 561 6.69 -46.90 -42.24
N ASN A 562 6.92 -45.78 -41.57
CA ASN A 562 6.18 -44.55 -41.86
C ASN A 562 4.74 -44.69 -41.37
N LYS A 563 4.54 -45.31 -40.22
CA LYS A 563 3.19 -45.37 -39.65
C LYS A 563 3.10 -44.62 -38.34
N LEU A 564 2.03 -43.84 -38.17
CA LEU A 564 1.86 -43.05 -36.96
C LEU A 564 1.75 -44.03 -35.83
N LEU A 565 2.35 -43.68 -34.68
CA LEU A 565 2.29 -44.59 -33.57
C LEU A 565 0.88 -44.61 -33.06
N GLU A 566 0.45 -45.78 -32.63
CA GLU A 566 -0.74 -45.90 -31.80
C GLU A 566 -0.78 -44.80 -30.68
N PRO A 567 -1.99 -44.38 -30.24
CA PRO A 567 -2.04 -43.21 -29.33
C PRO A 567 -1.39 -43.44 -27.97
N ASP A 568 -0.71 -42.41 -27.47
CA ASP A 568 -0.09 -42.41 -26.15
C ASP A 568 -1.15 -42.52 -25.04
N GLU A 569 -1.28 -43.70 -24.42
CA GLU A 569 -2.28 -43.99 -23.39
C GLU A 569 -1.65 -44.08 -22.00
N GLY A 570 -2.46 -43.98 -20.95
CA GLY A 570 -2.02 -44.39 -19.62
C GLY A 570 -3.17 -44.72 -18.68
N GLN A 571 -2.90 -45.53 -17.65
CA GLN A 571 -3.90 -45.81 -16.64
C GLN A 571 -3.33 -45.48 -15.27
N ASN A 572 -4.11 -44.79 -14.46
CA ASN A 572 -3.74 -44.50 -13.07
C ASN A 572 -4.40 -45.52 -12.13
N TYR A 573 -3.61 -46.15 -11.26
CA TYR A 573 -4.11 -47.06 -10.22
C TYR A 573 -3.86 -46.34 -8.91
N GLU A 574 -4.88 -46.22 -8.09
CA GLU A 574 -4.72 -45.39 -6.92
C GLU A 574 -5.46 -46.04 -5.78
N ILE A 575 -4.76 -46.17 -4.65
CA ILE A 575 -5.40 -46.55 -3.39
C ILE A 575 -5.04 -45.48 -2.34
N GLY A 576 -5.99 -45.14 -1.49
CA GLY A 576 -5.73 -44.03 -0.57
C GLY A 576 -6.62 -43.88 0.65
N ILE A 577 -6.21 -43.00 1.55
CA ILE A 577 -7.01 -42.65 2.72
C ILE A 577 -7.13 -41.12 2.80
N LYS A 578 -8.33 -40.66 3.14
CA LYS A 578 -8.66 -39.24 3.19
C LYS A 578 -9.42 -39.03 4.44
N GLY A 579 -9.09 -37.93 5.14
CA GLY A 579 -9.70 -37.63 6.44
C GLY A 579 -10.20 -36.21 6.46
N GLU A 580 -11.31 -36.04 7.17
CA GLU A 580 -12.02 -34.79 7.19
C GLU A 580 -12.23 -34.31 8.62
N TYR A 581 -11.88 -33.08 8.93
CA TYR A 581 -12.01 -32.59 10.32
C TYR A 581 -12.76 -31.28 10.39
N LEU A 582 -13.22 -30.94 11.60
CA LEU A 582 -13.97 -29.71 11.89
C LEU A 582 -15.10 -29.36 10.91
N ASP A 583 -15.97 -30.33 10.60
CA ASP A 583 -17.07 -30.10 9.65
C ASP A 583 -16.56 -29.68 8.26
N GLY A 584 -15.48 -30.29 7.77
CA GLY A 584 -14.93 -29.96 6.46
C GLY A 584 -14.04 -28.72 6.38
N ARG A 585 -13.78 -28.07 7.51
CA ARG A 585 -12.84 -26.98 7.57
C ARG A 585 -11.35 -27.44 7.47
N LEU A 586 -11.09 -28.75 7.61
CA LEU A 586 -9.72 -29.29 7.40
C LEU A 586 -9.74 -30.69 6.75
N ASN A 587 -8.96 -30.84 5.68
CA ASN A 587 -8.91 -32.09 4.87
C ASN A 587 -7.49 -32.68 4.87
N THR A 588 -7.37 -34.01 4.98
CA THR A 588 -6.05 -34.65 4.87
C THR A 588 -6.17 -35.86 3.97
N SER A 589 -5.09 -36.11 3.23
CA SER A 589 -5.00 -37.30 2.40
C SER A 589 -3.59 -37.89 2.30
N LEU A 590 -3.53 -39.22 2.22
CA LEU A 590 -2.30 -39.92 1.86
C LEU A 590 -2.71 -40.89 0.76
N ALA A 591 -2.01 -40.82 -0.37
CA ALA A 591 -2.30 -41.73 -1.52
C ALA A 591 -1.05 -42.46 -2.00
N TYR A 592 -1.30 -43.63 -2.56
CA TYR A 592 -0.28 -44.36 -3.30
C TYR A 592 -0.84 -44.55 -4.72
N PHE A 593 0.00 -44.24 -5.71
CA PHE A 593 -0.46 -44.35 -7.08
C PHE A 593 0.60 -44.96 -7.96
N GLU A 594 0.13 -45.48 -9.08
CA GLU A 594 0.96 -46.12 -10.09
C GLU A 594 0.40 -45.67 -11.45
N ILE A 595 1.25 -45.18 -12.34
CA ILE A 595 0.78 -44.88 -13.71
C ILE A 595 1.37 -45.87 -14.73
N HIS A 596 0.53 -46.53 -15.50
CA HIS A 596 1.04 -47.40 -16.56
C HIS A 596 0.82 -46.73 -17.90
N GLU A 597 1.91 -46.36 -18.58
CA GLU A 597 1.82 -45.75 -19.90
C GLU A 597 2.11 -46.74 -21.01
N GLU A 598 1.26 -46.75 -22.03
CA GLU A 598 1.65 -47.47 -23.21
C GLU A 598 1.71 -46.62 -24.52
N ASN A 599 2.52 -47.09 -25.48
CA ASN A 599 2.92 -46.35 -26.69
C ASN A 599 3.55 -44.98 -26.41
N ARG A 600 4.49 -44.89 -25.50
CA ARG A 600 5.10 -43.58 -25.27
C ARG A 600 6.13 -43.52 -26.36
N ALA A 601 6.03 -42.49 -27.22
CA ALA A 601 6.97 -42.29 -28.33
C ALA A 601 8.38 -42.42 -27.83
N GLU A 602 9.16 -43.38 -28.34
CA GLU A 602 10.61 -43.30 -28.13
C GLU A 602 11.39 -43.28 -29.44
N GLU A 603 12.21 -42.24 -29.57
CA GLU A 603 13.26 -42.13 -30.55
C GLU A 603 13.43 -43.26 -31.58
N ASP A 604 14.01 -44.43 -31.26
CA ASP A 604 14.44 -45.44 -32.31
C ASP A 604 15.86 -45.19 -32.84
N ALA A 605 16.85 -45.53 -32.03
CA ALA A 605 18.21 -45.10 -32.28
C ALA A 605 18.76 -45.92 -33.44
N LEU A 606 18.52 -47.23 -33.40
CA LEU A 606 19.12 -48.14 -34.33
C LEU A 606 18.76 -47.77 -35.75
N TYR A 607 17.46 -47.54 -36.01
CA TYR A 607 17.02 -47.00 -37.32
C TYR A 607 17.61 -45.65 -37.60
N ASN A 608 17.32 -44.68 -36.73
CA ASN A 608 17.78 -43.30 -36.94
C ASN A 608 19.29 -43.13 -37.12
N SER A 609 20.08 -44.10 -36.68
CA SER A 609 21.50 -43.95 -36.88
C SER A 609 21.88 -44.07 -38.35
N LYS A 610 20.91 -44.40 -39.21
CA LYS A 610 21.13 -44.53 -40.66
C LYS A 610 19.82 -44.98 -41.35
N PRO A 611 18.89 -44.01 -41.55
CA PRO A 611 17.56 -44.19 -42.14
C PRO A 611 17.57 -44.82 -43.51
N THR A 612 16.43 -45.40 -43.86
CA THR A 612 16.25 -46.33 -44.97
C THR A 612 14.86 -46.02 -45.62
N ASN A 613 14.33 -44.85 -45.31
CA ASN A 613 13.10 -44.37 -45.85
C ASN A 613 13.01 -42.87 -45.68
N PRO A 614 13.27 -42.11 -46.78
CA PRO A 614 13.21 -40.64 -46.79
C PRO A 614 11.85 -40.05 -46.37
N ALA A 615 10.83 -40.90 -46.34
CA ALA A 615 9.56 -40.43 -45.81
C ALA A 615 9.62 -40.27 -44.28
N ILE A 616 10.28 -41.20 -43.57
CA ILE A 616 10.64 -40.99 -42.13
C ILE A 616 12.14 -41.05 -41.87
N THR A 617 12.66 -39.88 -41.56
CA THR A 617 14.08 -39.66 -41.50
C THR A 617 14.41 -39.77 -40.03
N TYR A 618 13.37 -39.76 -39.21
CA TYR A 618 13.55 -39.84 -37.79
C TYR A 618 12.33 -40.58 -37.23
N ALA A 619 12.42 -41.92 -37.22
CA ALA A 619 11.26 -42.75 -36.91
C ALA A 619 11.23 -42.86 -35.45
N TYR A 620 10.09 -43.24 -34.87
CA TYR A 620 10.00 -43.57 -33.46
C TYR A 620 9.57 -45.00 -33.22
N LYS A 621 9.40 -45.29 -31.94
CA LYS A 621 9.08 -46.61 -31.41
C LYS A 621 8.10 -46.30 -30.26
N GLY A 622 6.99 -47.02 -30.22
CA GLY A 622 6.00 -46.83 -29.18
C GLY A 622 6.30 -47.74 -28.01
N ILE A 623 6.73 -47.19 -26.88
CA ILE A 623 7.08 -48.03 -25.69
C ILE A 623 6.14 -47.98 -24.47
N LYS A 624 6.66 -48.40 -23.32
CA LYS A 624 5.90 -48.47 -22.10
C LYS A 624 6.71 -47.82 -21.01
N ALA A 625 6.02 -47.28 -20.02
CA ALA A 625 6.67 -46.58 -18.90
C ALA A 625 5.80 -46.71 -17.66
N LYS A 626 6.40 -46.58 -16.50
CA LYS A 626 5.70 -46.77 -15.24
C LYS A 626 6.03 -45.64 -14.27
N THR A 627 5.01 -45.04 -13.70
CA THR A 627 5.23 -44.20 -12.55
C THR A 627 4.84 -44.99 -11.31
N LYS A 628 5.75 -45.04 -10.34
CA LYS A 628 5.42 -45.47 -8.97
C LYS A 628 5.69 -44.29 -8.01
N GLY A 629 4.77 -44.05 -7.08
CA GLY A 629 4.86 -42.96 -6.12
C GLY A 629 3.72 -42.85 -5.12
N TYR A 630 3.92 -41.95 -4.16
CA TYR A 630 2.94 -41.66 -3.14
C TYR A 630 2.89 -40.17 -2.78
N GLU A 631 1.73 -39.72 -2.29
CA GLU A 631 1.51 -38.30 -2.03
C GLU A 631 0.71 -38.04 -0.74
N ALA A 632 1.15 -37.07 0.05
CA ALA A 632 0.44 -36.64 1.29
C ALA A 632 0.18 -35.18 1.27
N GLU A 633 -1.04 -34.80 1.62
CA GLU A 633 -1.36 -33.38 1.68
C GLU A 633 -2.39 -33.03 2.73
N ILE A 634 -2.40 -31.78 3.13
CA ILE A 634 -3.30 -31.28 4.14
C ILE A 634 -3.61 -29.81 3.78
N SER A 635 -4.84 -29.35 4.08
CA SER A 635 -5.25 -27.94 3.82
C SER A 635 -6.46 -27.57 4.65
N GLY A 636 -6.47 -26.31 5.08
CA GLY A 636 -7.52 -25.82 5.94
C GLY A 636 -7.06 -25.23 7.26
N GLU A 637 -7.97 -25.25 8.24
CA GLU A 637 -7.76 -24.74 9.58
C GLU A 637 -7.01 -25.74 10.46
N LEU A 638 -5.84 -25.33 10.95
CA LEU A 638 -5.14 -26.05 12.00
C LEU A 638 -5.64 -25.59 13.39
N ALA A 639 -5.98 -24.30 13.50
CA ALA A 639 -6.57 -23.71 14.70
C ALA A 639 -7.33 -22.43 14.28
N PRO A 640 -8.18 -21.87 15.19
CA PRO A 640 -9.02 -20.76 14.70
C PRO A 640 -8.37 -19.68 13.81
N GLY A 641 -7.34 -18.96 14.20
CA GLY A 641 -6.91 -18.09 13.08
C GLY A 641 -5.92 -18.63 12.03
N TRP A 642 -5.72 -19.94 11.96
CA TRP A 642 -4.48 -20.48 11.41
C TRP A 642 -4.84 -21.39 10.28
N GLN A 643 -4.35 -21.07 9.07
CA GLN A 643 -4.62 -21.84 7.88
C GLN A 643 -3.33 -22.33 7.27
N VAL A 644 -3.35 -23.57 6.77
CA VAL A 644 -2.28 -24.09 5.93
C VAL A 644 -2.78 -24.77 4.70
N GLN A 645 -1.83 -24.94 3.74
CA GLN A 645 -1.87 -25.95 2.67
C GLN A 645 -0.47 -26.48 2.44
N ALA A 646 -0.33 -27.81 2.42
CA ALA A 646 1.00 -28.44 2.41
C ALA A 646 0.86 -29.81 1.77
N GLY A 647 1.91 -30.27 1.10
CA GLY A 647 1.87 -31.63 0.57
C GLY A 647 3.25 -32.21 0.50
N TYR A 648 3.32 -33.51 0.23
CA TYR A 648 4.60 -34.12 0.02
C TYR A 648 4.42 -35.19 -1.05
N THR A 649 5.19 -35.09 -2.12
CA THR A 649 5.09 -36.12 -3.15
C THR A 649 6.39 -36.86 -3.51
N HIS A 650 6.32 -38.18 -3.55
CA HIS A 650 7.45 -38.96 -4.01
C HIS A 650 7.15 -39.72 -5.33
N LYS A 651 8.09 -39.68 -6.30
CA LYS A 651 7.92 -40.37 -7.58
C LYS A 651 9.21 -40.91 -8.20
N ILE A 652 9.10 -42.04 -8.88
CA ILE A 652 10.10 -42.38 -9.89
C ILE A 652 9.31 -42.87 -11.09
N ILE A 653 9.69 -42.36 -12.27
CA ILE A 653 9.16 -42.89 -13.52
C ILE A 653 10.27 -43.50 -14.42
N ARG A 654 10.08 -44.77 -14.78
CA ARG A 654 11.00 -45.48 -15.70
C ARG A 654 10.28 -45.96 -16.95
N ASP A 655 11.04 -46.27 -18.00
CA ASP A 655 10.51 -47.03 -19.15
C ASP A 655 10.95 -48.50 -19.03
N ASP A 656 10.09 -49.41 -19.51
CA ASP A 656 10.20 -50.90 -19.38
C ASP A 656 11.65 -51.59 -19.46
N SER A 657 12.60 -50.91 -20.15
CA SER A 657 14.07 -51.20 -20.11
C SER A 657 14.58 -51.11 -18.68
N GLY A 658 14.62 -49.86 -18.19
CA GLY A 658 14.75 -49.57 -16.77
C GLY A 658 15.14 -48.14 -16.50
N LYS A 659 15.47 -47.39 -17.54
CA LYS A 659 16.05 -46.05 -17.31
C LYS A 659 15.09 -45.00 -16.71
N LYS A 660 15.61 -44.26 -15.74
CA LYS A 660 14.86 -43.18 -15.15
C LYS A 660 14.57 -42.12 -16.17
N VAL A 661 13.30 -41.73 -16.24
CA VAL A 661 12.86 -40.76 -17.21
C VAL A 661 12.33 -39.52 -16.45
N SER A 662 12.05 -38.41 -17.12
CA SER A 662 11.71 -37.11 -16.45
C SER A 662 12.59 -36.84 -15.23
N THR A 663 13.87 -36.95 -15.44
CA THR A 663 14.82 -36.90 -14.36
C THR A 663 15.02 -35.47 -13.85
N TRP A 664 14.25 -34.53 -14.41
CA TRP A 664 14.38 -33.11 -14.07
C TRP A 664 13.35 -32.72 -13.07
N GLU A 665 12.17 -33.33 -13.18
CA GLU A 665 11.19 -33.39 -12.11
C GLU A 665 11.93 -34.11 -10.99
N PRO A 666 11.94 -33.55 -9.77
CA PRO A 666 12.66 -34.18 -8.66
C PRO A 666 11.90 -35.38 -8.11
N GLN A 667 12.60 -36.29 -7.41
CA GLN A 667 11.98 -37.55 -6.98
C GLN A 667 11.17 -37.33 -5.74
N ASP A 668 11.53 -36.26 -5.04
CA ASP A 668 10.90 -35.90 -3.79
C ASP A 668 10.66 -34.40 -3.76
N GLN A 669 9.44 -34.03 -3.39
CA GLN A 669 9.10 -32.62 -3.17
C GLN A 669 8.16 -32.42 -1.98
N LEU A 670 8.20 -31.18 -1.48
CA LEU A 670 7.46 -30.77 -0.31
C LEU A 670 7.11 -29.33 -0.46
N SER A 671 5.83 -29.00 -0.22
CA SER A 671 5.32 -27.62 -0.05
C SER A 671 4.57 -27.43 1.25
N LEU A 672 4.80 -26.29 1.89
CA LEU A 672 4.01 -25.84 3.04
C LEU A 672 3.77 -24.33 3.03
N TYR A 673 2.52 -23.95 2.97
CA TYR A 673 2.21 -22.54 3.02
C TYR A 673 1.24 -22.23 4.12
N THR A 674 1.48 -21.15 4.83
CA THR A 674 0.62 -20.92 5.97
C THR A 674 0.46 -19.43 6.26
N SER A 675 -0.70 -19.09 6.83
CA SER A 675 -0.85 -17.78 7.48
C SER A 675 -1.70 -17.91 8.72
N TYR A 676 -1.56 -16.87 9.54
CA TYR A 676 -2.13 -16.74 10.87
C TYR A 676 -2.74 -15.36 11.05
N LYS A 677 -4.01 -15.30 11.47
CA LYS A 677 -4.68 -14.03 11.77
C LYS A 677 -4.69 -13.88 13.27
N PHE A 678 -4.05 -12.82 13.81
CA PHE A 678 -4.02 -12.60 15.27
C PHE A 678 -5.42 -12.32 15.82
N LYS A 679 -5.64 -12.64 17.09
CA LYS A 679 -6.90 -12.24 17.70
C LYS A 679 -6.67 -11.13 18.76
N GLY A 680 -7.73 -10.52 19.28
CA GLY A 680 -7.60 -9.37 20.19
C GLY A 680 -6.96 -8.07 19.67
N ALA A 681 -5.93 -7.61 20.38
CA ALA A 681 -5.33 -6.31 20.10
C ALA A 681 -4.74 -6.25 18.68
N LEU A 682 -4.26 -7.38 18.16
CA LEU A 682 -3.60 -7.43 16.86
C LEU A 682 -4.51 -8.03 15.79
N ASP A 683 -5.83 -7.88 15.91
CA ASP A 683 -6.70 -8.68 15.06
C ASP A 683 -6.84 -8.18 13.64
N LYS A 684 -6.11 -7.10 13.34
CA LYS A 684 -6.10 -6.53 12.00
C LYS A 684 -4.79 -6.96 11.25
N LEU A 685 -3.91 -7.67 11.94
CA LEU A 685 -2.65 -8.15 11.37
C LEU A 685 -2.72 -9.63 10.95
N THR A 686 -2.35 -9.94 9.71
CA THR A 686 -2.27 -11.32 9.26
C THR A 686 -0.84 -11.55 8.79
N VAL A 687 -0.26 -12.65 9.26
CA VAL A 687 1.15 -12.94 9.06
C VAL A 687 1.26 -14.31 8.40
N GLY A 688 2.31 -14.50 7.60
CA GLY A 688 2.30 -15.64 6.70
C GLY A 688 3.65 -15.98 6.17
N GLY A 689 3.86 -17.26 5.92
CA GLY A 689 5.14 -17.64 5.39
C GLY A 689 4.95 -18.93 4.69
N GLY A 690 6.00 -19.37 4.01
CA GLY A 690 5.96 -20.68 3.39
C GLY A 690 7.30 -21.11 2.90
N ALA A 691 7.37 -22.40 2.56
CA ALA A 691 8.62 -23.03 2.11
C ALA A 691 8.32 -24.06 1.04
N ARG A 692 9.24 -24.22 0.10
CA ARG A 692 9.09 -25.31 -0.86
C ARG A 692 10.46 -25.93 -0.89
N TRP A 693 10.52 -27.24 -0.73
CA TRP A 693 11.77 -27.98 -0.91
C TRP A 693 11.66 -29.02 -1.99
N GLN A 694 12.75 -29.24 -2.70
CA GLN A 694 12.80 -30.37 -3.62
C GLN A 694 14.17 -31.03 -3.63
N GLY A 695 14.20 -32.31 -4.00
CA GLY A 695 15.43 -33.10 -4.06
C GLY A 695 16.25 -32.94 -5.32
N LYS A 696 17.30 -33.74 -5.47
CA LYS A 696 18.18 -33.75 -6.64
C LYS A 696 17.34 -33.76 -7.89
N SER A 697 17.81 -33.04 -8.91
CA SER A 697 17.33 -33.23 -10.29
C SER A 697 18.48 -33.09 -11.33
N TRP A 698 18.39 -33.89 -12.39
CA TRP A 698 19.37 -33.84 -13.44
C TRP A 698 18.84 -34.03 -14.86
N GLN A 699 19.70 -33.62 -15.81
CA GLN A 699 19.55 -33.82 -17.24
C GLN A 699 20.80 -34.45 -17.80
N MET A 700 20.63 -35.33 -18.78
CA MET A 700 21.76 -35.69 -19.67
C MET A 700 21.77 -34.77 -20.90
N VAL A 701 22.87 -34.08 -21.13
CA VAL A 701 22.99 -33.21 -22.29
C VAL A 701 24.31 -33.42 -23.03
N TYR A 702 24.27 -33.32 -24.36
CA TYR A 702 25.43 -33.60 -25.20
C TYR A 702 26.30 -32.38 -25.36
N ASN A 703 27.57 -32.53 -25.05
CA ASN A 703 28.56 -31.47 -25.23
C ASN A 703 29.14 -31.72 -26.61
N ASN A 704 28.55 -31.05 -27.58
CA ASN A 704 28.95 -31.25 -28.97
C ASN A 704 30.45 -30.95 -29.31
N PRO A 705 31.02 -29.81 -28.83
CA PRO A 705 32.44 -29.54 -29.08
C PRO A 705 33.43 -30.54 -28.45
N ARG A 706 32.92 -31.45 -27.61
CA ARG A 706 33.79 -32.39 -26.95
C ARG A 706 33.27 -33.80 -27.11
N SER A 707 32.16 -33.93 -27.81
CA SER A 707 31.67 -35.22 -28.34
C SER A 707 31.36 -36.25 -27.27
N ARG A 708 30.86 -35.77 -26.13
CA ARG A 708 30.58 -36.58 -24.95
C ARG A 708 29.30 -36.07 -24.27
N TRP A 709 28.52 -37.01 -23.73
CA TRP A 709 27.41 -36.68 -22.87
C TRP A 709 27.89 -36.24 -21.47
N GLU A 710 27.10 -35.41 -20.79
CA GLU A 710 27.46 -34.89 -19.48
C GLU A 710 26.22 -34.95 -18.62
N LYS A 711 26.36 -35.05 -17.31
CA LYS A 711 25.19 -35.02 -16.44
C LYS A 711 25.15 -33.63 -15.80
N PHE A 712 24.01 -32.95 -15.87
CA PHE A 712 23.90 -31.68 -15.13
C PHE A 712 23.00 -31.87 -13.93
N SER A 713 23.47 -31.39 -12.75
CA SER A 713 22.77 -31.61 -11.46
C SER A 713 22.34 -30.30 -10.83
N GLN A 714 21.07 -30.25 -10.37
CA GLN A 714 20.61 -29.25 -9.44
C GLN A 714 20.46 -29.93 -8.08
N GLU A 715 21.31 -29.51 -7.15
CA GLU A 715 21.30 -30.03 -5.81
C GLU A 715 20.00 -29.58 -5.13
N ASP A 716 19.37 -30.45 -4.34
CA ASP A 716 18.13 -30.11 -3.62
C ASP A 716 18.26 -28.73 -2.98
N TYR A 717 17.13 -28.03 -2.86
CA TYR A 717 17.17 -26.65 -2.36
C TYR A 717 15.86 -26.25 -1.72
N TRP A 718 15.92 -25.26 -0.85
CA TRP A 718 14.76 -24.66 -0.22
C TRP A 718 14.41 -23.30 -0.90
N LEU A 719 13.13 -22.99 -1.07
CA LEU A 719 12.74 -21.62 -1.24
C LEU A 719 11.79 -21.20 -0.12
N VAL A 720 12.07 -20.07 0.52
CA VAL A 720 11.24 -19.60 1.65
C VAL A 720 10.48 -18.32 1.24
N ASP A 721 9.18 -18.29 1.53
CA ASP A 721 8.36 -17.09 1.32
C ASP A 721 7.90 -16.49 2.67
N LEU A 722 7.66 -15.17 2.68
CA LEU A 722 7.13 -14.47 3.86
C LEU A 722 6.15 -13.43 3.42
N MET A 723 5.30 -13.00 4.33
CA MET A 723 4.05 -12.31 4.00
C MET A 723 3.42 -11.66 5.25
N ALA A 724 2.91 -10.44 5.09
CA ALA A 724 2.16 -9.76 6.13
C ALA A 724 1.10 -8.80 5.50
N ARG A 725 -0.09 -8.78 6.10
CA ARG A 725 -1.15 -7.85 5.68
C ARG A 725 -1.68 -7.18 6.94
N TYR A 726 -2.13 -5.92 6.82
CA TYR A 726 -2.71 -5.18 7.95
C TYR A 726 -3.95 -4.45 7.47
N GLN A 727 -5.10 -4.76 8.08
CA GLN A 727 -6.36 -4.16 7.70
C GLN A 727 -6.48 -2.84 8.45
N ILE A 728 -5.97 -1.77 7.84
CA ILE A 728 -5.89 -0.45 8.49
C ILE A 728 -7.27 0.11 8.74
N THR A 729 -8.21 -0.34 7.93
CA THR A 729 -9.52 0.25 7.84
C THR A 729 -10.50 -0.79 7.32
N ASP A 730 -11.77 -0.65 7.73
CA ASP A 730 -12.84 -1.46 7.14
C ASP A 730 -12.65 -1.69 5.62
N LYS A 731 -12.18 -0.67 4.91
CA LYS A 731 -12.25 -0.62 3.46
C LYS A 731 -10.86 -0.63 2.80
N LEU A 732 -9.82 -0.30 3.55
CA LEU A 732 -8.48 -0.28 2.98
C LEU A 732 -7.45 -1.16 3.72
N SER A 733 -6.66 -1.96 3.00
CA SER A 733 -5.58 -2.73 3.61
C SER A 733 -4.22 -2.60 2.86
N ALA A 734 -3.12 -2.80 3.58
CA ALA A 734 -1.79 -2.86 2.96
C ALA A 734 -1.05 -4.18 3.27
N SER A 735 -0.38 -4.68 2.24
CA SER A 735 0.33 -5.96 2.28
C SER A 735 1.78 -5.82 1.79
N VAL A 736 2.61 -6.79 2.18
CA VAL A 736 3.92 -6.98 1.63
C VAL A 736 4.19 -8.48 1.45
N ASN A 737 4.74 -8.85 0.30
CA ASN A 737 5.24 -10.20 0.08
C ASN A 737 6.76 -10.16 -0.21
N VAL A 738 7.50 -10.99 0.51
CA VAL A 738 8.90 -11.18 0.20
C VAL A 738 9.08 -12.62 -0.29
N ASN A 739 9.59 -12.80 -1.49
CA ASN A 739 9.72 -14.14 -2.07
C ASN A 739 11.15 -14.54 -2.21
N ASN A 740 11.43 -15.84 -2.04
CA ASN A 740 12.81 -16.35 -2.05
C ASN A 740 13.65 -15.50 -1.07
N VAL A 741 13.29 -15.63 0.20
CA VAL A 741 13.84 -14.79 1.28
C VAL A 741 15.36 -14.90 1.38
N PHE A 742 15.91 -16.11 1.30
CA PHE A 742 17.37 -16.29 1.46
C PHE A 742 18.13 -16.19 0.15
N ASP A 743 17.45 -15.65 -0.87
CA ASP A 743 18.04 -15.34 -2.18
C ASP A 743 18.75 -16.53 -2.82
N LYS A 744 18.17 -17.72 -2.67
CA LYS A 744 18.81 -18.92 -3.16
C LYS A 744 18.94 -18.83 -4.68
N THR A 745 20.13 -19.00 -5.22
CA THR A 745 20.21 -18.96 -6.66
C THR A 745 20.16 -20.41 -7.14
N TYR A 746 19.19 -20.76 -7.98
CA TYR A 746 18.99 -22.15 -8.43
C TYR A 746 18.61 -22.10 -9.91
N TYR A 747 18.39 -23.27 -10.52
CA TYR A 747 17.97 -23.41 -11.97
C TYR A 747 16.57 -23.96 -12.19
N THR A 748 15.89 -23.43 -13.19
CA THR A 748 14.56 -23.91 -13.58
C THR A 748 14.58 -24.66 -14.89
N ASN A 749 15.67 -24.55 -15.65
CA ASN A 749 15.89 -25.36 -16.86
C ASN A 749 17.35 -25.65 -16.98
N ILE A 750 17.67 -26.92 -17.21
CA ILE A 750 18.97 -27.28 -17.79
C ILE A 750 18.80 -28.27 -18.90
N GLY A 751 19.28 -27.96 -20.09
CA GLY A 751 19.30 -29.01 -21.11
C GLY A 751 18.30 -28.85 -22.23
N PHE A 752 17.25 -28.06 -21.99
CA PHE A 752 16.31 -27.70 -23.08
C PHE A 752 17.06 -26.94 -24.22
N TYR A 753 17.28 -27.67 -25.32
CA TYR A 753 18.18 -27.25 -26.37
C TYR A 753 19.50 -26.74 -25.81
N THR A 754 20.08 -27.52 -24.89
CA THR A 754 21.44 -27.26 -24.46
C THR A 754 21.57 -25.85 -23.86
N SER A 755 20.63 -25.52 -22.97
CA SER A 755 20.56 -24.16 -22.39
C SER A 755 20.15 -24.23 -20.92
N ALA A 756 20.07 -23.05 -20.28
CA ALA A 756 19.76 -22.93 -18.85
C ALA A 756 19.06 -21.62 -18.48
N SER A 757 18.09 -21.79 -17.59
CA SER A 757 17.35 -20.71 -16.96
C SER A 757 17.49 -20.74 -15.43
N TYR A 758 17.81 -19.59 -14.85
CA TYR A 758 17.73 -19.32 -13.40
C TYR A 758 16.34 -19.01 -12.93
N GLY A 759 15.90 -19.59 -11.83
CA GLY A 759 14.72 -19.11 -11.12
C GLY A 759 14.85 -17.73 -10.48
N ASP A 760 13.70 -17.09 -10.18
CA ASP A 760 13.67 -15.72 -9.63
C ASP A 760 14.55 -15.56 -8.39
N PRO A 761 15.48 -14.59 -8.43
CA PRO A 761 16.06 -14.00 -7.22
C PRO A 761 15.01 -13.42 -6.27
N ARG A 762 15.48 -12.98 -5.08
CA ARG A 762 14.63 -12.49 -4.00
C ARG A 762 13.82 -11.38 -4.58
N ASN A 763 12.54 -11.29 -4.27
CA ASN A 763 11.79 -10.19 -4.77
C ASN A 763 10.68 -9.75 -3.81
N LEU A 764 10.33 -8.48 -3.83
CA LEU A 764 9.28 -8.01 -2.93
C LEU A 764 8.10 -7.48 -3.71
N MET A 765 6.92 -7.50 -3.10
CA MET A 765 5.75 -6.87 -3.70
C MET A 765 4.95 -6.09 -2.64
N PHE A 766 4.76 -4.79 -2.88
CA PHE A 766 3.90 -4.01 -2.00
C PHE A 766 2.55 -3.80 -2.66
N SER A 767 1.48 -3.72 -1.89
CA SER A 767 0.16 -3.48 -2.48
C SER A 767 -0.86 -2.96 -1.49
N THR A 768 -1.89 -2.29 -1.98
CA THR A 768 -3.01 -1.89 -1.18
C THR A 768 -4.23 -2.37 -1.87
N ARG A 769 -5.17 -2.89 -1.12
CA ARG A 769 -6.45 -3.22 -1.66
C ARG A 769 -7.55 -2.33 -1.02
N TRP A 770 -8.44 -1.82 -1.87
CA TRP A 770 -9.55 -1.01 -1.42
C TRP A 770 -10.86 -1.67 -1.79
N ASP A 771 -11.63 -2.15 -0.79
CA ASP A 771 -13.03 -2.70 -0.95
C ASP A 771 -14.10 -1.62 -0.75
N PHE A 772 -14.93 -1.44 -1.77
CA PHE A 772 -16.09 -0.55 -1.65
C PHE A 772 -17.09 -1.40 -0.87
N GLN B 1 26.02 8.49 -10.97
CA GLN B 1 26.63 7.41 -11.81
C GLN B 1 26.31 7.48 -13.33
N GLU B 2 26.88 6.53 -14.07
CA GLU B 2 26.90 6.53 -15.55
C GLU B 2 25.52 6.39 -16.18
N VAL B 3 25.21 7.22 -17.18
CA VAL B 3 23.91 7.15 -17.87
C VAL B 3 24.07 6.74 -19.34
N GLU B 4 23.00 6.19 -19.89
CA GLU B 4 22.96 5.70 -21.26
C GLU B 4 22.34 6.79 -22.12
N PHE B 5 23.09 7.30 -23.11
CA PHE B 5 22.61 8.39 -24.02
C PHE B 5 22.47 8.01 -25.51
N ASP B 6 21.55 8.68 -26.20
CA ASP B 6 21.44 8.60 -27.65
C ASP B 6 20.87 9.91 -28.17
N ILE B 7 21.74 10.87 -28.51
CA ILE B 7 21.31 12.18 -29.01
C ILE B 7 22.10 12.64 -30.27
N PRO B 8 21.49 12.44 -31.45
CA PRO B 8 22.21 12.71 -32.71
C PRO B 8 22.25 14.21 -33.01
N PRO B 9 23.20 14.67 -33.88
CA PRO B 9 23.26 16.08 -34.35
C PRO B 9 21.88 16.62 -34.70
N GLN B 10 21.48 17.70 -34.04
CA GLN B 10 20.16 18.27 -34.21
C GLN B 10 20.17 19.68 -33.67
N ALA B 11 19.02 20.33 -33.73
CA ALA B 11 18.96 21.69 -33.25
C ALA B 11 19.33 21.69 -31.75
N LEU B 12 20.29 22.52 -31.35
CA LEU B 12 20.71 22.59 -29.95
C LEU B 12 19.50 22.58 -28.97
N GLY B 13 18.52 23.44 -29.22
CA GLY B 13 17.37 23.57 -28.36
C GLY B 13 16.75 22.23 -28.04
N SER B 14 16.45 21.42 -29.04
CA SER B 14 15.72 20.20 -28.72
C SER B 14 16.64 19.11 -28.23
N ALA B 15 17.92 19.24 -28.56
CA ALA B 15 18.96 18.36 -28.05
C ALA B 15 18.98 18.49 -26.52
N LEU B 16 19.02 19.74 -26.06
CA LEU B 16 19.07 20.03 -24.63
C LEU B 16 17.88 19.44 -23.87
N GLN B 17 16.69 19.56 -24.45
CA GLN B 17 15.49 19.00 -23.91
C GLN B 17 15.54 17.49 -23.92
N GLU B 18 16.19 16.91 -24.93
CA GLU B 18 16.39 15.44 -24.92
C GLU B 18 17.39 15.04 -23.85
N PHE B 19 18.46 15.82 -23.69
CA PHE B 19 19.41 15.56 -22.63
C PHE B 19 18.74 15.46 -21.28
N GLY B 20 17.76 16.34 -21.06
CA GLY B 20 17.03 16.43 -19.81
C GLY B 20 16.31 15.13 -19.58
N ARG B 21 15.60 14.69 -20.61
CA ARG B 21 14.77 13.49 -20.57
C ARG B 21 15.58 12.24 -20.25
N GLN B 22 16.72 12.08 -20.90
CA GLN B 22 17.55 10.88 -20.77
C GLN B 22 18.37 10.78 -19.46
N ALA B 23 18.63 11.92 -18.83
CA ALA B 23 19.50 11.96 -17.65
C ALA B 23 18.69 12.21 -16.40
N ASP B 24 17.43 12.58 -16.62
CA ASP B 24 16.51 12.96 -15.55
C ASP B 24 17.06 14.11 -14.70
N ILE B 25 17.77 15.04 -15.36
CA ILE B 25 18.32 16.23 -14.71
C ILE B 25 17.77 17.42 -15.54
N GLN B 26 17.31 18.50 -14.90
CA GLN B 26 16.68 19.63 -15.59
C GLN B 26 17.71 20.55 -16.20
N VAL B 27 17.53 20.91 -17.49
CA VAL B 27 18.44 21.81 -18.19
C VAL B 27 17.78 23.16 -18.44
N LEU B 28 18.57 24.22 -18.21
CA LEU B 28 18.11 25.59 -18.33
C LEU B 28 18.92 26.33 -19.38
N TYR B 29 18.21 27.11 -20.19
CA TYR B 29 18.79 27.92 -21.26
C TYR B 29 17.83 29.00 -21.70
N ARG B 30 18.37 30.05 -22.31
CA ARG B 30 17.57 31.08 -22.92
C ARG B 30 17.34 30.59 -24.34
N PRO B 31 16.07 30.46 -24.80
CA PRO B 31 15.88 29.82 -26.12
C PRO B 31 16.50 30.63 -27.23
N GLU B 32 16.52 31.95 -27.07
CA GLU B 32 17.07 32.87 -28.04
C GLU B 32 18.59 32.71 -28.22
N GLU B 33 19.30 32.42 -27.14
CA GLU B 33 20.77 32.25 -27.21
C GLU B 33 21.20 30.94 -27.87
N VAL B 34 20.34 29.95 -27.89
CA VAL B 34 20.64 28.64 -28.51
C VAL B 34 19.92 28.44 -29.86
N ARG B 35 19.34 29.51 -30.39
CA ARG B 35 18.35 29.39 -31.41
C ARG B 35 18.87 28.96 -32.77
N ASN B 36 20.17 29.00 -33.02
CA ASN B 36 20.63 28.53 -34.34
C ASN B 36 21.92 27.79 -34.25
N LYS B 37 21.94 26.80 -33.38
CA LYS B 37 23.15 26.09 -33.07
C LYS B 37 22.84 24.63 -33.23
N ARG B 38 23.91 23.86 -33.41
CA ARG B 38 23.81 22.47 -33.72
C ARG B 38 24.52 21.74 -32.59
N SER B 39 23.87 20.72 -32.03
CA SER B 39 24.52 19.88 -31.08
C SER B 39 25.48 18.87 -31.78
N SER B 40 26.53 18.42 -31.08
CA SER B 40 27.33 17.30 -31.60
C SER B 40 26.90 16.00 -30.99
N ALA B 41 27.14 14.90 -31.70
CA ALA B 41 26.61 13.57 -31.34
C ALA B 41 27.14 13.09 -30.00
N ILE B 42 26.24 12.60 -29.16
CA ILE B 42 26.64 11.82 -28.01
C ILE B 42 25.90 10.50 -28.05
N LYS B 43 26.62 9.41 -27.75
CA LYS B 43 26.03 8.05 -27.75
C LYS B 43 26.88 7.05 -26.98
N GLY B 44 26.18 6.14 -26.29
CA GLY B 44 26.82 5.17 -25.41
C GLY B 44 26.51 5.48 -23.97
N LYS B 45 27.35 4.97 -23.08
CA LYS B 45 27.14 5.04 -21.63
C LYS B 45 28.16 6.02 -21.07
N LEU B 46 27.68 7.16 -20.57
CA LEU B 46 28.59 8.26 -20.16
C LEU B 46 28.24 8.94 -18.83
N GLU B 47 29.25 9.50 -18.18
CA GLU B 47 29.04 10.45 -17.08
C GLU B 47 28.12 11.60 -17.57
N PRO B 48 27.18 12.05 -16.72
CA PRO B 48 26.30 13.16 -17.16
C PRO B 48 27.09 14.43 -17.51
N ASN B 49 27.85 14.97 -16.56
CA ASN B 49 28.78 16.08 -16.82
C ASN B 49 29.69 15.96 -18.09
N GLN B 50 30.04 14.74 -18.48
CA GLN B 50 30.86 14.53 -19.68
C GLN B 50 29.98 14.70 -20.93
N ALA B 51 28.79 14.11 -20.87
CA ALA B 51 27.86 14.04 -21.99
C ALA B 51 27.41 15.44 -22.44
N ILE B 52 26.98 16.25 -21.46
CA ILE B 52 26.49 17.61 -21.76
C ILE B 52 27.62 18.41 -22.38
N THR B 53 28.82 18.11 -21.92
CA THR B 53 29.95 18.87 -22.28
C THR B 53 30.35 18.57 -23.72
N GLU B 54 30.08 17.35 -24.16
CA GLU B 54 30.40 16.92 -25.52
C GLU B 54 29.31 17.26 -26.55
N LEU B 55 28.07 17.24 -26.10
CA LEU B 55 26.97 17.53 -26.95
C LEU B 55 27.01 18.99 -27.30
N LEU B 56 27.69 19.77 -26.45
CA LEU B 56 27.81 21.20 -26.66
C LEU B 56 29.02 21.56 -27.51
N ARG B 57 29.81 20.56 -27.88
CA ARG B 57 31.08 20.86 -28.52
C ARG B 57 30.86 21.69 -29.81
N GLY B 58 31.54 22.83 -29.93
CA GLY B 58 31.39 23.63 -31.13
C GLY B 58 30.18 24.56 -31.14
N THR B 59 29.37 24.57 -30.10
CA THR B 59 28.35 25.60 -29.98
C THR B 59 28.92 26.91 -29.42
N GLY B 60 30.12 26.83 -28.84
CA GLY B 60 30.69 27.91 -28.04
C GLY B 60 29.94 28.14 -26.73
N ALA B 61 29.31 27.11 -26.20
CA ALA B 61 28.49 27.27 -24.99
C ALA B 61 29.06 26.59 -23.76
N SER B 62 28.90 27.25 -22.61
CA SER B 62 29.36 26.73 -21.31
C SER B 62 28.24 26.29 -20.35
N VAL B 63 28.62 25.56 -19.31
CA VAL B 63 27.65 24.88 -18.47
C VAL B 63 28.00 25.04 -17.04
N ASP B 64 27.04 25.55 -16.26
CA ASP B 64 27.10 25.58 -14.81
C ASP B 64 26.28 24.47 -14.22
N PHE B 65 26.80 23.85 -13.16
CA PHE B 65 26.07 22.81 -12.42
C PHE B 65 25.48 23.32 -11.10
N GLN B 66 25.31 24.63 -10.92
CA GLN B 66 24.75 25.11 -9.62
C GLN B 66 23.19 24.96 -9.52
N GLY B 67 22.69 24.85 -8.28
CA GLY B 67 21.33 24.36 -8.01
C GLY B 67 21.36 22.86 -8.33
N ASN B 68 20.19 22.23 -8.47
CA ASN B 68 20.11 20.83 -8.95
C ASN B 68 19.78 20.77 -10.46
N ALA B 69 20.01 21.91 -11.13
CA ALA B 69 19.76 22.10 -12.57
C ALA B 69 21.04 22.54 -13.25
N ILE B 70 21.22 22.14 -14.51
CA ILE B 70 22.35 22.65 -15.26
C ILE B 70 21.92 23.83 -16.12
N THR B 71 22.61 24.96 -15.98
CA THR B 71 22.30 26.10 -16.82
C THR B 71 23.31 26.20 -17.96
N ILE B 72 22.77 26.42 -19.15
CA ILE B 72 23.54 26.54 -20.38
C ILE B 72 23.54 27.99 -20.84
N SER B 73 24.70 28.57 -21.09
CA SER B 73 24.78 29.96 -21.55
C SER B 73 25.86 30.17 -22.60
N VAL B 74 25.96 31.40 -23.10
CA VAL B 74 26.70 31.67 -24.31
C VAL B 74 27.61 32.88 -24.21
N GLN B 93 18.16 33.36 2.58
CA GLN B 93 17.82 34.58 3.35
C GLN B 93 17.00 34.33 4.61
N LEU B 94 16.15 33.29 4.58
CA LEU B 94 15.48 32.75 5.78
C LEU B 94 16.32 31.53 6.25
N GLY B 95 17.47 31.37 5.55
CA GLY B 95 18.48 30.33 5.78
C GLY B 95 18.54 29.30 4.66
N THR B 96 19.13 28.13 4.94
CA THR B 96 19.22 27.05 3.95
C THR B 96 18.08 26.04 4.07
N ILE B 97 17.38 25.86 2.95
CA ILE B 97 16.36 24.84 2.76
C ILE B 97 16.86 23.46 3.26
N THR B 98 15.99 22.70 3.93
CA THR B 98 16.36 21.38 4.47
C THR B 98 15.77 20.20 3.70
N GLU B 99 15.00 20.57 2.68
CA GLU B 99 14.45 19.67 1.68
C GLU B 99 15.59 19.10 0.87
N ASP B 100 15.49 17.82 0.55
CA ASP B 100 16.49 17.15 -0.32
C ASP B 100 17.90 16.95 0.32
N SER B 101 18.22 17.76 1.36
CA SER B 101 19.46 17.61 2.11
C SER B 101 19.53 16.26 2.78
N GLY B 102 18.36 15.66 3.05
CA GLY B 102 18.26 14.41 3.80
C GLY B 102 18.64 14.44 5.29
N SER B 103 18.92 15.64 5.83
CA SER B 103 19.39 15.80 7.21
C SER B 103 18.36 16.27 8.25
N TYR B 104 18.62 15.91 9.50
CA TYR B 104 17.86 16.33 10.66
C TYR B 104 18.45 17.60 11.31
N THR B 105 19.35 18.27 10.62
CA THR B 105 20.02 19.44 11.21
C THR B 105 19.93 20.63 10.29
N PRO B 106 19.80 21.80 10.85
CA PRO B 106 19.76 22.96 9.99
C PRO B 106 21.11 23.36 9.41
N GLY B 107 21.07 24.23 8.43
CA GLY B 107 22.26 24.60 7.72
C GLY B 107 22.49 25.90 8.39
N THR B 108 21.71 26.91 8.01
CA THR B 108 21.82 28.24 8.60
C THR B 108 20.44 28.73 8.99
N ILE B 109 20.36 29.68 9.91
CA ILE B 109 19.07 30.28 10.25
C ILE B 109 19.15 31.80 10.45
N ALA B 110 18.14 32.51 9.99
CA ALA B 110 18.03 33.97 10.11
C ALA B 110 16.96 34.36 11.14
N THR B 111 16.32 33.37 11.74
CA THR B 111 15.32 33.48 12.81
C THR B 111 15.58 34.57 13.85
N ALA B 112 16.79 34.51 14.41
CA ALA B 112 17.18 35.20 15.65
C ALA B 112 17.38 36.69 15.46
N THR B 113 18.15 37.09 14.46
CA THR B 113 18.53 38.49 14.29
C THR B 113 18.17 39.03 12.93
N ARG B 114 17.78 38.15 12.03
CA ARG B 114 17.63 38.50 10.62
C ARG B 114 19.01 38.44 9.95
N LEU B 115 20.04 38.01 10.68
CA LEU B 115 21.36 37.76 10.09
C LEU B 115 21.49 36.28 9.80
N VAL B 116 21.81 35.92 8.56
CA VAL B 116 21.94 34.52 8.12
C VAL B 116 23.17 33.85 8.79
N LEU B 117 22.96 33.30 9.99
CA LEU B 117 24.03 32.66 10.76
C LEU B 117 23.75 31.18 10.92
N THR B 118 24.80 30.44 11.30
CA THR B 118 24.68 29.00 11.64
C THR B 118 24.23 28.86 13.11
N PRO B 119 23.79 27.66 13.52
CA PRO B 119 23.41 27.52 14.93
C PRO B 119 24.57 27.91 15.89
N ARG B 120 25.75 27.39 15.66
CA ARG B 120 26.85 27.69 16.54
C ARG B 120 27.13 29.21 16.60
N GLU B 121 27.07 29.89 15.47
CA GLU B 121 27.27 31.34 15.42
C GLU B 121 26.12 32.17 16.01
N THR B 122 24.96 31.53 16.29
CA THR B 122 23.77 32.09 16.98
C THR B 122 23.79 31.92 18.52
N PRO B 123 23.84 33.06 19.28
CA PRO B 123 24.02 33.00 20.74
C PRO B 123 22.72 32.70 21.46
N GLN B 124 21.79 32.06 20.78
CA GLN B 124 20.47 31.82 21.33
C GLN B 124 20.11 30.34 21.25
N SER B 125 19.23 29.89 22.15
CA SER B 125 18.66 28.54 21.99
C SER B 125 17.80 28.38 20.74
N ILE B 126 18.10 27.41 19.89
CA ILE B 126 17.28 27.27 18.70
C ILE B 126 17.04 25.83 18.31
N THR B 127 15.81 25.46 18.05
CA THR B 127 15.54 24.07 17.67
C THR B 127 14.78 24.00 16.36
N VAL B 128 15.18 23.09 15.49
CA VAL B 128 14.48 22.97 14.22
C VAL B 128 13.95 21.57 13.90
N VAL B 129 12.74 21.49 13.38
CA VAL B 129 12.34 20.23 12.80
C VAL B 129 12.46 20.30 11.29
N THR B 130 13.47 19.64 10.73
CA THR B 130 13.73 19.67 9.29
C THR B 130 12.70 18.88 8.48
N ARG B 131 12.63 19.21 7.20
CA ARG B 131 11.75 18.55 6.21
C ARG B 131 11.84 17.02 6.20
N GLN B 132 13.07 16.53 6.32
CA GLN B 132 13.34 15.10 6.27
C GLN B 132 12.81 14.41 7.48
N ASN B 133 12.93 15.10 8.60
CA ASN B 133 12.32 14.61 9.82
C ASN B 133 10.79 14.44 9.64
N MET B 134 10.10 15.53 9.22
CA MET B 134 8.65 15.55 9.01
C MET B 134 8.21 14.37 8.14
N ASP B 135 8.97 14.12 7.07
CA ASP B 135 8.68 13.00 6.16
C ASP B 135 8.84 11.65 6.82
N ASP B 136 10.05 11.36 7.34
CA ASP B 136 10.29 10.07 7.98
C ASP B 136 9.22 9.78 9.02
N PHE B 137 8.80 10.78 9.78
CA PHE B 137 7.89 10.50 10.86
C PHE B 137 6.44 10.78 10.60
N GLY B 138 6.10 11.28 9.42
CA GLY B 138 4.69 11.55 9.10
C GLY B 138 4.12 12.64 9.99
N LEU B 139 4.99 13.57 10.39
CA LEU B 139 4.56 14.78 11.05
C LEU B 139 3.77 15.61 10.05
N ASN B 140 2.45 15.62 10.18
CA ASN B 140 1.60 16.24 9.18
C ASN B 140 1.02 17.63 9.43
N ASN B 141 0.93 18.02 10.70
CA ASN B 141 0.52 19.37 11.11
C ASN B 141 1.35 19.93 12.26
N ILE B 142 1.16 21.22 12.56
CA ILE B 142 2.00 21.83 13.60
C ILE B 142 1.97 21.05 14.93
N ASP B 143 0.79 20.58 15.35
CA ASP B 143 0.66 19.66 16.52
C ASP B 143 1.62 18.45 16.50
N ASP B 144 1.62 17.70 15.39
CA ASP B 144 2.59 16.63 15.20
C ASP B 144 4.05 17.09 15.37
N VAL B 145 4.42 18.15 14.64
CA VAL B 145 5.78 18.66 14.70
C VAL B 145 6.12 18.93 16.15
N MET B 146 5.26 19.67 16.86
CA MET B 146 5.48 20.10 18.24
C MET B 146 5.65 18.91 19.17
N ARG B 147 4.78 17.90 19.06
CA ARG B 147 4.99 16.67 19.85
C ARG B 147 6.40 16.03 19.75
N HIS B 148 7.22 16.46 18.79
CA HIS B 148 8.47 15.79 18.45
C HIS B 148 9.56 16.85 18.55
N THR B 149 9.28 17.97 19.20
CA THR B 149 10.27 19.01 19.24
C THR B 149 10.95 19.00 20.59
N PRO B 150 12.24 18.67 20.61
CA PRO B 150 12.86 18.67 21.92
C PRO B 150 12.67 19.99 22.65
N GLY B 151 12.26 19.89 23.91
CA GLY B 151 12.05 21.02 24.80
C GLY B 151 10.60 21.44 24.93
N ILE B 152 9.70 20.77 24.22
CA ILE B 152 8.33 21.23 24.07
C ILE B 152 7.34 20.19 24.53
N THR B 153 6.33 20.64 25.26
CA THR B 153 5.40 19.77 25.92
C THR B 153 4.12 20.25 25.39
N VAL B 154 3.37 19.33 24.80
CA VAL B 154 2.08 19.65 24.27
C VAL B 154 1.01 19.12 25.24
N SER B 155 0.08 20.00 25.65
CA SER B 155 -1.13 19.65 26.44
C SER B 155 -2.40 19.99 25.71
N ALA B 156 -3.51 19.44 26.19
CA ALA B 156 -4.80 19.63 25.50
C ALA B 156 -5.64 20.64 26.20
N TYR B 157 -6.57 21.20 25.42
CA TYR B 157 -7.74 21.94 25.86
C TYR B 157 -8.96 21.14 25.35
N ASP B 158 -9.01 20.87 24.06
CA ASP B 158 -10.07 20.02 23.57
C ASP B 158 -9.80 19.54 22.16
N THR B 159 -10.66 18.64 21.66
CA THR B 159 -10.37 17.95 20.39
C THR B 159 -9.73 18.86 19.36
N ASP B 160 -10.06 20.13 19.34
CA ASP B 160 -9.57 21.00 18.28
C ASP B 160 -8.67 22.18 18.74
N ARG B 161 -8.16 22.16 19.96
CA ARG B 161 -7.19 23.15 20.34
C ARG B 161 -6.15 22.51 21.23
N ASN B 162 -4.91 22.94 21.10
CA ASN B 162 -3.82 22.46 21.91
C ASN B 162 -2.94 23.58 22.48
N ASN B 163 -2.14 23.22 23.48
CA ASN B 163 -1.31 24.16 24.16
C ASN B 163 0.15 23.79 24.06
N TYR B 164 1.02 24.75 23.82
CA TYR B 164 2.40 24.36 23.72
C TYR B 164 3.16 25.09 24.80
N TYR B 165 3.97 24.34 25.56
CA TYR B 165 4.84 24.92 26.61
C TYR B 165 6.34 24.93 26.26
N ALA B 166 7.00 26.03 26.65
CA ALA B 166 8.47 26.09 26.74
C ALA B 166 8.92 26.84 28.00
N ARG B 167 9.72 26.16 28.83
CA ARG B 167 10.42 26.82 29.91
C ARG B 167 9.41 27.45 30.85
N GLY B 168 8.33 26.73 31.15
CA GLY B 168 7.30 27.22 32.08
C GLY B 168 6.36 28.27 31.51
N PHE B 169 6.41 28.47 30.20
CA PHE B 169 5.48 29.37 29.53
C PHE B 169 4.60 28.74 28.46
N SER B 170 3.42 29.29 28.24
CA SER B 170 2.63 28.90 27.08
C SER B 170 3.17 29.64 25.90
N ILE B 171 3.55 28.90 24.87
CA ILE B 171 3.96 29.50 23.65
C ILE B 171 2.73 30.14 23.05
N ASN B 172 2.85 31.43 22.74
CA ASN B 172 1.77 32.18 22.14
C ASN B 172 2.27 33.19 21.08
N ASN B 173 3.45 32.98 20.52
CA ASN B 173 3.94 33.70 19.30
C ASN B 173 4.15 32.79 18.10
N PHE B 174 3.35 32.94 17.04
CA PHE B 174 3.60 32.23 15.76
C PHE B 174 4.09 33.16 14.66
N GLN B 175 5.15 32.79 13.97
CA GLN B 175 5.50 33.53 12.76
C GLN B 175 5.34 32.69 11.49
N TYR B 176 4.96 33.36 10.41
CA TYR B 176 4.88 32.74 9.10
C TYR B 176 5.88 33.44 8.20
N ASP B 177 6.97 32.74 7.90
CA ASP B 177 8.06 33.32 7.05
C ASP B 177 8.44 34.65 7.66
N GLY B 178 8.72 34.63 8.96
CA GLY B 178 9.17 35.82 9.66
C GLY B 178 8.06 36.72 10.15
N ILE B 179 6.97 36.84 9.39
CA ILE B 179 5.84 37.70 9.81
C ILE B 179 5.09 37.14 11.05
N PRO B 180 5.03 37.89 12.16
CA PRO B 180 4.25 37.49 13.37
C PRO B 180 2.71 37.39 13.24
N SER B 181 2.10 36.27 13.63
CA SER B 181 0.65 36.14 13.68
C SER B 181 0.06 37.04 14.77
N THR B 182 -0.97 37.80 14.40
CA THR B 182 -1.64 38.60 15.41
C THR B 182 -2.99 38.03 15.78
N ALA B 183 -3.26 36.76 15.50
CA ALA B 183 -4.41 36.04 16.13
C ALA B 183 -3.90 35.24 17.37
N ARG B 184 -3.66 36.00 18.45
CA ARG B 184 -3.00 35.55 19.69
C ARG B 184 -3.94 35.11 20.81
N ASN B 185 -5.22 34.86 20.50
CA ASN B 185 -6.21 34.50 21.51
C ASN B 185 -6.95 33.14 21.24
N VAL B 186 -6.52 32.06 21.93
CA VAL B 186 -6.99 30.66 21.73
C VAL B 186 -8.41 30.40 22.22
N GLY B 187 -8.99 31.40 22.91
CA GLY B 187 -10.41 31.33 23.28
C GLY B 187 -11.19 31.34 21.98
N TYR B 188 -10.64 32.07 21.02
CA TYR B 188 -11.17 32.16 19.69
C TYR B 188 -10.11 31.59 18.76
N SER B 189 -9.84 30.29 18.93
CA SER B 189 -8.84 29.53 18.15
C SER B 189 -9.09 29.64 16.65
N ALA B 190 -8.05 30.08 15.92
CA ALA B 190 -8.22 30.29 14.53
C ALA B 190 -7.11 29.62 13.74
N GLY B 191 -6.75 28.43 14.15
CA GLY B 191 -5.96 27.63 13.28
C GLY B 191 -4.47 27.58 13.43
N ASN B 192 -3.87 28.51 14.20
CA ASN B 192 -2.41 28.51 14.47
C ASN B 192 -1.88 27.21 15.05
N THR B 193 -2.81 26.45 15.54
CA THR B 193 -2.57 25.29 16.29
C THR B 193 -2.72 24.09 15.35
N LEU B 194 -3.25 24.30 14.14
CA LEU B 194 -3.60 23.18 13.22
C LEU B 194 -2.94 23.21 11.83
N SER B 195 -1.93 24.09 11.65
CA SER B 195 -1.27 24.30 10.36
C SER B 195 -0.77 22.97 9.90
N ASP B 196 -1.13 22.63 8.67
CA ASP B 196 -0.74 21.44 8.00
C ASP B 196 0.62 21.62 7.36
N MET B 197 1.46 20.62 7.51
CA MET B 197 2.89 20.70 7.12
C MET B 197 3.13 20.64 5.63
N ALA B 198 2.10 20.34 4.83
CA ALA B 198 2.34 20.12 3.42
C ALA B 198 3.02 21.27 2.70
N ILE B 199 2.88 22.49 3.23
CA ILE B 199 3.36 23.69 2.52
C ILE B 199 4.67 24.26 3.08
N TYR B 200 5.21 23.61 4.14
CA TYR B 200 6.39 24.11 4.81
C TYR B 200 7.64 23.26 4.63
N ASP B 201 8.77 23.93 4.77
CA ASP B 201 10.08 23.31 4.63
C ASP B 201 10.66 22.89 5.95
N ARG B 202 10.42 23.69 6.98
CA ARG B 202 10.88 23.36 8.32
C ARG B 202 10.13 24.26 9.29
N VAL B 203 10.13 23.88 10.55
CA VAL B 203 9.58 24.71 11.59
C VAL B 203 10.76 25.13 12.49
N GLU B 204 11.02 26.42 12.62
CA GLU B 204 12.08 26.82 13.54
C GLU B 204 11.46 27.20 14.88
N VAL B 205 11.94 26.59 15.96
CA VAL B 205 11.52 26.99 17.31
C VAL B 205 12.62 27.68 18.09
N LEU B 206 12.44 28.97 18.33
CA LEU B 206 13.43 29.75 19.03
C LEU B 206 13.02 29.92 20.52
N LYS B 207 13.87 29.43 21.42
CA LYS B 207 13.52 29.37 22.83
C LYS B 207 14.19 30.45 23.67
N GLY B 208 13.39 31.12 24.51
CA GLY B 208 13.87 32.13 25.42
C GLY B 208 12.94 33.31 25.39
N ALA B 209 13.53 34.50 25.20
CA ALA B 209 12.79 35.77 24.97
C ALA B 209 13.08 36.24 23.52
N THR B 210 12.01 36.36 22.73
CA THR B 210 12.19 36.61 21.32
C THR B 210 11.64 37.95 20.80
N GLY B 211 11.66 38.98 21.65
CA GLY B 211 11.17 40.31 21.29
C GLY B 211 11.87 40.99 20.12
N LEU B 212 13.17 40.69 19.90
CA LEU B 212 13.90 41.43 18.89
C LEU B 212 13.15 41.44 17.54
N LEU B 213 12.79 40.25 17.09
CA LEU B 213 12.07 40.13 15.84
C LEU B 213 10.58 39.89 16.06
N THR B 214 10.21 39.46 17.25
CA THR B 214 8.82 39.22 17.46
C THR B 214 8.05 40.50 17.74
N GLY B 215 8.71 41.58 18.15
CA GLY B 215 7.97 42.66 18.79
C GLY B 215 7.24 42.14 20.05
N ALA B 216 6.02 42.58 20.27
CA ALA B 216 5.28 42.26 21.50
C ALA B 216 4.93 40.78 21.59
N GLY B 217 4.89 40.17 22.76
CA GLY B 217 4.49 38.77 22.78
C GLY B 217 4.80 38.04 24.07
N SER B 218 4.62 36.71 24.05
CA SER B 218 4.71 35.90 25.27
C SER B 218 6.13 35.44 25.59
N LEU B 219 6.34 34.89 26.77
CA LEU B 219 7.65 34.35 27.03
C LEU B 219 7.75 32.93 26.47
N GLY B 220 8.89 32.27 26.61
CA GLY B 220 8.98 30.87 26.32
C GLY B 220 9.66 30.56 25.01
N ALA B 221 9.02 30.96 23.91
CA ALA B 221 9.43 30.59 22.53
C ALA B 221 8.70 31.39 21.42
N THR B 222 9.27 31.40 20.22
CA THR B 222 8.46 31.73 19.07
C THR B 222 8.53 30.54 18.14
N ILE B 223 7.42 30.25 17.46
CA ILE B 223 7.41 29.21 16.45
C ILE B 223 7.35 29.87 15.06
N ASN B 224 8.34 29.57 14.22
CA ASN B 224 8.47 30.18 12.89
C ASN B 224 8.42 29.11 11.82
N LEU B 225 7.42 29.21 10.98
CA LEU B 225 7.24 28.22 9.93
C LEU B 225 7.80 28.85 8.69
N ILE B 226 8.76 28.18 8.05
CA ILE B 226 9.25 28.59 6.73
C ILE B 226 8.45 27.83 5.64
N ARG B 227 7.88 28.55 4.67
CA ARG B 227 7.10 27.98 3.58
C ARG B 227 8.00 27.33 2.52
N LYS B 228 7.50 26.32 1.82
CA LYS B 228 8.20 25.77 0.63
C LYS B 228 8.35 26.84 -0.47
N LYS B 229 9.51 26.85 -1.15
CA LYS B 229 9.78 27.83 -2.20
C LYS B 229 9.82 27.18 -3.59
N PRO B 230 9.75 27.96 -4.68
CA PRO B 230 9.85 27.24 -5.94
C PRO B 230 11.31 26.86 -6.22
N THR B 231 11.54 26.19 -7.34
CA THR B 231 12.83 25.62 -7.57
C THR B 231 13.19 25.64 -9.04
N HIS B 232 14.48 25.83 -9.28
CA HIS B 232 15.04 25.79 -10.62
C HIS B 232 14.84 24.47 -11.37
N GLU B 233 14.79 23.33 -10.68
CA GLU B 233 14.50 22.04 -11.34
C GLU B 233 13.05 21.54 -11.12
N PHE B 234 12.52 20.82 -12.10
CA PHE B 234 11.19 20.24 -11.94
C PHE B 234 11.30 19.09 -10.93
N LYS B 235 10.57 19.20 -9.83
CA LYS B 235 10.40 18.07 -8.93
C LYS B 235 8.98 18.06 -8.43
N GLY B 236 8.52 16.90 -7.99
CA GLY B 236 7.40 16.85 -7.06
C GLY B 236 6.91 15.47 -6.72
N HIS B 237 5.82 15.39 -5.97
CA HIS B 237 5.31 14.10 -5.59
C HIS B 237 3.83 14.06 -5.36
N VAL B 238 3.32 12.84 -5.32
CA VAL B 238 2.00 12.56 -4.90
C VAL B 238 2.17 11.59 -3.76
N GLU B 239 1.35 11.74 -2.73
CA GLU B 239 1.40 10.84 -1.58
C GLU B 239 0.01 10.47 -1.14
N LEU B 240 -0.24 9.18 -0.98
CA LEU B 240 -1.54 8.69 -0.45
C LEU B 240 -1.33 7.95 0.88
N GLY B 241 -1.97 8.37 1.97
CA GLY B 241 -1.78 7.70 3.25
C GLY B 241 -3.08 7.17 3.90
N ALA B 242 -2.97 6.10 4.70
CA ALA B 242 -4.12 5.49 5.40
C ALA B 242 -3.66 5.12 6.78
N GLY B 243 -4.47 5.42 7.80
CA GLY B 243 -4.10 5.10 9.21
C GLY B 243 -5.29 4.86 10.15
N SER B 244 -5.00 4.44 11.37
CA SER B 244 -5.99 4.18 12.41
C SER B 244 -7.16 5.17 12.50
N TRP B 245 -8.35 4.61 12.74
CA TRP B 245 -9.58 5.40 12.93
C TRP B 245 -9.87 6.15 11.63
N ASP B 246 -10.07 5.34 10.59
CA ASP B 246 -10.26 5.81 9.22
C ASP B 246 -9.49 7.12 8.91
N ASN B 247 -8.18 7.11 9.05
CA ASN B 247 -7.42 8.33 8.79
C ASN B 247 -6.80 8.34 7.37
N TYR B 248 -7.47 9.04 6.45
CA TYR B 248 -7.10 9.11 5.01
C TYR B 248 -6.49 10.43 4.55
N ARG B 249 -5.37 10.40 3.83
CA ARG B 249 -4.73 11.67 3.40
C ARG B 249 -4.14 11.61 2.00
N SER B 250 -4.32 12.68 1.22
CA SER B 250 -3.72 12.81 -0.10
C SER B 250 -3.05 14.17 -0.25
N GLU B 251 -2.02 14.24 -1.08
CA GLU B 251 -1.11 15.39 -1.11
C GLU B 251 -0.34 15.42 -2.43
N LEU B 252 -0.29 16.60 -3.05
CA LEU B 252 0.28 16.84 -4.36
C LEU B 252 1.12 18.09 -4.29
N ASP B 253 2.39 17.99 -4.68
CA ASP B 253 3.39 19.09 -4.56
C ASP B 253 4.08 19.17 -5.93
N VAL B 254 3.98 20.29 -6.63
CA VAL B 254 4.68 20.39 -7.92
C VAL B 254 5.54 21.65 -8.00
N SER B 255 6.78 21.53 -8.45
CA SER B 255 7.61 22.71 -8.52
C SER B 255 8.46 22.70 -9.77
N GLY B 256 8.73 23.87 -10.36
CA GLY B 256 9.70 23.92 -11.46
C GLY B 256 9.78 25.26 -12.13
N PRO B 257 10.63 25.40 -13.15
CA PRO B 257 10.63 26.57 -14.03
C PRO B 257 9.39 26.71 -14.90
N LEU B 258 8.91 27.94 -15.03
CA LEU B 258 7.80 28.23 -15.92
C LEU B 258 8.30 28.74 -17.26
N THR B 259 9.51 29.27 -17.31
CA THR B 259 10.11 29.58 -18.59
C THR B 259 11.28 28.64 -18.81
N GLU B 260 11.67 28.40 -20.03
CA GLU B 260 12.79 27.51 -20.25
C GLU B 260 14.17 28.11 -19.79
N SER B 261 14.26 29.42 -19.61
CA SER B 261 15.48 29.96 -19.00
C SER B 261 15.52 29.82 -17.48
N GLY B 262 14.37 29.53 -16.88
CA GLY B 262 14.26 29.43 -15.40
C GLY B 262 14.03 30.74 -14.65
N ASN B 263 13.97 31.86 -15.38
CA ASN B 263 13.80 33.18 -14.77
C ASN B 263 12.40 33.39 -14.13
N VAL B 264 11.45 32.55 -14.49
CA VAL B 264 10.18 32.51 -13.78
C VAL B 264 10.01 31.08 -13.27
N ARG B 265 9.74 30.97 -11.98
CA ARG B 265 9.55 29.69 -11.30
C ARG B 265 8.23 29.70 -10.48
N GLY B 266 7.68 28.50 -10.28
CA GLY B 266 6.47 28.31 -9.48
C GLY B 266 6.34 27.00 -8.71
N ARG B 267 5.58 27.04 -7.60
CA ARG B 267 5.22 25.83 -6.85
C ARG B 267 3.74 25.80 -6.53
N ALA B 268 3.11 24.63 -6.55
CA ALA B 268 1.72 24.52 -6.05
C ALA B 268 1.63 23.31 -5.18
N VAL B 269 0.93 23.43 -4.05
CA VAL B 269 0.61 22.25 -3.25
C VAL B 269 -0.86 22.21 -2.90
N ALA B 270 -1.42 21.00 -2.98
CA ALA B 270 -2.71 20.76 -2.38
C ALA B 270 -2.67 19.50 -1.49
N ALA B 271 -3.43 19.56 -0.42
CA ALA B 271 -3.53 18.40 0.41
C ALA B 271 -4.93 18.30 0.94
N TYR B 272 -5.33 17.07 1.23
CA TYR B 272 -6.66 16.80 1.70
C TYR B 272 -6.62 15.72 2.75
N GLN B 273 -7.25 15.94 3.88
CA GLN B 273 -7.26 14.86 4.90
C GLN B 273 -8.66 14.70 5.49
N ASP B 274 -9.02 13.46 5.82
CA ASP B 274 -10.33 13.09 6.36
C ASP B 274 -10.05 12.03 7.39
N LYS B 275 -10.27 12.35 8.66
CA LYS B 275 -9.99 11.36 9.69
C LYS B 275 -11.14 11.22 10.68
N HIS B 276 -11.33 9.99 11.18
CA HIS B 276 -12.17 9.80 12.36
C HIS B 276 -11.23 9.85 13.55
N SER B 277 -11.61 9.30 14.70
CA SER B 277 -10.59 9.08 15.76
C SER B 277 -10.88 8.01 16.81
N PHE B 278 -9.92 7.79 17.71
CA PHE B 278 -10.12 6.87 18.80
C PHE B 278 -11.27 7.34 19.65
N MET B 279 -11.57 8.62 19.52
CA MET B 279 -12.67 9.23 20.21
C MET B 279 -13.88 9.13 19.35
N ASP B 280 -14.95 8.81 20.04
CA ASP B 280 -16.26 8.55 19.48
C ASP B 280 -16.87 9.71 18.76
N HIS B 281 -17.65 9.41 17.72
CA HIS B 281 -18.34 10.42 16.88
C HIS B 281 -17.56 11.72 16.55
N TYR B 282 -16.27 11.64 16.25
CA TYR B 282 -15.48 12.81 15.86
C TYR B 282 -14.83 12.60 14.50
N GLU B 283 -15.16 13.45 13.53
CA GLU B 283 -14.37 13.47 12.33
C GLU B 283 -13.86 14.87 11.96
N ARG B 284 -12.71 14.96 11.29
CA ARG B 284 -12.21 16.25 10.82
C ARG B 284 -11.74 16.18 9.38
N LYS B 285 -12.36 17.01 8.54
CA LYS B 285 -11.94 17.14 7.14
C LYS B 285 -11.03 18.35 7.02
N THR B 286 -9.77 18.14 6.65
CA THR B 286 -8.90 19.28 6.42
C THR B 286 -8.40 19.45 4.96
N SER B 287 -8.48 20.69 4.47
CA SER B 287 -8.17 21.07 3.08
C SER B 287 -7.11 22.13 2.97
N VAL B 288 -6.08 21.84 2.18
CA VAL B 288 -5.05 22.88 1.95
C VAL B 288 -4.69 23.15 0.49
N TYR B 289 -4.55 24.43 0.14
CA TYR B 289 -3.93 24.83 -1.15
C TYR B 289 -2.85 25.89 -1.00
N TYR B 290 -1.90 25.91 -1.93
CA TYR B 290 -0.79 26.87 -1.88
C TYR B 290 -0.22 27.04 -3.25
N GLY B 291 0.04 28.29 -3.60
CA GLY B 291 0.55 28.62 -4.93
C GLY B 291 1.55 29.73 -4.75
N ILE B 292 2.70 29.59 -5.41
CA ILE B 292 3.78 30.59 -5.33
C ILE B 292 4.57 30.76 -6.65
N LEU B 293 4.89 32.02 -6.95
CA LEU B 293 5.65 32.40 -8.16
C LEU B 293 6.88 33.23 -7.77
N GLU B 294 8.00 32.93 -8.41
CA GLU B 294 9.20 33.76 -8.30
C GLU B 294 9.56 34.24 -9.69
N PHE B 295 9.55 35.57 -9.87
CA PHE B 295 9.96 36.22 -11.10
C PHE B 295 11.32 36.82 -10.83
N ASP B 296 12.20 36.74 -11.81
CA ASP B 296 13.49 37.46 -11.76
C ASP B 296 13.45 38.76 -12.54
N LEU B 297 13.22 39.86 -11.83
CA LEU B 297 13.15 41.15 -12.48
C LEU B 297 14.46 41.48 -13.21
N ASN B 298 15.59 41.20 -12.57
CA ASN B 298 16.90 41.17 -13.24
C ASN B 298 17.87 40.24 -12.51
N PRO B 299 19.15 40.21 -12.90
CA PRO B 299 20.07 39.34 -12.13
C PRO B 299 20.23 39.76 -10.64
N ASP B 300 19.61 40.86 -10.22
CA ASP B 300 19.79 41.42 -8.88
C ASP B 300 18.48 41.64 -8.11
N THR B 301 17.37 41.25 -8.72
CA THR B 301 16.08 41.61 -8.20
C THR B 301 15.05 40.53 -8.43
N MET B 302 14.33 40.19 -7.34
CA MET B 302 13.38 39.10 -7.35
C MET B 302 12.08 39.43 -6.68
N LEU B 303 10.98 39.34 -7.43
CA LEU B 303 9.64 39.57 -6.93
C LEU B 303 8.99 38.21 -6.66
N THR B 304 8.45 38.00 -5.48
CA THR B 304 7.66 36.79 -5.19
C THR B 304 6.20 37.17 -4.94
N VAL B 305 5.26 36.40 -5.46
CA VAL B 305 3.87 36.47 -5.01
C VAL B 305 3.42 35.09 -4.63
N GLY B 306 2.46 35.02 -3.71
CA GLY B 306 1.94 33.74 -3.27
C GLY B 306 0.67 33.84 -2.45
N ALA B 307 -0.02 32.72 -2.37
CA ALA B 307 -1.28 32.60 -1.65
C ALA B 307 -1.34 31.22 -1.01
N ASP B 308 -2.03 31.14 0.13
CA ASP B 308 -2.33 29.85 0.73
C ASP B 308 -3.65 29.91 1.46
N TYR B 309 -4.22 28.74 1.65
CA TYR B 309 -5.53 28.59 2.13
C TYR B 309 -5.50 27.31 2.97
N GLN B 310 -6.12 27.34 4.15
CA GLN B 310 -6.36 26.11 4.95
C GLN B 310 -7.66 26.16 5.72
N ASP B 311 -8.37 25.05 5.60
CA ASP B 311 -9.67 24.86 6.22
C ASP B 311 -9.66 23.60 7.09
N ASN B 312 -9.94 23.79 8.37
CA ASN B 312 -10.15 22.67 9.29
C ASN B 312 -11.59 22.62 9.69
N ASP B 313 -12.23 21.50 9.40
CA ASP B 313 -13.68 21.41 9.50
C ASP B 313 -14.12 20.16 10.22
N PRO B 314 -14.28 20.21 11.56
CA PRO B 314 -14.60 18.97 12.25
C PRO B 314 -16.11 18.81 12.59
N LYS B 315 -16.50 17.64 13.11
CA LYS B 315 -17.82 17.41 13.66
C LYS B 315 -17.64 16.63 14.94
N GLY B 316 -18.54 16.80 15.90
CA GLY B 316 -18.39 16.17 17.25
C GLY B 316 -17.30 16.81 18.09
N SER B 317 -16.93 18.04 17.75
CA SER B 317 -15.91 18.77 18.45
C SER B 317 -16.25 18.75 19.91
N GLY B 318 -15.26 18.50 20.75
CA GLY B 318 -15.53 18.56 22.18
C GLY B 318 -15.17 19.94 22.66
N TRP B 319 -15.47 20.25 23.91
CA TRP B 319 -15.14 21.55 24.44
C TRP B 319 -14.90 21.38 25.94
N SER B 320 -13.89 22.12 26.44
CA SER B 320 -13.26 21.90 27.73
C SER B 320 -13.07 20.43 28.10
N GLY B 321 -11.95 19.87 27.64
CA GLY B 321 -11.56 18.51 27.97
C GLY B 321 -12.46 17.53 27.28
N SER B 322 -12.21 16.25 27.52
CA SER B 322 -12.95 15.20 26.86
C SER B 322 -14.11 14.71 27.68
N PHE B 323 -14.02 14.84 28.99
CA PHE B 323 -15.09 14.41 29.96
C PHE B 323 -14.88 15.12 31.27
N PRO B 324 -15.97 15.41 31.97
CA PRO B 324 -15.81 16.03 33.28
C PRO B 324 -15.11 15.07 34.23
N LEU B 325 -14.25 15.64 35.08
CA LEU B 325 -13.56 14.87 36.13
C LEU B 325 -14.46 14.26 37.23
N PHE B 326 -15.61 14.87 37.50
CA PHE B 326 -16.43 14.58 38.69
C PHE B 326 -17.92 14.41 38.36
N ASP B 327 -18.60 13.46 39.03
CA ASP B 327 -20.03 13.34 38.84
C ASP B 327 -20.75 14.34 39.76
N SER B 328 -22.08 14.34 39.76
CA SER B 328 -22.89 15.31 40.52
C SER B 328 -22.56 15.27 41.98
N GLN B 329 -22.05 14.10 42.42
CA GLN B 329 -21.76 13.82 43.81
C GLN B 329 -20.30 14.00 44.17
N GLY B 330 -19.46 14.46 43.23
CA GLY B 330 -18.02 14.62 43.48
C GLY B 330 -17.15 13.35 43.50
N ASN B 331 -17.60 12.25 42.90
CA ASN B 331 -16.73 11.08 42.75
C ASN B 331 -15.88 11.17 41.48
N ARG B 332 -14.72 10.51 41.46
CA ARG B 332 -13.98 10.49 40.18
C ARG B 332 -14.73 9.72 39.07
N ASN B 333 -14.91 10.36 37.91
CA ASN B 333 -15.53 9.69 36.78
C ASN B 333 -14.54 8.73 36.16
N ASP B 334 -15.03 7.53 35.81
CA ASP B 334 -14.22 6.50 35.12
C ASP B 334 -14.76 6.26 33.68
N VAL B 335 -14.01 6.65 32.65
CA VAL B 335 -14.53 6.52 31.26
C VAL B 335 -13.53 5.98 30.26
N SER B 336 -14.05 5.27 29.26
CA SER B 336 -13.22 4.84 28.13
C SER B 336 -12.46 5.99 27.56
N ARG B 337 -11.24 5.68 27.14
CA ARG B 337 -10.46 6.56 26.30
C ARG B 337 -11.28 7.13 25.13
N SER B 338 -12.22 6.32 24.63
CA SER B 338 -13.01 6.75 23.49
C SER B 338 -14.19 7.68 23.80
N PHE B 339 -14.34 8.15 25.05
CA PHE B 339 -15.51 8.96 25.40
C PHE B 339 -15.27 10.37 24.89
N ASN B 340 -16.34 11.01 24.41
CA ASN B 340 -16.27 12.33 23.74
C ASN B 340 -17.45 13.21 24.18
N ASN B 341 -17.22 14.16 25.07
CA ASN B 341 -18.31 14.96 25.67
C ASN B 341 -19.15 15.81 24.69
N GLY B 342 -18.62 16.09 23.49
CA GLY B 342 -19.29 16.96 22.51
C GLY B 342 -20.50 16.36 21.83
N ALA B 343 -21.49 17.20 21.52
CA ALA B 343 -22.59 16.85 20.65
C ALA B 343 -22.18 16.46 19.23
N LYS B 344 -22.99 15.61 18.60
CA LYS B 344 -22.77 15.17 17.22
C LYS B 344 -22.42 16.32 16.29
N TRP B 345 -23.13 17.43 16.50
CA TRP B 345 -23.15 18.56 15.62
C TRP B 345 -22.24 19.65 16.12
N SER B 346 -21.55 19.38 17.22
CA SER B 346 -20.57 20.34 17.71
C SER B 346 -19.34 20.49 16.76
N SER B 347 -18.97 21.71 16.46
CA SER B 347 -17.91 21.93 15.50
C SER B 347 -17.11 23.21 15.77
N TRP B 348 -15.79 23.09 15.93
CA TRP B 348 -14.92 24.24 15.99
C TRP B 348 -14.18 24.41 14.66
N GLU B 349 -14.93 24.79 13.63
CA GLU B 349 -14.34 25.04 12.33
C GLU B 349 -13.29 26.14 12.43
N GLN B 350 -12.11 25.94 11.84
CA GLN B 350 -11.06 26.98 11.90
C GLN B 350 -10.37 27.13 10.54
N TYR B 351 -10.40 28.34 10.00
CA TYR B 351 -9.84 28.58 8.67
C TYR B 351 -8.78 29.70 8.59
N THR B 352 -7.75 29.50 7.77
CA THR B 352 -6.67 30.49 7.60
C THR B 352 -6.40 30.73 6.13
N ARG B 353 -5.99 31.94 5.76
CA ARG B 353 -5.51 32.14 4.40
C ARG B 353 -4.63 33.38 4.20
N THR B 354 -3.70 33.35 3.25
CA THR B 354 -2.70 34.44 3.14
C THR B 354 -2.48 34.83 1.70
N VAL B 355 -2.36 36.12 1.45
CA VAL B 355 -1.89 36.63 0.17
C VAL B 355 -0.67 37.48 0.50
N PHE B 356 0.45 37.27 -0.19
CA PHE B 356 1.68 38.01 0.13
C PHE B 356 2.64 38.32 -1.01
N ALA B 357 3.56 39.24 -0.72
CA ALA B 357 4.52 39.73 -1.72
C ALA B 357 5.88 40.14 -1.10
N ASN B 358 6.93 39.85 -1.86
CA ASN B 358 8.32 39.96 -1.44
C ASN B 358 9.09 40.53 -2.60
N LEU B 359 9.85 41.57 -2.36
CA LEU B 359 10.79 42.01 -3.36
C LEU B 359 12.12 42.03 -2.66
N GLU B 360 13.10 41.28 -3.13
CA GLU B 360 14.42 41.54 -2.60
C GLU B 360 15.40 42.01 -3.68
N HIS B 361 16.34 42.87 -3.26
CA HIS B 361 17.34 43.48 -4.13
C HIS B 361 18.73 43.31 -3.52
N ASN B 362 19.65 42.76 -4.32
CA ASN B 362 21.09 42.80 -4.04
C ASN B 362 21.64 44.18 -4.45
N PHE B 363 22.14 44.95 -3.50
CA PHE B 363 22.82 46.21 -3.83
C PHE B 363 24.28 45.93 -4.26
N ALA B 364 24.75 46.54 -5.36
CA ALA B 364 26.14 46.31 -5.84
C ALA B 364 27.12 46.87 -4.80
N ASN B 365 27.42 46.06 -3.78
CA ASN B 365 27.83 46.59 -2.51
C ASN B 365 28.13 45.51 -1.49
N GLY B 366 27.54 44.34 -1.65
CA GLY B 366 27.51 43.30 -0.61
C GLY B 366 26.23 43.37 0.22
N TRP B 367 25.54 44.53 0.17
CA TRP B 367 24.33 44.83 0.96
C TRP B 367 23.02 44.34 0.33
N VAL B 368 22.12 43.72 1.11
CA VAL B 368 20.79 43.32 0.57
C VAL B 368 19.57 43.92 1.31
N GLY B 369 18.54 44.27 0.55
CA GLY B 369 17.26 44.76 1.11
C GLY B 369 16.07 43.89 0.72
N LYS B 370 15.07 43.81 1.59
CA LYS B 370 13.89 43.01 1.30
C LYS B 370 12.64 43.70 1.82
N VAL B 371 11.55 43.65 1.05
CA VAL B 371 10.25 44.19 1.44
C VAL B 371 9.22 43.06 1.42
N GLN B 372 8.55 42.83 2.55
CA GLN B 372 7.44 41.86 2.64
C GLN B 372 6.09 42.55 2.76
N LEU B 373 5.07 42.03 2.07
CA LEU B 373 3.67 42.45 2.28
C LEU B 373 2.74 41.28 2.59
N ASP B 374 1.94 41.38 3.64
CA ASP B 374 1.11 40.25 4.01
C ASP B 374 -0.30 40.60 4.27
N HIS B 375 -1.22 39.88 3.66
CA HIS B 375 -2.60 40.02 4.01
C HIS B 375 -3.12 38.69 4.65
N LYS B 376 -3.32 38.66 5.98
CA LYS B 376 -3.59 37.35 6.64
C LYS B 376 -4.99 37.21 7.18
N ILE B 377 -5.60 36.03 7.05
CA ILE B 377 -6.93 35.83 7.57
C ILE B 377 -6.90 34.63 8.48
N ASN B 378 -7.36 34.83 9.71
CA ASN B 378 -7.60 33.75 10.65
C ASN B 378 -9.07 33.84 11.03
N GLY B 379 -9.85 32.79 10.71
CA GLY B 379 -11.27 32.78 11.00
C GLY B 379 -11.69 31.55 11.76
N TYR B 380 -12.83 31.65 12.47
CA TYR B 380 -13.44 30.52 13.15
C TYR B 380 -14.89 30.52 12.87
N HIS B 381 -15.50 29.35 12.89
CA HIS B 381 -16.95 29.17 12.90
C HIS B 381 -17.33 28.05 13.91
N ALA B 382 -17.63 28.42 15.15
CA ALA B 382 -17.76 27.39 16.17
C ALA B 382 -19.10 27.37 16.88
N PRO B 383 -20.05 26.59 16.36
CA PRO B 383 -21.18 26.22 17.22
C PRO B 383 -20.78 25.03 18.08
N LEU B 384 -20.39 25.27 19.32
CA LEU B 384 -20.00 24.21 20.23
C LEU B 384 -21.15 23.84 21.11
N GLY B 385 -21.17 22.57 21.49
CA GLY B 385 -22.10 22.00 22.48
C GLY B 385 -21.43 20.76 23.06
N ALA B 386 -21.13 20.75 24.34
CA ALA B 386 -20.51 19.57 24.94
C ALA B 386 -21.07 19.32 26.34
N ILE B 387 -20.92 18.09 26.87
CA ILE B 387 -21.35 17.84 28.22
C ILE B 387 -20.30 18.45 29.13
N MET B 388 -20.70 19.41 29.94
CA MET B 388 -19.83 19.90 30.99
C MET B 388 -20.50 20.24 32.32
N GLY B 389 -19.64 20.31 33.35
CA GLY B 389 -20.08 20.45 34.72
C GLY B 389 -19.97 19.10 35.38
N ASP B 390 -20.56 18.98 36.57
CA ASP B 390 -20.42 17.81 37.40
C ASP B 390 -21.47 16.79 37.05
N TRP B 391 -21.18 15.89 36.13
CA TRP B 391 -22.13 14.89 35.64
C TRP B 391 -21.41 13.53 35.56
N PRO B 392 -22.16 12.40 35.56
CA PRO B 392 -23.63 12.26 35.59
C PRO B 392 -24.23 12.54 36.94
N ALA B 393 -25.55 12.67 36.98
CA ALA B 393 -26.37 12.65 38.18
C ALA B 393 -26.65 11.17 38.58
N PRO B 394 -27.28 10.93 39.76
CA PRO B 394 -27.36 9.49 40.08
C PRO B 394 -28.21 8.67 39.09
N ASP B 395 -29.22 9.28 38.47
CA ASP B 395 -30.05 8.62 37.41
C ASP B 395 -29.42 8.58 36.00
N ASN B 396 -28.09 8.75 35.91
CA ASN B 396 -27.33 8.67 34.66
C ASN B 396 -27.64 9.77 33.63
N SER B 397 -28.21 10.87 34.10
CA SER B 397 -28.50 12.01 33.23
C SER B 397 -27.44 13.12 33.30
N ALA B 398 -27.48 14.04 32.35
CA ALA B 398 -26.44 15.07 32.28
C ALA B 398 -26.86 16.29 31.47
N LYS B 399 -26.07 17.34 31.55
CA LYS B 399 -26.42 18.56 30.85
C LYS B 399 -25.32 19.04 29.95
N ILE B 400 -25.74 19.72 28.89
CA ILE B 400 -24.89 20.24 27.80
C ILE B 400 -24.82 21.72 28.04
N VAL B 401 -23.64 22.28 27.85
CA VAL B 401 -23.43 23.73 27.73
C VAL B 401 -23.19 23.97 26.23
N ALA B 402 -23.91 24.95 25.66
CA ALA B 402 -23.88 25.23 24.22
C ALA B 402 -23.77 26.73 23.88
N GLN B 403 -22.88 27.06 22.95
CA GLN B 403 -22.58 28.44 22.55
C GLN B 403 -21.91 28.47 21.20
N LYS B 404 -22.20 29.48 20.39
CA LYS B 404 -21.67 29.53 19.04
C LYS B 404 -20.81 30.78 18.97
N TYR B 405 -19.65 30.68 18.31
CA TYR B 405 -18.68 31.80 18.19
C TYR B 405 -18.22 31.82 16.78
N THR B 406 -18.48 32.92 16.09
CA THR B 406 -18.02 33.06 14.72
C THR B 406 -17.26 34.37 14.59
N GLY B 407 -16.16 34.37 13.87
CA GLY B 407 -15.46 35.60 13.66
C GLY B 407 -14.38 35.47 12.62
N GLU B 408 -13.77 36.61 12.32
CA GLU B 408 -12.62 36.62 11.41
C GLU B 408 -11.65 37.72 11.84
N THR B 409 -10.37 37.54 11.51
CA THR B 409 -9.33 38.54 11.78
C THR B 409 -8.46 38.70 10.55
N LYS B 410 -8.50 39.90 9.96
CA LYS B 410 -7.65 40.29 8.86
C LYS B 410 -6.48 41.11 9.40
N SER B 411 -5.23 40.84 8.93
CA SER B 411 -4.02 41.66 9.24
C SER B 411 -3.21 42.00 8.03
N ASN B 412 -2.75 43.24 8.00
CA ASN B 412 -1.88 43.68 6.95
C ASN B 412 -0.50 44.05 7.45
N SER B 413 0.50 43.23 7.14
CA SER B 413 1.87 43.52 7.60
C SER B 413 2.81 44.10 6.57
N LEU B 414 3.69 44.97 7.04
CA LEU B 414 4.74 45.53 6.23
C LEU B 414 6.06 45.27 6.96
N ASP B 415 7.06 44.78 6.25
CA ASP B 415 8.39 44.67 6.84
C ASP B 415 9.50 44.91 5.83
N ILE B 416 10.12 46.10 5.89
CA ILE B 416 11.33 46.39 5.12
C ILE B 416 12.56 46.17 6.00
N TYR B 417 13.64 45.68 5.43
CA TYR B 417 14.89 45.64 6.17
C TYR B 417 16.08 45.67 5.28
N LEU B 418 17.20 46.15 5.82
CA LEU B 418 18.50 46.17 5.13
C LEU B 418 19.58 45.55 5.98
N THR B 419 20.37 44.68 5.38
CA THR B 419 21.54 44.10 6.03
C THR B 419 22.76 44.07 5.11
N GLY B 420 23.92 44.43 5.65
CA GLY B 420 25.22 44.29 4.96
C GLY B 420 26.46 44.53 5.82
N PRO B 421 27.66 44.50 5.18
CA PRO B 421 28.94 44.64 5.89
C PRO B 421 29.37 46.08 6.07
N PHE B 422 30.27 46.32 7.04
CA PHE B 422 30.91 47.63 7.27
C PHE B 422 32.15 47.52 8.15
N GLN B 423 33.09 48.45 7.97
CA GLN B 423 34.34 48.38 8.72
C GLN B 423 34.48 49.48 9.77
N PHE B 424 35.03 49.14 10.94
CA PHE B 424 35.09 50.10 12.04
C PHE B 424 36.50 50.32 12.56
N LEU B 425 37.11 49.26 13.08
CA LEU B 425 38.49 49.38 13.55
C LEU B 425 39.39 48.42 12.76
N GLY B 426 39.36 48.59 11.44
CA GLY B 426 40.13 47.78 10.50
C GLY B 426 39.65 46.35 10.36
N ARG B 427 38.36 46.11 10.59
CA ARG B 427 37.80 44.77 10.52
C ARG B 427 36.36 44.84 10.02
N GLU B 428 35.93 43.84 9.24
CA GLU B 428 34.57 43.85 8.63
C GLU B 428 33.49 43.27 9.57
N HIS B 429 32.45 44.06 9.81
CA HIS B 429 31.34 43.68 10.69
C HIS B 429 30.08 43.61 9.89
N GLU B 430 28.93 43.38 10.54
CA GLU B 430 27.65 43.48 9.83
C GLU B 430 26.49 44.12 10.59
N LEU B 431 25.61 44.77 9.84
CA LEU B 431 24.48 45.52 10.39
C LEU B 431 23.16 45.04 9.80
N VAL B 432 22.06 45.26 10.54
CA VAL B 432 20.72 45.02 10.08
C VAL B 432 19.89 46.15 10.62
N VAL B 433 19.39 47.00 9.74
CA VAL B 433 18.31 47.94 10.12
C VAL B 433 17.00 47.64 9.39
N GLY B 434 15.90 47.69 10.13
CA GLY B 434 14.57 47.55 9.53
C GLY B 434 13.42 48.12 10.34
N THR B 435 12.32 48.39 9.66
CA THR B 435 11.08 48.79 10.31
C THR B 435 9.90 47.85 9.93
N SER B 436 8.86 47.84 10.73
CA SER B 436 7.73 46.94 10.51
C SER B 436 6.44 47.58 11.01
N ALA B 437 5.38 47.42 10.23
CA ALA B 437 4.07 47.88 10.64
C ALA B 437 3.08 46.74 10.54
N SER B 438 2.04 46.80 11.36
CA SER B 438 1.11 45.72 11.47
C SER B 438 -0.28 46.22 11.93
N PHE B 439 -1.21 46.32 10.98
CA PHE B 439 -2.61 46.65 11.25
C PHE B 439 -3.50 45.42 11.21
N SER B 440 -4.08 45.01 12.33
CA SER B 440 -5.07 43.96 12.27
C SER B 440 -6.36 44.30 12.98
N HIS B 441 -7.46 43.74 12.46
CA HIS B 441 -8.86 44.03 12.82
C HIS B 441 -9.60 42.70 13.04
N TRP B 442 -10.00 42.44 14.27
CA TRP B 442 -10.74 41.24 14.63
C TRP B 442 -12.19 41.60 14.87
N GLU B 443 -13.10 41.01 14.08
CA GLU B 443 -14.55 41.18 14.29
C GLU B 443 -15.23 39.86 14.58
N GLY B 444 -16.26 39.85 15.42
CA GLY B 444 -16.88 38.57 15.77
C GLY B 444 -18.24 38.60 16.46
N LYS B 445 -18.95 37.48 16.37
CA LYS B 445 -20.26 37.35 17.01
C LYS B 445 -20.30 36.15 17.98
N SER B 446 -20.88 36.33 19.15
CA SER B 446 -21.07 35.23 20.06
C SER B 446 -22.56 35.17 20.29
N TYR B 447 -23.06 33.95 20.40
CA TYR B 447 -24.46 33.63 20.54
C TYR B 447 -24.56 32.85 21.83
N TRP B 448 -25.35 33.31 22.81
CA TRP B 448 -25.53 32.48 24.01
C TRP B 448 -26.87 32.44 24.72
N ASN B 449 -27.85 33.15 24.20
CA ASN B 449 -29.17 33.08 24.75
C ASN B 449 -30.02 32.21 23.88
N LEU B 450 -30.08 30.92 24.16
CA LEU B 450 -30.72 30.05 23.20
C LEU B 450 -32.19 29.75 23.40
N ARG B 451 -32.97 30.00 22.34
CA ARG B 451 -34.42 29.85 22.34
C ARG B 451 -34.80 28.49 22.87
N ASN B 452 -35.72 28.44 23.83
CA ASN B 452 -35.86 27.32 24.77
C ASN B 452 -35.49 25.97 24.25
N TYR B 453 -34.37 25.50 24.76
CA TYR B 453 -33.66 24.38 24.22
C TYR B 453 -33.56 23.32 25.30
N ASP B 454 -34.01 22.10 25.01
CA ASP B 454 -33.83 21.03 25.99
C ASP B 454 -32.34 20.53 26.02
N ASN B 455 -31.63 20.84 27.10
CA ASN B 455 -30.18 20.61 27.15
C ASN B 455 -29.74 19.50 28.14
N THR B 456 -30.72 18.69 28.54
CA THR B 456 -30.48 17.46 29.28
C THR B 456 -30.42 16.27 28.33
N THR B 457 -29.61 15.27 28.70
CA THR B 457 -29.58 13.94 28.03
C THR B 457 -29.89 12.82 29.04
N ASP B 458 -30.50 11.72 28.57
CA ASP B 458 -30.98 10.60 29.45
C ASP B 458 -29.92 9.55 29.79
N ASP B 459 -28.77 9.63 29.13
CA ASP B 459 -27.79 8.58 29.23
C ASP B 459 -26.42 9.17 29.11
N PHE B 460 -25.68 9.11 30.21
CA PHE B 460 -24.27 9.50 30.26
C PHE B 460 -23.36 8.34 29.83
N ILE B 461 -23.56 7.17 30.44
CA ILE B 461 -22.70 6.01 30.15
C ILE B 461 -22.59 5.70 28.63
N ASN B 462 -23.68 5.87 27.90
CA ASN B 462 -23.79 5.49 26.49
C ASN B 462 -23.85 6.70 25.58
N TRP B 463 -23.34 7.83 26.07
CA TRP B 463 -23.30 9.06 25.31
C TRP B 463 -22.53 8.87 23.99
N ASP B 464 -23.30 9.02 22.92
CA ASP B 464 -22.84 8.89 21.58
C ASP B 464 -22.90 10.28 20.98
N GLY B 465 -23.10 11.29 21.81
CA GLY B 465 -23.30 12.64 21.32
C GLY B 465 -24.65 12.97 20.69
N ASP B 466 -25.66 12.14 20.92
CA ASP B 466 -26.97 12.41 20.36
C ASP B 466 -27.90 13.38 21.11
N ILE B 467 -27.90 14.64 20.70
CA ILE B 467 -28.81 15.62 21.28
C ILE B 467 -29.17 16.65 20.23
N GLY B 468 -30.39 17.15 20.28
CA GLY B 468 -30.84 18.16 19.34
C GLY B 468 -29.86 19.30 19.33
N LYS B 469 -29.73 19.89 18.15
CA LYS B 469 -28.99 21.13 17.89
C LYS B 469 -29.84 22.32 18.38
N PRO B 470 -29.24 23.28 19.09
CA PRO B 470 -30.05 24.45 19.48
C PRO B 470 -30.40 25.42 18.36
N ASP B 471 -31.46 26.18 18.59
CA ASP B 471 -31.71 27.37 17.82
C ASP B 471 -30.96 28.44 18.59
N TRP B 472 -29.99 29.07 17.94
CA TRP B 472 -29.07 30.00 18.63
C TRP B 472 -29.66 31.38 18.90
N GLY B 473 -30.74 31.76 18.19
CA GLY B 473 -31.30 33.12 18.30
C GLY B 473 -30.32 34.17 17.80
N THR B 474 -30.43 35.41 18.30
CA THR B 474 -29.61 36.53 17.83
C THR B 474 -28.30 36.64 18.56
N PRO B 475 -27.28 37.20 17.90
CA PRO B 475 -25.98 37.41 18.57
C PRO B 475 -26.12 38.17 19.88
N SER B 476 -25.27 37.87 20.86
CA SER B 476 -25.40 38.41 22.21
C SER B 476 -24.23 39.29 22.53
N GLN B 477 -23.24 39.25 21.66
CA GLN B 477 -22.03 40.04 21.79
C GLN B 477 -21.51 40.42 20.41
N TYR B 478 -20.87 41.58 20.28
CA TYR B 478 -20.30 41.98 19.01
C TYR B 478 -18.90 42.42 19.29
N ILE B 479 -17.91 41.61 18.92
CA ILE B 479 -16.52 42.02 19.07
C ILE B 479 -16.10 42.80 17.84
N ASP B 480 -15.37 43.89 18.07
CA ASP B 480 -14.77 44.77 17.05
C ASP B 480 -13.50 45.39 17.70
N ASP B 481 -12.33 44.75 17.48
CA ASP B 481 -11.06 45.13 18.10
C ASP B 481 -10.04 45.42 17.01
N LYS B 482 -9.23 46.47 17.16
CA LYS B 482 -8.17 46.74 16.20
C LYS B 482 -6.84 46.81 16.92
N THR B 483 -5.95 45.83 16.71
CA THR B 483 -4.54 45.98 17.13
C THR B 483 -3.68 46.76 16.09
N ARG B 484 -2.75 47.61 16.56
CA ARG B 484 -1.70 48.25 15.69
C ARG B 484 -0.29 48.19 16.31
N GLN B 485 0.67 47.68 15.54
CA GLN B 485 2.02 47.58 16.07
C GLN B 485 3.06 48.08 15.09
N LEU B 486 3.99 48.88 15.60
CA LEU B 486 5.11 49.40 14.82
C LEU B 486 6.40 48.83 15.39
N GLY B 487 7.43 48.69 14.56
CA GLY B 487 8.72 48.16 15.04
C GLY B 487 9.94 48.71 14.31
N SER B 488 10.97 49.09 15.06
CA SER B 488 12.23 49.51 14.47
C SER B 488 13.33 48.84 15.22
N TYR B 489 14.23 48.20 14.47
CA TYR B 489 15.33 47.48 15.04
C TYR B 489 16.61 47.72 14.27
N MET B 490 17.68 48.00 15.01
CA MET B 490 19.09 47.96 14.56
C MET B 490 19.73 46.71 15.23
N THR B 491 20.54 45.95 14.50
CA THR B 491 21.39 44.94 15.14
C THR B 491 22.79 44.89 14.52
N ALA B 492 23.81 44.86 15.37
CA ALA B 492 25.15 44.74 14.88
C ALA B 492 25.82 43.49 15.42
N ARG B 493 26.44 42.72 14.52
CA ARG B 493 27.36 41.66 14.91
C ARG B 493 28.76 42.17 14.68
N PHE B 494 29.40 42.60 15.77
CA PHE B 494 30.76 43.13 15.73
C PHE B 494 31.75 41.99 15.65
N ASN B 495 32.71 42.14 14.77
CA ASN B 495 33.85 41.23 14.71
C ASN B 495 35.04 41.71 15.59
N VAL B 496 34.97 41.46 16.90
CA VAL B 496 36.02 41.92 17.83
C VAL B 496 37.39 41.23 17.63
N THR B 497 37.38 39.89 17.58
CA THR B 497 38.55 39.01 17.35
C THR B 497 38.15 37.98 16.29
N ASP B 498 39.03 37.05 15.95
CA ASP B 498 38.68 35.90 15.12
C ASP B 498 37.97 34.82 15.93
N ASP B 499 37.92 35.02 17.24
CA ASP B 499 37.23 34.12 18.15
C ASP B 499 36.06 34.82 18.86
N LEU B 500 35.98 36.15 18.73
CA LEU B 500 34.99 36.88 19.48
C LEU B 500 34.11 37.78 18.63
N ASN B 501 32.81 37.54 18.74
CA ASN B 501 31.78 38.35 18.08
C ASN B 501 30.79 38.84 19.12
N LEU B 502 30.59 40.15 19.18
CA LEU B 502 29.65 40.77 20.12
C LEU B 502 28.38 41.26 19.40
N PHE B 503 27.22 40.78 19.84
CA PHE B 503 25.95 41.19 19.26
C PHE B 503 25.33 42.25 20.16
N LEU B 504 25.06 43.43 19.61
CA LEU B 504 24.31 44.48 20.28
C LEU B 504 23.24 45.00 19.36
N GLY B 505 22.01 45.07 19.84
CA GLY B 505 20.94 45.59 19.00
C GLY B 505 19.68 45.82 19.78
N GLY B 506 18.56 46.04 19.10
CA GLY B 506 17.33 46.24 19.84
C GLY B 506 16.21 46.90 19.10
N ARG B 507 15.05 46.96 19.75
CA ARG B 507 13.83 47.31 19.04
C ARG B 507 13.02 48.36 19.80
N VAL B 508 12.59 49.41 19.12
CA VAL B 508 11.56 50.27 19.72
C VAL B 508 10.17 49.85 19.23
N VAL B 509 9.24 49.72 20.17
CA VAL B 509 7.96 49.12 19.90
C VAL B 509 6.86 50.07 20.27
N ASP B 510 5.92 50.24 19.34
CA ASP B 510 4.67 50.89 19.61
C ASP B 510 3.51 49.90 19.48
N TYR B 511 2.55 49.97 20.39
CA TYR B 511 1.43 49.03 20.45
C TYR B 511 0.10 49.69 20.86
N ARG B 512 -0.84 49.81 19.91
CA ARG B 512 -2.17 50.40 20.16
C ARG B 512 -3.23 49.33 19.89
N VAL B 513 -4.27 49.30 20.70
CA VAL B 513 -5.37 48.36 20.54
C VAL B 513 -6.65 48.96 21.12
N THR B 514 -7.43 49.53 20.20
CA THR B 514 -8.75 50.10 20.48
C THR B 514 -9.88 49.03 20.35
N GLY B 515 -10.96 49.17 21.13
CA GLY B 515 -12.07 48.22 21.07
C GLY B 515 -13.24 48.60 21.96
N LEU B 516 -13.87 47.60 22.56
CA LEU B 516 -14.96 47.84 23.53
C LEU B 516 -14.42 48.40 24.85
N ASN B 517 -13.30 47.83 25.31
CA ASN B 517 -12.64 48.27 26.52
C ASN B 517 -11.82 49.52 26.25
N PRO B 518 -11.46 50.26 27.32
CA PRO B 518 -10.48 51.34 27.35
C PRO B 518 -9.24 51.01 26.52
N THR B 519 -8.86 51.95 25.64
CA THR B 519 -7.67 51.82 24.79
C THR B 519 -6.45 51.32 25.57
N ILE B 520 -5.80 50.27 25.10
CA ILE B 520 -4.53 49.83 25.65
C ILE B 520 -3.41 50.43 24.78
N ARG B 521 -2.40 51.04 25.40
CA ARG B 521 -1.45 51.85 24.62
C ARG B 521 -0.03 51.81 25.18
N GLU B 522 0.93 51.36 24.39
CA GLU B 522 2.34 51.39 24.80
C GLU B 522 3.28 51.99 23.74
N SER B 523 3.74 53.22 23.96
CA SER B 523 4.66 53.85 23.01
C SER B 523 6.11 53.90 23.45
N GLY B 524 7.01 53.70 22.48
CA GLY B 524 8.46 53.76 22.65
C GLY B 524 9.12 52.82 23.63
N ARG B 525 8.59 51.60 23.83
CA ARG B 525 9.28 50.68 24.76
C ARG B 525 10.46 50.07 24.04
N PHE B 526 11.53 49.84 24.79
CA PHE B 526 12.78 49.38 24.23
C PHE B 526 12.98 47.94 24.58
N ILE B 527 13.35 47.12 23.59
CA ILE B 527 13.75 45.74 23.83
C ILE B 527 15.21 45.66 23.45
N PRO B 528 16.09 45.38 24.41
CA PRO B 528 17.54 45.16 24.17
C PRO B 528 17.91 43.75 23.72
N TYR B 529 18.99 43.65 22.95
CA TYR B 529 19.54 42.38 22.52
C TYR B 529 21.02 42.54 22.72
N VAL B 530 21.55 41.73 23.62
CA VAL B 530 22.98 41.68 23.89
C VAL B 530 23.37 40.22 23.98
N GLY B 531 24.50 39.90 23.36
CA GLY B 531 25.05 38.56 23.44
C GLY B 531 26.35 38.47 22.72
N ALA B 532 27.15 37.46 23.08
CA ALA B 532 28.50 37.27 22.57
C ALA B 532 28.75 35.80 22.22
N VAL B 533 29.60 35.53 21.24
CA VAL B 533 30.08 34.15 21.06
C VAL B 533 31.59 34.12 20.87
N TYR B 534 32.23 33.26 21.65
CA TYR B 534 33.68 33.09 21.67
C TYR B 534 34.03 31.65 21.26
N ASP B 535 34.88 31.49 20.24
CA ASP B 535 35.37 30.17 19.79
C ASP B 535 36.47 29.62 20.73
N LEU B 536 36.51 28.29 20.93
CA LEU B 536 37.54 27.68 21.80
C LEU B 536 38.59 26.94 20.96
N ASN B 537 38.07 26.19 19.98
CA ASN B 537 38.83 25.56 18.91
C ASN B 537 37.92 25.53 17.69
N ASP B 538 38.23 24.63 16.75
CA ASP B 538 37.43 24.42 15.51
C ASP B 538 36.07 23.80 15.73
N THR B 539 35.98 22.88 16.70
CA THR B 539 34.70 22.27 17.10
C THR B 539 33.77 23.23 17.89
N TYR B 540 34.29 23.83 18.98
CA TYR B 540 33.44 24.44 20.02
C TYR B 540 33.35 25.94 20.01
N SER B 541 32.33 26.47 20.70
CA SER B 541 32.19 27.88 21.08
C SER B 541 31.35 28.02 22.34
N VAL B 542 31.77 28.84 23.31
CA VAL B 542 30.82 29.24 24.35
C VAL B 542 30.16 30.51 23.89
N TYR B 543 28.92 30.72 24.36
CA TYR B 543 28.16 31.95 24.11
C TYR B 543 27.34 32.34 25.30
N ALA B 544 26.89 33.59 25.32
CA ALA B 544 26.05 34.12 26.41
C ALA B 544 25.17 35.25 25.88
N SER B 545 24.00 35.43 26.48
CA SER B 545 23.11 36.46 26.00
C SER B 545 22.04 36.87 27.00
N TYR B 546 21.58 38.11 26.82
CA TYR B 546 20.49 38.74 27.55
C TYR B 546 19.42 39.15 26.53
N THR B 547 18.24 38.57 26.67
CA THR B 547 17.11 38.84 25.77
C THR B 547 15.83 39.18 26.53
N ASP B 548 15.00 39.99 25.87
CA ASP B 548 13.81 40.58 26.48
C ASP B 548 12.57 40.39 25.58
N ILE B 549 11.40 40.26 26.20
CA ILE B 549 10.13 40.43 25.45
C ILE B 549 9.14 41.11 26.38
N PHE B 550 8.13 41.79 25.83
CA PHE B 550 6.98 42.23 26.67
C PHE B 550 5.62 42.07 25.98
N MET B 551 4.56 42.09 26.77
CA MET B 551 3.20 41.97 26.24
C MET B 551 2.20 42.72 27.09
N PRO B 552 1.57 43.78 26.52
CA PRO B 552 0.49 44.53 27.18
C PRO B 552 -0.59 43.60 27.70
N GLN B 553 -1.07 43.83 28.90
CA GLN B 553 -2.02 42.94 29.53
C GLN B 553 -3.39 42.86 28.84
N ASP B 554 -3.97 41.66 28.82
CA ASP B 554 -5.41 41.47 28.53
C ASP B 554 -6.20 42.54 29.28
N SER B 555 -7.13 43.16 28.58
CA SER B 555 -7.89 44.27 29.12
C SER B 555 -8.42 44.19 30.57
N TRP B 556 -8.63 43.00 31.12
CA TRP B 556 -9.30 42.85 32.43
C TRP B 556 -8.39 42.75 33.67
N TYR B 557 -7.10 42.64 33.43
CA TYR B 557 -6.13 42.56 34.53
C TYR B 557 -5.80 43.94 35.10
N ARG B 558 -6.58 44.33 36.10
CA ARG B 558 -6.47 45.65 36.68
C ARG B 558 -6.24 45.52 38.18
N ASP B 559 -5.58 46.52 38.78
CA ASP B 559 -5.24 46.53 40.23
C ASP B 559 -6.31 47.21 41.09
N SER B 560 -6.09 47.32 42.41
CA SER B 560 -7.04 48.01 43.34
C SER B 560 -7.48 49.38 42.85
N SER B 561 -6.55 50.11 42.21
CA SER B 561 -6.88 51.46 41.81
C SER B 561 -7.64 51.49 40.49
N ASN B 562 -7.88 50.30 39.93
CA ASN B 562 -8.58 50.11 38.67
C ASN B 562 -7.75 50.51 37.43
N LYS B 563 -6.41 50.48 37.56
CA LYS B 563 -5.48 50.72 36.46
C LYS B 563 -4.99 49.39 35.87
N LEU B 564 -4.76 49.38 34.57
CA LEU B 564 -4.29 48.16 33.92
C LEU B 564 -2.92 47.81 34.48
N LEU B 565 -2.67 46.55 34.82
CA LEU B 565 -1.32 46.12 35.21
C LEU B 565 -0.35 46.47 34.11
N GLU B 566 0.87 46.78 34.51
CA GLU B 566 1.96 47.04 33.60
C GLU B 566 2.26 45.79 32.73
N PRO B 567 2.51 45.97 31.43
CA PRO B 567 2.81 44.89 30.48
C PRO B 567 3.55 43.66 31.08
N ASP B 568 3.00 42.47 30.90
CA ASP B 568 3.68 41.22 31.29
C ASP B 568 4.99 41.14 30.50
N GLU B 569 6.09 40.83 31.18
CA GLU B 569 7.39 40.85 30.51
C GLU B 569 8.45 40.00 31.18
N GLY B 570 9.58 39.87 30.49
CA GLY B 570 10.66 39.06 31.01
C GLY B 570 11.92 39.07 30.18
N GLN B 571 12.99 38.72 30.87
CA GLN B 571 14.33 38.67 30.32
C GLN B 571 14.83 37.25 30.42
N ASN B 572 15.54 36.81 29.38
CA ASN B 572 16.13 35.50 29.39
C ASN B 572 17.64 35.65 29.46
N TYR B 573 18.27 35.05 30.47
CA TYR B 573 19.72 35.11 30.73
C TYR B 573 20.31 33.76 30.43
N GLU B 574 21.21 33.68 29.44
CA GLU B 574 21.68 32.38 28.96
C GLU B 574 23.17 32.32 28.72
N ILE B 575 23.79 31.29 29.28
CA ILE B 575 25.17 30.95 28.99
C ILE B 575 25.18 29.49 28.53
N GLY B 576 26.01 29.18 27.54
CA GLY B 576 26.13 27.83 27.03
C GLY B 576 27.28 27.55 26.07
N ILE B 577 27.40 26.29 25.70
CA ILE B 577 28.45 25.80 24.82
C ILE B 577 27.85 25.08 23.62
N LYS B 578 28.40 25.33 22.43
CA LYS B 578 27.94 24.66 21.18
C LYS B 578 29.06 23.99 20.32
N GLY B 579 28.85 22.71 20.04
CA GLY B 579 29.65 21.96 19.07
C GLY B 579 29.08 21.84 17.66
N GLU B 580 30.01 21.62 16.72
CA GLU B 580 29.76 21.57 15.27
C GLU B 580 30.79 20.62 14.60
N TYR B 581 30.30 19.54 13.98
CA TYR B 581 31.15 18.46 13.49
C TYR B 581 30.89 18.09 12.01
N LEU B 582 31.91 17.51 11.38
CA LEU B 582 31.82 17.04 9.99
C LEU B 582 31.18 18.14 9.17
N ASP B 583 31.74 19.35 9.26
CA ASP B 583 31.39 20.46 8.35
C ASP B 583 30.02 21.06 8.53
N GLY B 584 29.49 21.03 9.74
CA GLY B 584 28.10 21.44 9.97
C GLY B 584 27.04 20.42 9.59
N ARG B 585 27.43 19.13 9.55
CA ARG B 585 26.50 18.00 9.33
C ARG B 585 25.94 17.44 10.65
N LEU B 586 26.65 17.66 11.77
CA LEU B 586 26.18 17.31 13.11
C LEU B 586 26.33 18.53 14.06
N ASN B 587 25.31 18.82 14.87
CA ASN B 587 25.41 19.89 15.90
C ASN B 587 25.15 19.37 17.30
N THR B 588 25.74 20.04 18.29
CA THR B 588 25.43 19.82 19.71
C THR B 588 25.34 21.16 20.41
N SER B 589 24.66 21.19 21.56
CA SER B 589 24.56 22.36 22.43
C SER B 589 24.30 21.90 23.86
N LEU B 590 24.85 22.61 24.83
CA LEU B 590 24.44 22.47 26.23
C LEU B 590 24.25 23.88 26.75
N ALA B 591 23.14 24.13 27.46
CA ALA B 591 22.83 25.50 27.91
C ALA B 591 22.28 25.64 29.33
N TYR B 592 22.68 26.73 29.99
CA TYR B 592 22.03 27.14 31.22
C TYR B 592 21.29 28.48 31.01
N PHE B 593 20.06 28.51 31.49
CA PHE B 593 19.16 29.64 31.25
C PHE B 593 18.28 29.94 32.46
N GLU B 594 17.71 31.13 32.44
CA GLU B 594 16.95 31.60 33.56
C GLU B 594 16.08 32.71 33.03
N ILE B 595 14.76 32.63 33.28
CA ILE B 595 13.81 33.65 32.84
C ILE B 595 13.26 34.40 34.04
N HIS B 596 13.40 35.71 34.01
CA HIS B 596 12.90 36.55 35.08
C HIS B 596 11.69 37.30 34.54
N GLU B 597 10.51 36.91 35.02
CA GLU B 597 9.25 37.56 34.62
C GLU B 597 8.92 38.72 35.57
N GLU B 598 8.50 39.85 35.01
CA GLU B 598 7.92 40.89 35.86
C GLU B 598 6.52 41.26 35.35
N ASN B 599 5.64 41.69 36.29
CA ASN B 599 4.15 41.82 36.09
C ASN B 599 3.32 40.58 35.67
N ARG B 600 3.52 39.46 36.38
CA ARG B 600 2.65 38.30 36.20
C ARG B 600 1.41 38.61 37.00
N ALA B 601 0.28 38.74 36.29
CA ALA B 601 -1.05 38.92 36.88
C ALA B 601 -1.46 37.77 37.78
N GLU B 602 -1.46 38.01 39.10
CA GLU B 602 -1.96 37.07 40.10
C GLU B 602 -3.12 37.85 40.76
N GLU B 603 -3.98 37.14 41.48
CA GLU B 603 -5.26 37.68 41.88
C GLU B 603 -5.25 38.83 42.88
N ASP B 604 -4.40 38.82 43.90
CA ASP B 604 -4.48 39.84 44.99
C ASP B 604 -5.69 39.59 45.89
N ALA B 605 -5.59 38.45 46.58
CA ALA B 605 -6.67 37.91 47.43
C ALA B 605 -6.84 38.72 48.72
N LEU B 606 -5.79 39.45 49.07
CA LEU B 606 -5.84 40.36 50.21
C LEU B 606 -6.78 41.52 49.94
N TYR B 607 -6.57 42.27 48.86
CA TYR B 607 -7.57 43.25 48.50
C TYR B 607 -8.93 42.54 48.34
N ASN B 608 -8.94 41.44 47.59
CA ASN B 608 -10.16 40.68 47.30
C ASN B 608 -10.93 40.08 48.47
N SER B 609 -10.30 39.97 49.65
CA SER B 609 -11.02 39.55 50.88
C SER B 609 -11.88 40.64 51.51
N LYS B 610 -11.52 41.90 51.30
CA LYS B 610 -12.42 43.04 51.52
C LYS B 610 -12.07 44.30 50.73
N PRO B 611 -12.68 44.42 49.55
CA PRO B 611 -12.44 45.49 48.62
C PRO B 611 -12.88 46.80 49.23
N THR B 612 -12.17 47.90 48.95
CA THR B 612 -12.51 49.22 49.46
C THR B 612 -12.86 50.19 48.33
N ASN B 613 -12.39 49.87 47.13
CA ASN B 613 -12.76 50.61 45.93
C ASN B 613 -13.87 49.84 45.18
N PRO B 614 -15.12 50.38 45.18
CA PRO B 614 -16.25 49.68 44.57
C PRO B 614 -16.21 49.60 43.04
N ALA B 615 -15.36 50.41 42.41
CA ALA B 615 -15.11 50.31 40.97
C ALA B 615 -14.62 48.91 40.59
N ILE B 616 -13.66 48.39 41.35
CA ILE B 616 -13.17 47.01 41.15
C ILE B 616 -13.20 46.15 42.43
N THR B 617 -14.04 45.13 42.38
CA THR B 617 -14.38 44.22 43.49
C THR B 617 -13.54 42.91 43.50
N TYR B 618 -12.94 42.60 42.36
CA TYR B 618 -12.03 41.50 42.26
C TYR B 618 -10.85 41.98 41.41
N ALA B 619 -9.76 42.35 42.07
CA ALA B 619 -8.61 42.97 41.41
C ALA B 619 -7.39 42.07 41.31
N TYR B 620 -6.37 42.55 40.61
CA TYR B 620 -5.14 41.79 40.38
C TYR B 620 -3.93 42.61 40.72
N LYS B 621 -2.83 41.97 41.11
CA LYS B 621 -1.53 42.63 41.27
C LYS B 621 -0.49 41.91 40.43
N GLY B 622 0.52 42.66 39.98
CA GLY B 622 1.61 42.16 39.16
C GLY B 622 2.75 41.70 40.05
N ILE B 623 3.17 40.44 39.91
CA ILE B 623 4.27 39.87 40.69
C ILE B 623 5.41 39.38 39.77
N LYS B 624 6.51 38.93 40.39
CA LYS B 624 7.67 38.41 39.65
C LYS B 624 7.64 36.90 39.58
N ALA B 625 8.40 36.34 38.65
CA ALA B 625 8.52 34.88 38.50
C ALA B 625 9.84 34.55 37.89
N LYS B 626 10.38 33.39 38.24
CA LYS B 626 11.65 32.95 37.71
C LYS B 626 11.59 31.50 37.22
N THR B 627 11.99 31.24 35.97
CA THR B 627 12.25 29.89 35.48
C THR B 627 13.75 29.71 35.59
N LYS B 628 14.18 28.67 36.30
CA LYS B 628 15.59 28.24 36.38
C LYS B 628 15.71 26.90 35.64
N GLY B 629 16.64 26.77 34.70
CA GLY B 629 16.88 25.44 34.06
C GLY B 629 18.05 25.25 33.10
N TYR B 630 18.10 24.07 32.46
CA TYR B 630 19.15 23.72 31.46
C TYR B 630 18.69 22.78 30.34
N GLU B 631 19.48 22.72 29.27
CA GLU B 631 19.07 22.03 28.05
C GLU B 631 20.27 21.55 27.23
N ALA B 632 20.34 20.25 26.97
CA ALA B 632 21.32 19.72 26.04
C ALA B 632 20.64 19.09 24.79
N GLU B 633 21.21 19.31 23.61
CA GLU B 633 20.68 18.65 22.41
C GLU B 633 21.69 18.32 21.30
N ILE B 634 21.24 17.47 20.40
CA ILE B 634 22.07 16.95 19.34
C ILE B 634 21.19 16.80 18.12
N SER B 635 21.68 17.24 16.97
CA SER B 635 20.98 17.01 15.71
C SER B 635 21.92 16.73 14.57
N GLY B 636 21.49 15.86 13.65
CA GLY B 636 22.21 15.62 12.43
C GLY B 636 22.89 14.26 12.35
N GLU B 637 23.96 14.22 11.54
CA GLU B 637 24.60 12.98 11.10
C GLU B 637 25.51 12.36 12.17
N LEU B 638 25.09 11.22 12.70
CA LEU B 638 25.88 10.42 13.63
C LEU B 638 26.92 9.54 12.86
N ALA B 639 26.61 9.18 11.63
CA ALA B 639 27.40 8.23 10.85
C ALA B 639 26.81 8.25 9.43
N PRO B 640 27.53 7.75 8.40
CA PRO B 640 27.01 7.94 7.04
C PRO B 640 25.48 7.88 6.78
N GLY B 641 24.76 6.83 7.14
CA GLY B 641 23.28 6.93 6.88
C GLY B 641 22.33 7.15 8.06
N TRP B 642 22.89 7.68 9.16
CA TRP B 642 22.31 7.60 10.50
C TRP B 642 22.01 8.99 11.04
N GLN B 643 20.75 9.32 11.24
CA GLN B 643 20.42 10.69 11.63
C GLN B 643 19.75 10.73 13.02
N VAL B 644 20.09 11.71 13.86
CA VAL B 644 19.34 11.94 15.12
C VAL B 644 18.77 13.32 15.28
N GLN B 645 17.70 13.40 16.06
CA GLN B 645 17.40 14.62 16.78
C GLN B 645 17.03 14.24 18.19
N ALA B 646 17.71 14.87 19.14
CA ALA B 646 17.56 14.51 20.53
C ALA B 646 17.85 15.69 21.40
N GLY B 647 17.08 15.84 22.46
CA GLY B 647 17.36 16.86 23.46
C GLY B 647 17.01 16.39 24.85
N TYR B 648 17.50 17.14 25.83
CA TYR B 648 17.07 16.94 27.21
C TYR B 648 16.86 18.30 27.91
N THR B 649 15.69 18.46 28.55
CA THR B 649 15.37 19.75 29.17
C THR B 649 14.95 19.67 30.64
N HIS B 650 15.54 20.52 31.47
CA HIS B 650 15.15 20.62 32.86
C HIS B 650 14.56 22.01 33.18
N LYS B 651 13.52 22.09 34.01
CA LYS B 651 13.03 23.38 34.47
C LYS B 651 12.19 23.31 35.75
N ILE B 652 12.31 24.39 36.55
CA ILE B 652 11.33 24.73 37.57
C ILE B 652 11.03 26.23 37.50
N ILE B 653 9.76 26.60 37.32
CA ILE B 653 9.39 28.01 37.43
C ILE B 653 8.61 28.28 38.74
N ARG B 654 9.13 29.17 39.57
CA ARG B 654 8.44 29.59 40.79
C ARG B 654 7.96 31.05 40.76
N ASP B 655 6.90 31.32 41.52
CA ASP B 655 6.54 32.66 42.07
C ASP B 655 7.62 33.46 42.81
N ASP B 656 7.42 34.76 42.82
CA ASP B 656 7.60 35.64 43.97
C ASP B 656 7.67 34.85 45.28
N SER B 657 6.61 34.09 45.56
CA SER B 657 6.43 33.46 46.88
C SER B 657 7.21 32.16 47.00
N GLY B 658 7.77 31.71 45.88
CA GLY B 658 8.42 30.40 45.80
C GLY B 658 7.47 29.24 45.50
N LYS B 659 6.18 29.52 45.33
CA LYS B 659 5.22 28.48 44.95
C LYS B 659 5.43 28.07 43.49
N LYS B 660 5.39 26.78 43.20
CA LYS B 660 5.52 26.31 41.81
C LYS B 660 4.34 26.67 40.89
N VAL B 661 4.65 26.72 39.60
CA VAL B 661 3.77 27.26 38.57
C VAL B 661 3.96 26.45 37.25
N SER B 662 2.94 26.36 36.40
CA SER B 662 2.89 25.36 35.30
C SER B 662 3.40 23.98 35.68
N THR B 663 2.82 23.47 36.75
CA THR B 663 3.22 22.18 37.28
C THR B 663 2.76 21.07 36.35
N TRP B 664 1.87 21.39 35.40
CA TRP B 664 1.42 20.41 34.40
C TRP B 664 2.50 20.15 33.32
N GLU B 665 3.39 21.13 33.11
CA GLU B 665 4.56 20.89 32.28
C GLU B 665 5.62 20.24 33.15
N PRO B 666 6.11 19.06 32.73
CA PRO B 666 7.01 18.21 33.50
C PRO B 666 8.24 18.99 33.73
N GLN B 667 8.99 18.72 34.79
CA GLN B 667 10.24 19.45 35.04
C GLN B 667 11.41 18.87 34.25
N ASP B 668 11.22 17.64 33.77
CA ASP B 668 12.24 16.96 33.02
C ASP B 668 11.61 16.27 31.88
N GLN B 669 12.25 16.37 30.73
CA GLN B 669 11.82 15.65 29.56
C GLN B 669 13.04 15.31 28.68
N LEU B 670 12.85 14.36 27.78
CA LEU B 670 13.89 13.77 26.99
C LEU B 670 13.26 13.40 25.65
N SER B 671 14.01 13.50 24.55
CA SER B 671 13.52 13.14 23.21
C SER B 671 14.62 12.57 22.34
N LEU B 672 14.36 11.45 21.71
CA LEU B 672 15.31 10.90 20.78
C LEU B 672 14.54 10.35 19.61
N TYR B 673 14.89 10.83 18.41
CA TYR B 673 14.36 10.29 17.15
C TYR B 673 15.50 10.03 16.20
N THR B 674 15.58 8.80 15.70
CA THR B 674 16.64 8.45 14.81
C THR B 674 16.12 7.68 13.61
N SER B 675 16.80 7.79 12.48
CA SER B 675 16.54 6.88 11.35
C SER B 675 17.85 6.42 10.73
N TYR B 676 17.78 5.33 9.94
CA TYR B 676 18.97 4.69 9.41
C TYR B 676 18.79 4.03 8.04
N LYS B 677 19.60 4.47 7.08
CA LYS B 677 19.59 4.01 5.71
C LYS B 677 20.60 2.95 5.57
N PHE B 678 20.19 1.74 5.23
CA PHE B 678 21.14 0.67 5.07
C PHE B 678 22.06 0.87 3.86
N LYS B 679 23.14 0.11 3.85
CA LYS B 679 24.05 0.18 2.76
C LYS B 679 24.02 -1.21 2.10
N GLY B 680 24.40 -1.27 0.83
CA GLY B 680 24.49 -2.53 0.07
C GLY B 680 23.20 -3.30 -0.18
N ALA B 681 23.25 -4.62 0.04
CA ALA B 681 22.11 -5.51 -0.22
C ALA B 681 20.75 -4.89 0.16
N LEU B 682 20.69 -4.17 1.28
CA LEU B 682 19.43 -3.60 1.72
C LEU B 682 19.37 -2.07 1.60
N ASP B 683 19.96 -1.44 0.59
CA ASP B 683 20.02 0.05 0.58
C ASP B 683 18.73 0.76 0.19
N LYS B 684 17.69 -0.04 -0.07
CA LYS B 684 16.38 0.50 -0.37
C LYS B 684 15.54 0.67 0.92
N LEU B 685 16.03 0.06 2.01
CA LEU B 685 15.37 0.06 3.32
C LEU B 685 15.89 1.15 4.21
N THR B 686 14.95 1.87 4.83
CA THR B 686 15.24 2.82 5.91
C THR B 686 14.48 2.40 7.20
N VAL B 687 15.15 2.35 8.33
CA VAL B 687 14.49 1.88 9.55
C VAL B 687 14.60 2.98 10.60
N GLY B 688 13.54 3.26 11.32
CA GLY B 688 13.65 4.36 12.25
C GLY B 688 12.85 4.18 13.50
N GLY B 689 13.11 5.04 14.48
CA GLY B 689 12.25 5.10 15.63
C GLY B 689 12.59 6.22 16.59
N GLY B 690 11.97 6.19 17.75
CA GLY B 690 12.06 7.28 18.66
C GLY B 690 11.39 6.96 19.96
N ALA B 691 11.82 7.65 21.00
CA ALA B 691 11.23 7.58 22.30
C ALA B 691 11.16 9.01 22.85
N ARG B 692 10.09 9.35 23.54
CA ARG B 692 10.02 10.57 24.36
C ARG B 692 9.61 10.11 25.75
N TRP B 693 10.26 10.68 26.78
CA TRP B 693 9.96 10.39 28.18
C TRP B 693 9.77 11.72 28.84
N GLN B 694 8.92 11.76 29.86
CA GLN B 694 8.85 12.90 30.79
C GLN B 694 8.60 12.51 32.26
N GLY B 695 8.91 13.44 33.16
CA GLY B 695 8.71 13.20 34.56
C GLY B 695 7.31 13.54 35.00
N LYS B 696 7.02 13.29 36.28
CA LYS B 696 5.83 13.82 36.97
C LYS B 696 5.38 15.22 36.46
N SER B 697 4.11 15.31 36.10
CA SER B 697 3.38 16.58 36.04
C SER B 697 2.07 16.41 36.77
N TRP B 698 1.48 17.51 37.24
CA TRP B 698 0.27 17.47 38.07
C TRP B 698 -0.54 18.76 38.08
N GLN B 699 -1.82 18.58 38.41
CA GLN B 699 -2.73 19.72 38.56
C GLN B 699 -3.45 19.62 39.88
N MET B 700 -3.71 20.80 40.38
CA MET B 700 -4.37 21.00 41.60
C MET B 700 -5.76 21.47 41.09
N VAL B 701 -6.80 20.69 41.38
CA VAL B 701 -8.15 21.02 40.89
C VAL B 701 -9.17 21.03 42.03
N TYR B 702 -10.25 21.79 41.86
CA TYR B 702 -11.23 21.99 42.95
C TYR B 702 -12.44 21.14 42.71
N ASN B 703 -12.58 20.06 43.47
CA ASN B 703 -13.85 19.34 43.56
C ASN B 703 -15.05 20.17 44.13
N ASN B 704 -15.95 20.66 43.28
CA ASN B 704 -17.01 21.55 43.74
C ASN B 704 -18.05 20.86 44.64
N PRO B 705 -18.64 19.74 44.20
CA PRO B 705 -19.66 19.14 45.06
C PRO B 705 -19.12 18.70 46.41
N ARG B 706 -17.84 18.32 46.51
CA ARG B 706 -17.24 17.86 47.78
C ARG B 706 -16.42 18.94 48.46
N SER B 707 -16.36 20.10 47.83
CA SER B 707 -15.76 21.30 48.40
C SER B 707 -14.38 21.14 48.86
N ARG B 708 -13.45 20.78 47.97
CA ARG B 708 -12.07 20.57 48.42
C ARG B 708 -11.07 20.62 47.28
N TRP B 709 -9.84 20.96 47.59
CA TRP B 709 -8.83 20.77 46.57
C TRP B 709 -8.44 19.29 46.43
N GLU B 710 -7.87 18.94 45.29
CA GLU B 710 -7.41 17.59 45.02
C GLU B 710 -6.17 17.68 44.12
N LYS B 711 -5.15 16.89 44.40
CA LYS B 711 -4.01 16.76 43.50
C LYS B 711 -4.27 15.68 42.43
N PHE B 712 -4.02 15.94 41.16
CA PHE B 712 -4.14 14.86 40.19
C PHE B 712 -2.77 14.67 39.61
N SER B 713 -2.29 13.44 39.60
CA SER B 713 -0.98 13.20 38.98
C SER B 713 -0.95 12.41 37.67
N GLN B 714 -0.06 12.85 36.77
CA GLN B 714 0.42 12.00 35.69
C GLN B 714 1.85 11.56 36.04
N GLU B 715 1.96 10.26 36.30
CA GLU B 715 3.20 9.56 36.54
C GLU B 715 4.09 9.75 35.32
N ASP B 716 5.42 9.80 35.53
CA ASP B 716 6.40 9.80 34.44
C ASP B 716 6.11 8.66 33.47
N TYR B 717 6.29 8.87 32.17
CA TYR B 717 5.88 7.85 31.19
C TYR B 717 6.68 7.93 29.91
N TRP B 718 6.77 6.79 29.20
CA TRP B 718 7.44 6.75 27.89
C TRP B 718 6.42 6.70 26.74
N LEU B 719 6.72 7.39 25.64
CA LEU B 719 6.05 7.07 24.38
C LEU B 719 7.09 6.62 23.33
N VAL B 720 6.93 5.39 22.80
CA VAL B 720 7.81 4.93 21.75
C VAL B 720 7.14 4.91 20.40
N ASP B 721 7.83 5.33 19.33
CA ASP B 721 7.43 4.92 17.93
C ASP B 721 8.46 4.31 16.98
N LEU B 722 7.95 3.58 16.00
CA LEU B 722 8.79 2.85 15.06
C LEU B 722 8.43 3.27 13.66
N MET B 723 9.39 3.10 12.74
CA MET B 723 9.25 3.65 11.40
C MET B 723 10.02 2.80 10.38
N ALA B 724 9.47 2.64 9.17
CA ALA B 724 10.15 1.90 8.10
C ALA B 724 9.68 2.39 6.72
N ARG B 725 10.65 2.63 5.81
CA ARG B 725 10.44 3.00 4.41
C ARG B 725 11.25 2.10 3.52
N TYR B 726 10.64 1.61 2.42
CA TYR B 726 11.35 0.80 1.43
C TYR B 726 11.07 1.36 0.03
N GLN B 727 12.14 1.76 -0.64
CA GLN B 727 12.12 2.36 -1.96
C GLN B 727 12.01 1.26 -3.08
N ILE B 728 10.83 0.65 -3.22
CA ILE B 728 10.53 -0.35 -4.28
C ILE B 728 11.01 0.02 -5.66
N THR B 729 10.77 1.25 -6.05
CA THR B 729 11.11 1.71 -7.35
C THR B 729 11.94 2.96 -7.19
N ASP B 730 12.58 3.36 -8.29
CA ASP B 730 13.26 4.64 -8.37
C ASP B 730 12.29 5.83 -7.99
N LYS B 731 11.01 5.66 -8.37
CA LYS B 731 9.97 6.67 -8.25
C LYS B 731 9.01 6.39 -7.08
N LEU B 732 8.97 5.14 -6.65
CA LEU B 732 7.93 4.73 -5.71
C LEU B 732 8.47 4.05 -4.46
N SER B 733 8.20 4.66 -3.30
CA SER B 733 8.51 4.13 -1.99
C SER B 733 7.25 3.95 -1.18
N ALA B 734 7.30 3.05 -0.20
CA ALA B 734 6.20 2.77 0.74
C ALA B 734 6.64 2.79 2.25
N SER B 735 6.02 3.67 3.04
CA SER B 735 6.34 3.72 4.47
C SER B 735 5.30 3.14 5.43
N VAL B 736 5.72 2.93 6.69
CA VAL B 736 4.79 2.64 7.79
C VAL B 736 5.31 3.30 9.06
N ASN B 737 4.39 3.98 9.77
CA ASN B 737 4.66 4.51 11.11
C ASN B 737 3.73 3.89 12.13
N VAL B 738 4.32 3.35 13.18
CA VAL B 738 3.55 2.97 14.34
C VAL B 738 3.90 3.91 15.48
N ASN B 739 2.90 4.51 16.11
CA ASN B 739 3.14 5.47 17.22
C ASN B 739 2.54 5.04 18.51
N ASN B 740 3.25 5.33 19.59
CA ASN B 740 2.85 4.89 20.91
C ASN B 740 2.71 3.32 20.85
N VAL B 741 3.81 2.69 20.48
CA VAL B 741 3.91 1.26 20.28
C VAL B 741 3.42 0.46 21.48
N PHE B 742 3.70 0.95 22.69
CA PHE B 742 3.32 0.17 23.88
C PHE B 742 1.94 0.55 24.37
N ASP B 743 1.14 1.13 23.51
CA ASP B 743 -0.20 1.60 23.87
C ASP B 743 -0.36 2.35 25.22
N LYS B 744 0.59 3.19 25.57
CA LYS B 744 0.54 3.83 26.84
C LYS B 744 -0.75 4.64 26.96
N THR B 745 -1.54 4.41 27.99
CA THR B 745 -2.68 5.27 28.19
C THR B 745 -2.24 6.32 29.22
N TYR B 746 -2.55 7.57 28.97
CA TYR B 746 -1.98 8.69 29.72
C TYR B 746 -2.75 10.00 29.48
N TYR B 747 -2.57 11.03 30.30
CA TYR B 747 -3.39 12.24 30.13
C TYR B 747 -2.67 13.42 29.44
N THR B 748 -3.34 14.07 28.50
CA THR B 748 -2.74 15.27 27.94
C THR B 748 -3.37 16.50 28.57
N ASN B 749 -4.35 16.26 29.44
CA ASN B 749 -5.05 17.36 30.11
C ASN B 749 -5.75 16.91 31.38
N ILE B 750 -5.53 17.66 32.46
CA ILE B 750 -6.32 17.42 33.67
C ILE B 750 -6.51 18.74 34.38
N GLY B 751 -7.74 19.06 34.71
CA GLY B 751 -7.98 20.32 35.39
C GLY B 751 -8.45 21.49 34.55
N PHE B 752 -8.38 21.39 33.23
CA PHE B 752 -8.79 22.52 32.43
C PHE B 752 -10.30 22.58 32.50
N TYR B 753 -10.82 23.57 33.24
CA TYR B 753 -12.24 23.63 33.64
C TYR B 753 -12.69 22.28 34.14
N THR B 754 -11.90 21.70 35.05
CA THR B 754 -12.33 20.53 35.79
C THR B 754 -12.65 19.35 34.88
N SER B 755 -11.70 18.94 34.04
CA SER B 755 -11.93 17.92 33.01
C SER B 755 -10.65 17.19 32.70
N ALA B 756 -10.76 16.16 31.88
CA ALA B 756 -9.57 15.52 31.40
C ALA B 756 -9.65 15.05 29.91
N SER B 757 -8.46 14.89 29.32
CA SER B 757 -8.27 14.42 27.96
C SER B 757 -7.15 13.39 27.89
N TYR B 758 -7.40 12.30 27.13
CA TYR B 758 -6.38 11.26 26.82
C TYR B 758 -5.42 11.57 25.68
N GLY B 759 -4.23 11.00 25.72
CA GLY B 759 -3.27 11.08 24.59
C GLY B 759 -3.64 10.00 23.60
N ASP B 760 -3.08 10.07 22.38
CA ASP B 760 -3.44 9.05 21.37
C ASP B 760 -3.02 7.67 21.77
N PRO B 761 -3.95 6.71 21.70
CA PRO B 761 -3.61 5.28 21.79
C PRO B 761 -2.66 4.89 20.65
N ARG B 762 -2.04 3.72 20.74
CA ARG B 762 -1.22 3.18 19.64
C ARG B 762 -1.93 3.39 18.30
N ASN B 763 -1.24 3.93 17.30
CA ASN B 763 -1.83 4.11 15.97
C ASN B 763 -0.80 3.88 14.87
N LEU B 764 -1.28 3.58 13.65
CA LEU B 764 -0.42 3.35 12.49
C LEU B 764 -0.69 4.35 11.37
N MET B 765 0.31 4.57 10.53
CA MET B 765 0.12 5.31 9.31
C MET B 765 0.85 4.62 8.13
N PHE B 766 0.07 4.05 7.22
CA PHE B 766 0.60 3.54 5.95
C PHE B 766 0.67 4.59 4.81
N SER B 767 1.81 4.69 4.13
CA SER B 767 2.07 5.81 3.25
C SER B 767 2.70 5.35 1.94
N THR B 768 2.27 5.85 0.78
CA THR B 768 2.96 5.57 -0.49
C THR B 768 3.33 6.89 -1.13
N ARG B 769 4.60 7.10 -1.41
CA ARG B 769 5.01 8.31 -2.08
C ARG B 769 5.56 7.96 -3.46
N TRP B 770 5.10 8.72 -4.45
CA TRP B 770 5.56 8.66 -5.82
C TRP B 770 6.16 10.01 -6.19
N ASP B 771 7.47 10.04 -6.45
CA ASP B 771 8.11 11.26 -6.96
C ASP B 771 8.16 11.21 -8.46
N PHE B 772 7.76 12.29 -9.13
CA PHE B 772 7.98 12.32 -10.58
C PHE B 772 9.16 13.19 -10.89
N LYS C 2 -9.86 34.59 29.06
CA LYS C 2 -9.86 34.93 27.63
C LYS C 2 -11.04 35.83 27.26
N GLY C 3 -11.85 36.18 28.28
CA GLY C 3 -13.01 37.06 28.15
C GLY C 3 -14.29 36.48 27.54
N SER C 5 -17.56 34.49 27.21
CA SER C 5 -18.85 33.94 27.73
C SER C 5 -18.87 33.84 29.25
N GLY C 7 -16.71 32.45 31.65
CA GLY C 7 -15.55 32.44 32.54
C GLY C 7 -15.62 31.12 33.32
N LYS C 8 -16.82 30.68 33.64
CA LYS C 8 -17.00 29.50 34.48
C LYS C 8 -17.32 28.16 33.78
N SER C 10 -19.64 25.71 33.09
CA SER C 10 -21.00 25.58 33.67
C SER C 10 -21.04 25.98 35.13
#